data_2FDV
#
_entry.id   2FDV
#
_cell.length_a   69.927
_cell.length_b   157.430
_cell.length_c   103.897
_cell.angle_alpha   90.00
_cell.angle_beta   92.21
_cell.angle_gamma   90.00
#
_symmetry.space_group_name_H-M   'P 1 21 1'
#
loop_
_entity.id
_entity.type
_entity.pdbx_description
1 polymer 'Cytochrome P450 2A6'
2 non-polymer 'SULFATE ION'
3 non-polymer 'PROTOPORPHYRIN IX CONTAINING FE'
4 non-polymer N-METHYL(5-(PYRIDIN-3-YL)FURAN-2-YL)METHANAMINE
5 non-polymer 1,2-ETHANEDIOL
6 water water
#
_entity_poly.entity_id   1
_entity_poly.type   'polypeptide(L)'
_entity_poly.pdbx_seq_one_letter_code
;MAKKTSSKGKLPPGPTPLPFIGNYLQLNTEQMYNSLMKISERYGPVFTIHLGPRRVVVLCGHDAVREALVDQAEEFSGRG
EQATFDWVFKGYGVVFSNGERAKQLRRFSIATLRDFGVGKRGIEERIQEEAGFLIDALRGTGGANIDPTFFLSRTVSNVI
SSIVFGDRFDYKDKEFLSLLRMMLGIFQFTSTSTGQLYEMFSSVMKHLPGPQQQAFQLLQGLEDFIAKKVEHNQRTLDPN
SPRDFIDSFLIRMQEEEKNPNTEFYLKNLVMTTLNLFIGGTETVSTTLRYGFLLLMKHPEVEAKVHEEIDRVIGKNRQPK
FEDRAKMPYMEAVIHEIQRFGDVIPMSLARRVKKDTKFRDFFLPKGTEVYPMLGSVLRDPSFFSNPQDFNPQHFLNEKGQ
FKKSDAFVPFSIGKRNCFGEGLARMELFLFFTTVMQNFRLKSSQSPKDIDVSPKHVGFATIPRNYTMSFLPRHHHH
;
_entity_poly.pdbx_strand_id   A,B,C,D
#
# COMPACT_ATOMS: atom_id res chain seq x y z
N LYS A 8 -36.64 7.20 -5.66
CA LYS A 8 -35.30 7.77 -6.02
C LYS A 8 -34.55 7.00 -7.12
N GLY A 9 -34.46 5.67 -6.95
CA GLY A 9 -33.77 4.85 -7.93
C GLY A 9 -32.26 4.96 -7.85
N LYS A 10 -31.74 5.28 -6.68
CA LYS A 10 -30.30 5.36 -6.53
C LYS A 10 -29.81 4.44 -5.42
N LEU A 11 -28.52 4.16 -5.39
CA LEU A 11 -27.97 3.31 -4.36
C LEU A 11 -28.08 4.11 -3.08
N PRO A 12 -28.20 3.43 -1.93
CA PRO A 12 -28.30 4.11 -0.63
C PRO A 12 -27.16 5.08 -0.52
N PRO A 13 -27.36 6.22 0.18
CA PRO A 13 -26.28 7.19 0.30
C PRO A 13 -25.10 6.68 1.16
N GLY A 14 -23.93 7.29 0.98
CA GLY A 14 -22.78 6.92 1.77
C GLY A 14 -21.56 7.81 1.50
N PRO A 15 -20.47 7.66 2.27
CA PRO A 15 -19.29 8.50 2.02
C PRO A 15 -18.74 8.24 0.63
N THR A 16 -18.33 9.32 -0.04
CA THR A 16 -17.83 9.14 -1.40
C THR A 16 -16.57 8.28 -1.36
N PRO A 17 -16.49 7.26 -2.21
CA PRO A 17 -15.27 6.40 -2.19
C PRO A 17 -14.17 6.94 -3.06
N LEU A 18 -12.91 6.51 -2.79
CA LEU A 18 -11.77 6.85 -3.65
C LEU A 18 -11.47 5.56 -4.49
N PRO A 19 -10.82 5.75 -5.63
CA PRO A 19 -10.46 4.62 -6.54
C PRO A 19 -9.72 3.54 -5.78
N PHE A 20 -10.16 2.28 -5.98
CA PHE A 20 -9.62 1.06 -5.37
C PHE A 20 -9.69 0.95 -3.85
N ILE A 21 -9.22 1.97 -3.12
CA ILE A 21 -9.30 1.83 -1.67
C ILE A 21 -10.74 2.09 -1.13
N GLY A 22 -11.63 2.61 -1.95
CA GLY A 22 -13.02 2.71 -1.54
C GLY A 22 -13.09 3.68 -0.33
N ASN A 23 -13.74 3.26 0.75
CA ASN A 23 -13.92 4.09 1.97
C ASN A 23 -12.91 3.70 3.04
N TYR A 24 -11.81 3.03 2.64
CA TYR A 24 -10.83 2.66 3.59
C TYR A 24 -10.38 3.76 4.57
N LEU A 25 -10.20 4.99 4.04
CA LEU A 25 -9.67 6.04 4.92
C LEU A 25 -10.68 6.50 5.99
N GLN A 26 -11.91 6.04 5.86
CA GLN A 26 -12.97 6.40 6.86
C GLN A 26 -13.39 5.19 7.71
N LEU A 27 -12.56 4.17 7.68
CA LEU A 27 -12.82 2.94 8.46
C LEU A 27 -11.63 2.59 9.30
N ASN A 28 -11.78 1.85 10.42
CA ASN A 28 -10.66 1.39 11.23
C ASN A 28 -10.78 -0.14 11.09
N THR A 29 -9.83 -0.79 10.40
CA THR A 29 -9.94 -2.26 10.23
C THR A 29 -9.99 -3.04 11.55
N GLU A 30 -9.45 -2.48 12.64
CA GLU A 30 -9.50 -3.17 13.92
C GLU A 30 -10.90 -3.07 14.57
N GLN A 31 -11.71 -2.11 14.13
CA GLN A 31 -13.05 -1.90 14.68
C GLN A 31 -14.04 -1.64 13.56
N MET A 32 -14.25 -2.63 12.69
CA MET A 32 -15.20 -2.42 11.62
C MET A 32 -16.62 -2.08 12.00
N TYR A 33 -17.18 -2.81 12.96
CA TYR A 33 -18.55 -2.57 13.42
C TYR A 33 -18.69 -1.09 13.88
N ASN A 34 -17.83 -0.65 14.80
CA ASN A 34 -17.90 0.73 15.30
C ASN A 34 -17.74 1.77 14.17
N SER A 35 -16.83 1.47 13.23
CA SER A 35 -16.58 2.33 12.11
C SER A 35 -17.85 2.49 11.27
N LEU A 36 -18.53 1.37 10.97
CA LEU A 36 -19.73 1.36 10.17
C LEU A 36 -20.86 2.03 10.94
N MET A 37 -20.99 1.75 12.25
CA MET A 37 -22.08 2.39 13.03
C MET A 37 -21.84 3.91 13.10
N LYS A 38 -20.59 4.34 13.17
CA LYS A 38 -20.28 5.77 13.20
C LYS A 38 -20.81 6.41 11.93
N ILE A 39 -20.54 5.76 10.79
CA ILE A 39 -21.05 6.23 9.54
C ILE A 39 -22.56 6.21 9.46
N SER A 40 -23.20 5.18 10.01
CA SER A 40 -24.68 5.15 9.94
C SER A 40 -25.30 6.34 10.68
N GLU A 41 -24.58 6.92 11.62
CA GLU A 41 -25.15 8.07 12.35
C GLU A 41 -25.36 9.22 11.42
N ARG A 42 -24.45 9.34 10.45
CA ARG A 42 -24.55 10.42 9.52
C ARG A 42 -25.43 10.12 8.35
N TYR A 43 -25.41 8.89 7.86
CA TYR A 43 -26.19 8.56 6.68
C TYR A 43 -27.50 7.85 6.83
N GLY A 44 -27.78 7.25 7.98
CA GLY A 44 -29.03 6.52 8.08
C GLY A 44 -28.78 5.01 8.34
N PRO A 45 -29.82 4.23 8.66
CA PRO A 45 -29.63 2.78 8.95
C PRO A 45 -29.34 1.92 7.75
N VAL A 46 -29.53 2.45 6.55
CA VAL A 46 -29.30 1.72 5.29
C VAL A 46 -28.39 2.65 4.50
N PHE A 47 -27.13 2.22 4.29
CA PHE A 47 -26.17 3.06 3.60
C PHE A 47 -25.21 2.20 2.81
N THR A 48 -24.49 2.87 1.93
CA THR A 48 -23.53 2.13 1.02
C THR A 48 -22.15 2.40 1.49
N ILE A 49 -21.30 1.35 1.55
CA ILE A 49 -19.93 1.58 1.93
C ILE A 49 -19.11 0.82 0.88
N HIS A 50 -17.87 1.23 0.70
CA HIS A 50 -16.95 0.55 -0.27
C HIS A 50 -15.78 -0.04 0.50
N LEU A 51 -15.75 -1.38 0.61
CA LEU A 51 -14.69 -2.05 1.36
C LEU A 51 -13.68 -2.36 0.30
N GLY A 52 -12.75 -1.41 0.16
CA GLY A 52 -11.84 -1.46 -0.98
C GLY A 52 -12.78 -1.32 -2.15
N PRO A 53 -12.61 -2.16 -3.22
CA PRO A 53 -13.47 -2.09 -4.39
C PRO A 53 -14.87 -2.73 -4.20
N ARG A 54 -15.10 -3.44 -3.09
CA ARG A 54 -16.41 -4.07 -2.85
C ARG A 54 -17.49 -3.08 -2.46
N ARG A 55 -18.52 -2.94 -3.31
CA ARG A 55 -19.62 -2.00 -2.98
C ARG A 55 -20.61 -2.79 -2.13
N VAL A 56 -20.88 -2.28 -0.91
CA VAL A 56 -21.70 -3.03 0.02
C VAL A 56 -22.80 -2.16 0.63
N VAL A 57 -24.02 -2.69 0.63
CA VAL A 57 -25.11 -1.99 1.35
C VAL A 57 -25.20 -2.58 2.74
N VAL A 58 -25.05 -1.68 3.70
CA VAL A 58 -25.06 -2.04 5.11
C VAL A 58 -26.46 -1.82 5.69
N LEU A 59 -26.97 -2.80 6.40
CA LEU A 59 -28.34 -2.74 7.02
C LEU A 59 -28.19 -2.73 8.54
N CYS A 60 -28.66 -1.67 9.21
CA CYS A 60 -28.48 -1.53 10.65
C CYS A 60 -29.84 -1.52 11.33
N GLY A 61 -29.92 -2.20 12.48
CA GLY A 61 -31.17 -2.29 13.25
C GLY A 61 -32.14 -3.31 12.76
N HIS A 62 -33.02 -3.75 13.66
CA HIS A 62 -34.03 -4.71 13.34
C HIS A 62 -34.84 -4.53 12.07
N ASP A 63 -35.54 -3.39 11.98
CA ASP A 63 -36.41 -3.17 10.83
C ASP A 63 -35.72 -3.28 9.47
N ALA A 64 -34.55 -2.66 9.31
CA ALA A 64 -33.88 -2.72 8.00
C ALA A 64 -33.46 -4.19 7.72
N VAL A 65 -32.94 -4.87 8.74
CA VAL A 65 -32.50 -6.27 8.49
C VAL A 65 -33.66 -7.21 8.15
N ARG A 66 -34.73 -7.13 8.93
CA ARG A 66 -35.88 -7.99 8.64
C ARG A 66 -36.63 -7.62 7.35
N GLU A 67 -36.79 -6.34 7.07
CA GLU A 67 -37.45 -5.92 5.83
C GLU A 67 -36.71 -6.48 4.63
N ALA A 68 -35.37 -6.51 4.69
CA ALA A 68 -34.65 -7.04 3.55
C ALA A 68 -34.62 -8.56 3.54
N LEU A 69 -33.99 -9.14 4.58
CA LEU A 69 -33.82 -10.58 4.58
C LEU A 69 -35.05 -11.45 4.67
N VAL A 70 -36.12 -10.88 5.25
CA VAL A 70 -37.36 -11.67 5.31
C VAL A 70 -38.47 -11.07 4.36
N ASP A 71 -38.74 -9.75 4.43
CA ASP A 71 -39.82 -9.24 3.55
C ASP A 71 -39.45 -9.31 2.08
N GLN A 72 -38.15 -9.23 1.75
CA GLN A 72 -37.74 -9.48 0.36
C GLN A 72 -36.71 -10.63 0.39
N ALA A 73 -37.10 -11.72 1.04
CA ALA A 73 -36.22 -12.88 1.25
C ALA A 73 -35.57 -13.47 0.00
N GLU A 74 -36.31 -13.52 -1.12
CA GLU A 74 -35.70 -14.07 -2.32
C GLU A 74 -34.68 -13.10 -2.91
N GLU A 75 -35.02 -11.82 -2.92
CA GLU A 75 -34.19 -10.81 -3.52
C GLU A 75 -32.86 -10.70 -2.77
N PHE A 76 -32.91 -10.91 -1.47
CA PHE A 76 -31.66 -10.79 -0.67
C PHE A 76 -31.03 -12.13 -0.37
N SER A 77 -31.37 -13.16 -1.16
CA SER A 77 -30.91 -14.50 -0.86
C SER A 77 -29.59 -14.97 -1.46
N GLY A 78 -28.89 -14.05 -2.13
CA GLY A 78 -27.57 -14.43 -2.64
C GLY A 78 -26.57 -14.38 -1.50
N ARG A 79 -25.42 -15.04 -1.74
CA ARG A 79 -24.29 -15.09 -0.78
C ARG A 79 -23.19 -14.11 -1.27
N GLY A 80 -22.73 -13.24 -0.37
CA GLY A 80 -21.69 -12.29 -0.68
C GLY A 80 -20.32 -12.92 -0.34
N GLU A 81 -19.27 -12.12 -0.30
CA GLU A 81 -17.94 -12.65 -0.06
C GLU A 81 -17.53 -12.70 1.41
N GLN A 82 -16.61 -13.62 1.73
CA GLN A 82 -15.88 -13.56 3.00
C GLN A 82 -14.53 -13.96 2.39
N ALA A 83 -13.69 -12.94 2.14
CA ALA A 83 -12.47 -13.23 1.38
C ALA A 83 -11.53 -14.26 1.96
N THR A 84 -11.36 -14.25 3.28
CA THR A 84 -10.47 -15.22 3.88
C THR A 84 -11.00 -16.65 3.61
N PHE A 85 -12.29 -16.88 3.87
CA PHE A 85 -12.81 -18.25 3.60
C PHE A 85 -12.88 -18.55 2.14
N ASP A 86 -13.18 -17.53 1.34
CA ASP A 86 -13.26 -17.74 -0.14
C ASP A 86 -11.90 -18.22 -0.70
N TRP A 87 -10.82 -17.87 0.00
CA TRP A 87 -9.48 -18.29 -0.47
C TRP A 87 -9.41 -19.85 -0.65
N VAL A 88 -10.01 -20.60 0.27
CA VAL A 88 -10.01 -22.04 0.15
C VAL A 88 -11.26 -22.55 -0.54
N PHE A 89 -12.41 -21.94 -0.27
CA PHE A 89 -13.62 -22.46 -0.88
C PHE A 89 -13.81 -22.20 -2.33
N LYS A 90 -13.40 -21.01 -2.81
CA LYS A 90 -13.53 -20.70 -4.22
C LYS A 90 -14.90 -20.91 -4.82
N GLY A 91 -15.94 -20.62 -4.03
CA GLY A 91 -17.31 -20.74 -4.51
C GLY A 91 -17.90 -22.14 -4.42
N TYR A 92 -17.13 -23.09 -3.93
CA TYR A 92 -17.61 -24.45 -3.78
C TYR A 92 -18.11 -24.69 -2.34
N GLY A 93 -18.86 -25.77 -2.17
CA GLY A 93 -19.40 -26.09 -0.86
C GLY A 93 -20.76 -25.41 -0.69
N VAL A 94 -21.33 -25.57 0.49
CA VAL A 94 -22.71 -25.14 0.77
C VAL A 94 -22.84 -23.74 1.38
N VAL A 95 -21.81 -23.26 2.03
CA VAL A 95 -21.91 -21.94 2.67
C VAL A 95 -21.53 -20.77 1.78
N PHE A 96 -20.29 -20.84 1.25
CA PHE A 96 -19.74 -19.73 0.47
C PHE A 96 -19.90 -19.94 -1.00
N SER A 97 -21.13 -20.23 -1.36
CA SER A 97 -21.53 -20.54 -2.73
C SER A 97 -22.86 -19.90 -3.07
N ASN A 98 -23.22 -19.99 -4.35
CA ASN A 98 -24.44 -19.36 -4.85
C ASN A 98 -25.20 -20.25 -5.83
N GLY A 99 -26.36 -19.75 -6.23
CA GLY A 99 -27.19 -20.37 -7.26
C GLY A 99 -27.58 -21.82 -7.10
N GLU A 100 -27.63 -22.53 -8.23
CA GLU A 100 -28.02 -23.95 -8.18
C GLU A 100 -27.12 -24.81 -7.28
N ARG A 101 -25.82 -24.49 -7.25
CA ARG A 101 -24.89 -25.22 -6.39
C ARG A 101 -25.31 -25.11 -4.91
N ALA A 102 -25.48 -23.87 -4.45
CA ALA A 102 -25.89 -23.68 -3.04
C ALA A 102 -27.22 -24.35 -2.76
N LYS A 103 -28.15 -24.22 -3.69
CA LYS A 103 -29.46 -24.82 -3.57
C LYS A 103 -29.45 -26.34 -3.42
N GLN A 104 -28.73 -27.02 -4.32
CA GLN A 104 -28.63 -28.47 -4.28
C GLN A 104 -27.91 -28.91 -2.99
N LEU A 105 -26.78 -28.27 -2.68
CA LEU A 105 -26.02 -28.68 -1.52
C LEU A 105 -26.77 -28.41 -0.20
N ARG A 106 -27.55 -27.34 -0.16
CA ARG A 106 -28.25 -27.06 1.12
C ARG A 106 -29.37 -28.10 1.30
N ARG A 107 -30.10 -28.35 0.22
CA ARG A 107 -31.19 -29.35 0.33
C ARG A 107 -30.63 -30.69 0.78
N PHE A 108 -29.55 -31.14 0.14
CA PHE A 108 -28.95 -32.39 0.51
C PHE A 108 -28.37 -32.39 1.93
N SER A 109 -27.72 -31.28 2.32
CA SER A 109 -27.13 -31.24 3.64
C SER A 109 -28.18 -31.29 4.79
N ILE A 110 -29.23 -30.51 4.62
CA ILE A 110 -30.29 -30.51 5.63
C ILE A 110 -30.93 -31.92 5.74
N ALA A 111 -31.25 -32.51 4.59
CA ALA A 111 -31.85 -33.85 4.63
C ALA A 111 -30.92 -34.89 5.26
N THR A 112 -29.64 -34.86 4.88
CA THR A 112 -28.70 -35.81 5.40
C THR A 112 -28.44 -35.59 6.89
N LEU A 113 -28.36 -34.34 7.35
CA LEU A 113 -28.18 -34.08 8.78
C LEU A 113 -29.37 -34.71 9.55
N ARG A 114 -30.59 -34.53 9.04
CA ARG A 114 -31.75 -35.14 9.71
C ARG A 114 -31.67 -36.66 9.69
N ASP A 115 -31.19 -37.22 8.59
CA ASP A 115 -31.09 -38.69 8.51
C ASP A 115 -30.17 -39.20 9.56
N PHE A 116 -29.15 -38.39 9.88
CA PHE A 116 -28.23 -38.80 10.91
C PHE A 116 -28.64 -38.38 12.32
N GLY A 117 -29.92 -38.03 12.47
CA GLY A 117 -30.40 -37.74 13.82
C GLY A 117 -30.60 -36.31 14.23
N VAL A 118 -30.14 -35.34 13.43
CA VAL A 118 -30.32 -33.94 13.90
C VAL A 118 -31.82 -33.63 14.03
N GLY A 119 -32.17 -32.97 15.14
CA GLY A 119 -33.57 -32.64 15.40
C GLY A 119 -34.31 -33.84 15.98
N LYS A 120 -33.62 -34.95 16.21
CA LYS A 120 -34.23 -36.18 16.73
C LYS A 120 -33.52 -36.76 17.98
N ARG A 121 -34.11 -37.79 18.56
CA ARG A 121 -33.55 -38.43 19.71
C ARG A 121 -32.11 -38.93 19.46
N GLY A 122 -31.80 -39.33 18.23
CA GLY A 122 -30.49 -39.87 17.94
C GLY A 122 -29.40 -38.85 18.24
N ILE A 123 -29.55 -37.62 17.74
CA ILE A 123 -28.47 -36.67 18.05
C ILE A 123 -28.60 -36.17 19.49
N GLU A 124 -29.83 -36.18 20.04
CA GLU A 124 -29.89 -35.77 21.45
C GLU A 124 -29.08 -36.75 22.30
N GLU A 125 -29.13 -38.06 22.04
CA GLU A 125 -28.34 -39.02 22.80
C GLU A 125 -26.85 -38.85 22.60
N ARG A 126 -26.48 -38.52 21.38
CA ARG A 126 -25.08 -38.29 21.03
C ARG A 126 -24.60 -37.08 21.88
N ILE A 127 -25.39 -36.01 21.93
CA ILE A 127 -24.96 -34.84 22.69
C ILE A 127 -24.91 -35.13 24.18
N GLN A 128 -25.88 -35.89 24.68
CA GLN A 128 -25.84 -36.23 26.09
C GLN A 128 -24.60 -37.05 26.45
N GLU A 129 -24.25 -37.98 25.55
CA GLU A 129 -23.10 -38.81 25.79
C GLU A 129 -21.81 -37.96 25.80
N GLU A 130 -21.72 -37.02 24.85
CA GLU A 130 -20.54 -36.18 24.78
C GLU A 130 -20.52 -35.22 25.95
N ALA A 131 -21.69 -34.78 26.38
CA ALA A 131 -21.70 -33.92 27.55
C ALA A 131 -21.16 -34.68 28.78
N GLY A 132 -21.48 -35.95 28.90
CA GLY A 132 -20.97 -36.77 30.01
C GLY A 132 -19.44 -36.83 29.93
N PHE A 133 -18.92 -36.94 28.72
CA PHE A 133 -17.43 -36.99 28.54
C PHE A 133 -16.81 -35.64 28.92
N LEU A 134 -17.54 -34.53 28.68
CA LEU A 134 -17.03 -33.22 29.08
C LEU A 134 -17.03 -33.18 30.64
N ILE A 135 -18.11 -33.68 31.29
CA ILE A 135 -18.12 -33.65 32.76
C ILE A 135 -16.94 -34.45 33.34
N ASP A 136 -16.69 -35.58 32.73
CA ASP A 136 -15.55 -36.42 33.18
C ASP A 136 -14.26 -35.58 33.03
N ALA A 137 -14.09 -34.92 31.88
CA ALA A 137 -12.87 -34.12 31.64
C ALA A 137 -12.74 -33.00 32.63
N LEU A 138 -13.87 -32.32 32.91
CA LEU A 138 -13.81 -31.23 33.90
C LEU A 138 -13.55 -31.78 35.31
N ARG A 139 -14.12 -32.92 35.64
CA ARG A 139 -13.80 -33.53 36.95
C ARG A 139 -12.30 -33.90 36.97
N GLY A 140 -11.78 -34.32 35.83
CA GLY A 140 -10.36 -34.67 35.72
C GLY A 140 -9.41 -33.54 36.08
N THR A 141 -9.85 -32.29 35.97
CA THR A 141 -8.99 -31.16 36.35
C THR A 141 -8.82 -31.03 37.88
N GLY A 142 -9.62 -31.72 38.68
CA GLY A 142 -9.56 -31.61 40.15
C GLY A 142 -9.90 -30.24 40.73
N GLY A 143 -10.67 -29.42 40.02
CA GLY A 143 -10.96 -28.12 40.57
C GLY A 143 -9.85 -27.13 40.25
N ALA A 144 -8.85 -27.54 39.51
CA ALA A 144 -7.72 -26.68 39.16
C ALA A 144 -8.09 -25.58 38.20
N ASN A 145 -7.40 -24.43 38.33
CA ASN A 145 -7.65 -23.37 37.37
C ASN A 145 -7.16 -23.81 36.00
N ILE A 146 -8.02 -23.73 34.96
CA ILE A 146 -7.60 -24.17 33.65
C ILE A 146 -8.18 -23.20 32.58
N ASP A 147 -7.65 -23.26 31.37
CA ASP A 147 -8.15 -22.50 30.21
C ASP A 147 -9.22 -23.50 29.68
N PRO A 148 -10.48 -23.11 29.67
CA PRO A 148 -11.55 -24.01 29.21
C PRO A 148 -11.65 -24.16 27.70
N THR A 149 -10.87 -23.38 26.96
CA THR A 149 -11.03 -23.34 25.51
C THR A 149 -11.14 -24.64 24.81
N PHE A 150 -10.13 -25.47 24.92
CA PHE A 150 -10.18 -26.74 24.22
C PHE A 150 -10.95 -27.85 24.87
N PHE A 151 -11.29 -27.71 26.15
CA PHE A 151 -12.15 -28.67 26.78
C PHE A 151 -13.52 -28.52 26.10
N LEU A 152 -13.92 -27.29 25.92
CA LEU A 152 -15.24 -27.01 25.30
C LEU A 152 -15.21 -27.31 23.82
N SER A 153 -14.14 -26.91 23.09
CA SER A 153 -14.23 -27.19 21.68
C SER A 153 -14.13 -28.68 21.31
N ARG A 154 -13.36 -29.45 22.08
CA ARG A 154 -13.26 -30.88 21.79
C ARG A 154 -14.71 -31.51 21.90
N THR A 155 -15.41 -31.13 22.96
CA THR A 155 -16.75 -31.69 23.19
C THR A 155 -17.72 -31.27 22.07
N VAL A 156 -17.74 -29.99 21.74
CA VAL A 156 -18.63 -29.51 20.68
C VAL A 156 -18.31 -30.18 19.37
N SER A 157 -17.02 -30.17 19.03
CA SER A 157 -16.63 -30.70 17.74
C SER A 157 -16.99 -32.19 17.57
N ASN A 158 -16.92 -32.94 18.67
CA ASN A 158 -17.23 -34.38 18.58
C ASN A 158 -18.67 -34.64 18.17
N VAL A 159 -19.59 -33.71 18.42
CA VAL A 159 -20.94 -33.94 17.95
C VAL A 159 -21.02 -33.95 16.40
N ILE A 160 -20.62 -32.85 15.75
CA ILE A 160 -20.69 -32.81 14.32
C ILE A 160 -19.72 -33.85 13.68
N SER A 161 -18.60 -34.08 14.33
CA SER A 161 -17.62 -35.06 13.83
C SER A 161 -18.26 -36.44 13.80
N SER A 162 -19.03 -36.79 14.82
CA SER A 162 -19.70 -38.12 14.78
C SER A 162 -20.65 -38.21 13.55
N ILE A 163 -21.30 -37.11 13.14
CA ILE A 163 -22.18 -37.13 12.00
C ILE A 163 -21.44 -37.14 10.67
N VAL A 164 -20.41 -36.32 10.55
CA VAL A 164 -19.73 -36.27 9.27
C VAL A 164 -18.65 -37.36 9.06
N PHE A 165 -18.00 -37.81 10.14
CA PHE A 165 -16.92 -38.84 10.05
C PHE A 165 -17.28 -40.17 10.57
N GLY A 166 -18.45 -40.27 11.19
CA GLY A 166 -18.90 -41.59 11.68
C GLY A 166 -18.54 -41.99 13.09
N ASP A 167 -17.61 -41.26 13.71
CA ASP A 167 -17.24 -41.58 15.07
C ASP A 167 -16.56 -40.37 15.68
N ARG A 168 -16.42 -40.36 16.99
CA ARG A 168 -15.78 -39.20 17.64
C ARG A 168 -14.29 -39.34 17.71
N PHE A 169 -13.65 -38.22 17.98
CA PHE A 169 -12.19 -38.20 18.18
C PHE A 169 -11.94 -38.46 19.66
N ASP A 170 -10.82 -39.14 19.95
CA ASP A 170 -10.40 -39.33 21.35
C ASP A 170 -9.90 -37.94 21.85
N TYR A 171 -10.17 -37.56 23.08
CA TYR A 171 -9.74 -36.25 23.59
C TYR A 171 -8.20 -36.11 23.66
N LYS A 172 -7.51 -37.26 23.72
CA LYS A 172 -6.05 -37.25 23.77
C LYS A 172 -5.41 -37.22 22.39
N ASP A 173 -6.21 -37.24 21.33
CA ASP A 173 -5.70 -37.27 19.96
C ASP A 173 -5.05 -35.93 19.61
N LYS A 174 -3.73 -35.96 19.42
CA LYS A 174 -2.98 -34.76 19.10
C LYS A 174 -3.39 -34.04 17.84
N GLU A 175 -3.75 -34.82 16.81
CA GLU A 175 -4.15 -34.25 15.53
C GLU A 175 -5.51 -33.54 15.70
N PHE A 176 -6.36 -34.11 16.55
CA PHE A 176 -7.68 -33.48 16.82
C PHE A 176 -7.40 -32.08 17.43
N LEU A 177 -6.54 -32.00 18.43
CA LEU A 177 -6.16 -30.70 19.02
C LEU A 177 -5.60 -29.77 17.95
N SER A 178 -4.77 -30.32 17.06
CA SER A 178 -4.24 -29.51 15.99
C SER A 178 -5.34 -28.85 15.12
N LEU A 179 -6.36 -29.64 14.75
CA LEU A 179 -7.43 -29.17 13.90
C LEU A 179 -8.18 -28.07 14.65
N LEU A 180 -8.35 -28.29 15.96
CA LEU A 180 -9.13 -27.31 16.77
C LEU A 180 -8.34 -26.02 16.82
N ARG A 181 -7.01 -26.13 16.87
CA ARG A 181 -6.19 -24.91 16.89
C ARG A 181 -6.29 -24.22 15.55
N MET A 182 -6.42 -24.97 14.44
CA MET A 182 -6.54 -24.32 13.16
C MET A 182 -7.86 -23.51 13.13
N MET A 183 -8.94 -24.10 13.60
CA MET A 183 -10.23 -23.38 13.59
C MET A 183 -10.21 -22.13 14.45
N LEU A 184 -9.66 -22.23 15.64
CA LEU A 184 -9.57 -21.08 16.54
C LEU A 184 -8.73 -20.02 15.86
N GLY A 185 -7.62 -20.43 15.27
CA GLY A 185 -6.77 -19.46 14.61
C GLY A 185 -7.38 -18.71 13.42
N ILE A 186 -8.20 -19.41 12.66
CA ILE A 186 -8.77 -18.77 11.50
C ILE A 186 -9.87 -17.81 11.94
N PHE A 187 -10.66 -18.21 12.95
CA PHE A 187 -11.70 -17.28 13.43
C PHE A 187 -11.01 -16.05 14.06
N GLN A 188 -9.90 -16.25 14.79
CA GLN A 188 -9.24 -15.08 15.33
C GLN A 188 -8.73 -14.17 14.20
N PHE A 189 -8.06 -14.77 13.22
CA PHE A 189 -7.54 -13.96 12.13
C PHE A 189 -8.61 -13.09 11.46
N THR A 190 -9.78 -13.66 11.17
CA THR A 190 -10.82 -12.88 10.48
C THR A 190 -11.43 -11.79 11.35
N SER A 191 -11.09 -11.84 12.62
CA SER A 191 -11.62 -10.86 13.60
C SER A 191 -10.61 -9.80 13.98
N THR A 192 -9.41 -9.85 13.40
CA THR A 192 -8.35 -8.88 13.66
C THR A 192 -8.35 -7.79 12.60
N SER A 193 -7.53 -6.77 12.82
CA SER A 193 -7.39 -5.71 11.82
C SER A 193 -6.86 -6.24 10.47
N THR A 194 -5.88 -7.11 10.48
CA THR A 194 -5.33 -7.62 9.20
C THR A 194 -6.42 -8.44 8.50
N GLY A 195 -7.21 -9.16 9.27
CA GLY A 195 -8.29 -9.94 8.64
C GLY A 195 -9.34 -9.06 7.98
N GLN A 196 -9.66 -7.90 8.59
CA GLN A 196 -10.66 -7.03 7.98
C GLN A 196 -10.07 -6.20 6.83
N LEU A 197 -8.76 -5.99 6.89
CA LEU A 197 -8.03 -5.28 5.81
C LEU A 197 -8.05 -6.24 4.59
N TYR A 198 -7.92 -7.53 4.91
CA TYR A 198 -7.93 -8.55 3.87
C TYR A 198 -9.27 -8.56 3.15
N GLU A 199 -10.35 -8.31 3.88
CA GLU A 199 -11.64 -8.25 3.19
C GLU A 199 -11.72 -7.15 2.13
N MET A 200 -10.96 -6.06 2.31
CA MET A 200 -10.92 -5.01 1.33
C MET A 200 -9.88 -5.24 0.22
N PHE A 201 -8.72 -5.75 0.59
CA PHE A 201 -7.57 -5.79 -0.33
C PHE A 201 -7.02 -7.15 -0.68
N SER A 202 -7.90 -8.15 -0.60
CA SER A 202 -7.46 -9.53 -0.84
C SER A 202 -6.82 -9.69 -2.24
N SER A 203 -7.25 -8.89 -3.21
CA SER A 203 -6.71 -8.98 -4.60
C SER A 203 -5.19 -8.83 -4.55
N VAL A 204 -4.69 -8.01 -3.63
CA VAL A 204 -3.26 -7.83 -3.51
C VAL A 204 -2.68 -8.71 -2.41
N MET A 205 -3.31 -8.65 -1.24
CA MET A 205 -2.84 -9.35 -0.06
C MET A 205 -2.71 -10.88 -0.17
N LYS A 206 -3.55 -11.50 -0.98
CA LYS A 206 -3.45 -12.98 -1.08
C LYS A 206 -2.08 -13.35 -1.65
N HIS A 207 -1.44 -12.38 -2.27
CA HIS A 207 -0.12 -12.66 -2.89
C HIS A 207 1.06 -12.15 -2.08
N LEU A 208 0.77 -11.48 -0.97
CA LEU A 208 1.84 -10.93 -0.11
C LEU A 208 2.12 -11.69 1.15
N PRO A 209 3.35 -11.58 1.68
CA PRO A 209 3.65 -12.28 2.94
C PRO A 209 2.85 -11.55 4.06
N GLY A 210 2.61 -12.25 5.16
CA GLY A 210 1.91 -11.62 6.28
C GLY A 210 1.04 -12.66 6.96
N PRO A 211 0.31 -12.28 8.01
CA PRO A 211 -0.59 -13.13 8.81
C PRO A 211 -1.62 -13.85 7.93
N GLN A 212 -2.02 -13.20 6.86
CA GLN A 212 -2.99 -13.85 5.99
C GLN A 212 -2.43 -15.14 5.43
N GLN A 213 -1.09 -15.28 5.18
CA GLN A 213 -0.60 -16.58 4.63
C GLN A 213 -0.70 -17.68 5.68
N GLN A 214 -0.50 -17.32 6.94
CA GLN A 214 -0.59 -18.27 8.05
C GLN A 214 -2.07 -18.74 8.14
N ALA A 215 -3.01 -17.81 7.94
CA ALA A 215 -4.43 -18.19 7.99
C ALA A 215 -4.76 -19.13 6.88
N PHE A 216 -4.19 -18.84 5.69
CA PHE A 216 -4.42 -19.71 4.54
C PHE A 216 -3.86 -21.12 4.84
N GLN A 217 -2.71 -21.19 5.52
CA GLN A 217 -2.19 -22.52 5.79
C GLN A 217 -3.07 -23.28 6.80
N LEU A 218 -3.70 -22.56 7.74
CA LEU A 218 -4.62 -23.26 8.67
C LEU A 218 -5.83 -23.80 7.85
N LEU A 219 -6.38 -23.00 6.93
CA LEU A 219 -7.47 -23.51 6.07
C LEU A 219 -7.00 -24.70 5.25
N GLN A 220 -5.78 -24.64 4.73
CA GLN A 220 -5.30 -25.80 3.94
C GLN A 220 -5.17 -27.07 4.80
N GLY A 221 -4.74 -26.89 6.05
CA GLY A 221 -4.55 -28.00 7.00
C GLY A 221 -5.90 -28.69 7.22
N LEU A 222 -6.94 -27.85 7.33
CA LEU A 222 -8.29 -28.38 7.53
C LEU A 222 -8.80 -29.09 6.29
N GLU A 223 -8.62 -28.49 5.12
CA GLU A 223 -9.06 -29.09 3.89
C GLU A 223 -8.34 -30.43 3.69
N ASP A 224 -7.04 -30.45 3.92
CA ASP A 224 -6.27 -31.68 3.73
C ASP A 224 -6.75 -32.80 4.65
N PHE A 225 -7.11 -32.45 5.89
CA PHE A 225 -7.65 -33.45 6.81
C PHE A 225 -8.96 -34.01 6.27
N ILE A 226 -9.86 -33.15 5.77
CA ILE A 226 -11.10 -33.65 5.20
C ILE A 226 -10.84 -34.51 3.95
N ALA A 227 -9.92 -34.07 3.10
CA ALA A 227 -9.62 -34.85 1.86
C ALA A 227 -9.12 -36.25 2.26
N LYS A 228 -8.31 -36.31 3.31
CA LYS A 228 -7.77 -37.60 3.78
C LYS A 228 -8.96 -38.44 4.27
N LYS A 229 -9.89 -37.84 5.04
CA LYS A 229 -11.01 -38.66 5.52
C LYS A 229 -11.89 -39.15 4.37
N VAL A 230 -12.09 -38.33 3.36
CA VAL A 230 -12.98 -38.70 2.28
C VAL A 230 -12.38 -39.90 1.51
N GLU A 231 -11.06 -39.88 1.37
CA GLU A 231 -10.33 -40.92 0.64
C GLU A 231 -10.49 -42.25 1.35
N HIS A 232 -10.29 -42.22 2.67
CA HIS A 232 -10.45 -43.41 3.50
C HIS A 232 -11.85 -43.94 3.32
N ASN A 233 -12.85 -43.06 3.42
CA ASN A 233 -14.22 -43.51 3.25
C ASN A 233 -14.47 -44.11 1.86
N GLN A 234 -13.92 -43.51 0.79
CA GLN A 234 -14.12 -44.01 -0.57
C GLN A 234 -13.62 -45.42 -0.76
N ARG A 235 -12.45 -45.72 -0.21
CA ARG A 235 -11.95 -47.09 -0.43
C ARG A 235 -12.52 -48.13 0.54
N THR A 236 -13.52 -47.75 1.32
CA THR A 236 -14.11 -48.66 2.30
C THR A 236 -15.62 -48.56 2.26
N LEU A 237 -16.12 -47.81 1.28
CA LEU A 237 -17.57 -47.55 1.13
C LEU A 237 -18.52 -48.72 0.86
N ASP A 238 -19.61 -48.78 1.61
CA ASP A 238 -20.64 -49.77 1.34
C ASP A 238 -21.84 -48.92 0.89
N PRO A 239 -22.09 -48.88 -0.43
CA PRO A 239 -23.20 -48.08 -0.97
C PRO A 239 -24.58 -48.39 -0.43
N ASN A 240 -24.74 -49.53 0.23
CA ASN A 240 -26.05 -49.88 0.77
C ASN A 240 -26.11 -49.62 2.25
N SER A 241 -24.99 -49.18 2.85
CA SER A 241 -24.95 -48.90 4.27
C SER A 241 -24.00 -47.73 4.61
N PRO A 242 -24.43 -46.49 4.33
CA PRO A 242 -23.59 -45.30 4.61
C PRO A 242 -23.33 -45.10 6.12
N ARG A 243 -22.08 -44.81 6.46
CA ARG A 243 -21.67 -44.63 7.85
C ARG A 243 -21.83 -43.23 8.44
N ASP A 244 -21.84 -42.27 7.53
CA ASP A 244 -21.79 -40.88 7.91
C ASP A 244 -22.15 -39.99 6.71
N PHE A 245 -22.07 -38.66 6.91
CA PHE A 245 -22.39 -37.71 5.88
C PHE A 245 -21.58 -37.92 4.59
N ILE A 246 -20.28 -38.19 4.79
CA ILE A 246 -19.35 -38.37 3.70
C ILE A 246 -19.82 -39.54 2.81
N ASP A 247 -20.17 -40.65 3.44
CA ASP A 247 -20.63 -41.82 2.67
C ASP A 247 -21.94 -41.50 1.93
N SER A 248 -22.87 -40.79 2.57
CA SER A 248 -24.09 -40.43 1.92
C SER A 248 -23.84 -39.61 0.68
N PHE A 249 -22.92 -38.64 0.78
CA PHE A 249 -22.59 -37.77 -0.34
C PHE A 249 -21.89 -38.62 -1.44
N LEU A 250 -20.98 -39.50 -1.06
CA LEU A 250 -20.30 -40.35 -2.04
C LEU A 250 -21.31 -41.19 -2.80
N ILE A 251 -22.36 -41.64 -2.12
CA ILE A 251 -23.40 -42.42 -2.80
C ILE A 251 -24.16 -41.55 -3.81
N ARG A 252 -24.56 -40.33 -3.41
CA ARG A 252 -25.22 -39.49 -4.35
C ARG A 252 -24.25 -39.22 -5.52
N MET A 253 -22.95 -39.07 -5.24
CA MET A 253 -22.02 -38.81 -6.35
C MET A 253 -22.03 -40.01 -7.34
N GLN A 254 -22.10 -41.23 -6.81
CA GLN A 254 -22.14 -42.39 -7.71
C GLN A 254 -23.44 -42.34 -8.52
N GLU A 255 -24.58 -42.06 -7.87
CA GLU A 255 -25.82 -41.99 -8.64
C GLU A 255 -25.85 -40.90 -9.68
N GLU A 256 -25.04 -39.84 -9.51
CA GLU A 256 -25.04 -38.69 -10.42
C GLU A 256 -23.91 -38.73 -11.42
N GLU A 257 -23.16 -39.82 -11.41
CA GLU A 257 -22.02 -39.93 -12.29
C GLU A 257 -22.33 -39.71 -13.78
N LYS A 258 -23.58 -39.93 -14.18
CA LYS A 258 -23.98 -39.76 -15.60
C LYS A 258 -24.69 -38.41 -15.86
N ASN A 259 -24.60 -37.50 -14.88
CA ASN A 259 -25.18 -36.18 -15.08
C ASN A 259 -24.00 -35.20 -15.16
N PRO A 260 -23.71 -34.67 -16.37
CA PRO A 260 -22.59 -33.73 -16.61
C PRO A 260 -22.67 -32.40 -15.85
N ASN A 261 -23.89 -32.07 -15.44
CA ASN A 261 -24.16 -30.82 -14.76
C ASN A 261 -24.48 -30.99 -13.28
N THR A 262 -24.16 -32.14 -12.72
CA THR A 262 -24.47 -32.37 -11.30
C THR A 262 -23.58 -31.48 -10.42
N GLU A 263 -24.08 -31.18 -9.21
CA GLU A 263 -23.28 -30.44 -8.19
C GLU A 263 -22.64 -31.46 -7.25
N PHE A 264 -23.01 -32.75 -7.42
CA PHE A 264 -22.45 -33.82 -6.60
C PHE A 264 -21.20 -34.46 -7.15
N TYR A 265 -20.07 -33.85 -6.78
CA TYR A 265 -18.74 -34.29 -7.20
C TYR A 265 -17.78 -33.99 -6.07
N LEU A 266 -16.58 -34.51 -6.17
CA LEU A 266 -15.66 -34.48 -5.08
C LEU A 266 -15.38 -33.11 -4.46
N LYS A 267 -15.18 -32.09 -5.29
CA LYS A 267 -14.77 -30.82 -4.66
C LYS A 267 -15.89 -30.32 -3.76
N ASN A 268 -17.15 -30.50 -4.20
CA ASN A 268 -18.28 -30.03 -3.36
C ASN A 268 -18.42 -30.93 -2.14
N LEU A 269 -18.05 -32.21 -2.28
CA LEU A 269 -18.10 -33.05 -1.09
C LEU A 269 -17.07 -32.57 -0.02
N VAL A 270 -15.84 -32.32 -0.47
CA VAL A 270 -14.82 -31.94 0.46
C VAL A 270 -15.18 -30.58 1.12
N MET A 271 -15.61 -29.62 0.29
CA MET A 271 -15.92 -28.26 0.79
C MET A 271 -17.17 -28.27 1.65
N THR A 272 -18.20 -29.04 1.27
CA THR A 272 -19.41 -29.07 2.14
C THR A 272 -19.08 -29.72 3.51
N THR A 273 -18.29 -30.82 3.53
CA THR A 273 -17.92 -31.46 4.77
C THR A 273 -17.08 -30.51 5.62
N LEU A 274 -16.18 -29.79 4.95
CA LEU A 274 -15.30 -28.83 5.66
C LEU A 274 -16.23 -27.74 6.30
N ASN A 275 -17.24 -27.31 5.56
CA ASN A 275 -18.14 -26.27 6.09
C ASN A 275 -18.83 -26.77 7.39
N LEU A 276 -19.32 -27.99 7.32
CA LEU A 276 -20.04 -28.50 8.52
C LEU A 276 -19.09 -28.76 9.67
N PHE A 277 -17.89 -29.27 9.40
CA PHE A 277 -16.94 -29.53 10.47
C PHE A 277 -16.50 -28.19 11.12
N ILE A 278 -16.16 -27.17 10.31
CA ILE A 278 -15.73 -25.91 10.95
C ILE A 278 -16.96 -25.19 11.54
N GLY A 279 -17.98 -25.08 10.72
CA GLY A 279 -19.24 -24.40 11.12
C GLY A 279 -19.87 -25.01 12.34
N GLY A 280 -19.89 -26.34 12.40
CA GLY A 280 -20.45 -27.03 13.53
C GLY A 280 -19.62 -27.03 14.77
N THR A 281 -18.36 -26.57 14.68
CA THR A 281 -17.54 -26.53 15.85
C THR A 281 -17.33 -25.14 16.49
N GLU A 282 -16.88 -24.19 15.67
CA GLU A 282 -16.32 -22.98 16.27
C GLU A 282 -17.30 -22.01 16.89
N THR A 283 -18.47 -21.86 16.24
CA THR A 283 -19.37 -20.85 16.80
C THR A 283 -20.01 -21.32 18.08
N VAL A 284 -20.40 -22.60 18.19
CA VAL A 284 -20.96 -23.06 19.46
C VAL A 284 -19.89 -23.00 20.53
N SER A 285 -18.67 -23.39 20.17
CA SER A 285 -17.59 -23.37 21.14
C SER A 285 -17.33 -21.96 21.68
N THR A 286 -17.33 -20.98 20.77
CA THR A 286 -17.06 -19.60 21.18
C THR A 286 -18.20 -19.17 22.11
N THR A 287 -19.41 -19.55 21.74
CA THR A 287 -20.56 -19.13 22.57
C THR A 287 -20.50 -19.70 24.01
N LEU A 288 -20.11 -20.96 24.13
CA LEU A 288 -20.00 -21.57 25.44
C LEU A 288 -18.94 -20.84 26.24
N ARG A 289 -17.77 -20.65 25.59
CA ARG A 289 -16.67 -19.96 26.28
C ARG A 289 -17.08 -18.56 26.76
N TYR A 290 -17.75 -17.81 25.88
CA TYR A 290 -18.22 -16.47 26.31
C TYR A 290 -19.28 -16.61 27.44
N GLY A 291 -20.20 -17.60 27.32
CA GLY A 291 -21.26 -17.82 28.34
C GLY A 291 -20.70 -18.06 29.75
N PHE A 292 -19.68 -18.93 29.88
CA PHE A 292 -19.16 -19.16 31.23
C PHE A 292 -18.50 -17.89 31.84
N LEU A 293 -17.89 -17.09 30.98
CA LEU A 293 -17.24 -15.89 31.43
C LEU A 293 -18.31 -14.89 31.93
N LEU A 294 -19.42 -14.80 31.19
CA LEU A 294 -20.51 -13.93 31.61
C LEU A 294 -21.15 -14.45 32.92
N LEU A 295 -21.26 -15.78 33.07
CA LEU A 295 -21.86 -16.32 34.28
C LEU A 295 -20.98 -16.01 35.51
N MET A 296 -19.65 -15.99 35.31
CA MET A 296 -18.71 -15.67 36.42
C MET A 296 -18.78 -14.20 36.72
N LYS A 297 -19.06 -13.37 35.72
CA LYS A 297 -19.20 -11.91 35.93
C LYS A 297 -20.55 -11.66 36.67
N HIS A 298 -21.52 -12.54 36.50
CA HIS A 298 -22.83 -12.37 37.08
C HIS A 298 -23.26 -13.52 37.97
N PRO A 299 -22.65 -13.64 39.15
CA PRO A 299 -23.01 -14.74 40.08
C PRO A 299 -24.46 -14.89 40.47
N GLU A 300 -25.22 -13.77 40.49
CA GLU A 300 -26.63 -13.88 40.81
C GLU A 300 -27.36 -14.68 39.75
N VAL A 301 -26.90 -14.58 38.50
CA VAL A 301 -27.54 -15.31 37.40
C VAL A 301 -27.15 -16.81 37.56
N GLU A 302 -25.88 -17.07 37.88
CA GLU A 302 -25.49 -18.49 38.06
C GLU A 302 -26.32 -19.10 39.21
N ALA A 303 -26.55 -18.32 40.25
CA ALA A 303 -27.36 -18.81 41.37
C ALA A 303 -28.78 -19.16 40.94
N LYS A 304 -29.41 -18.31 40.11
CA LYS A 304 -30.77 -18.62 39.71
C LYS A 304 -30.81 -19.79 38.78
N VAL A 305 -29.75 -19.93 37.98
CA VAL A 305 -29.66 -21.08 37.07
C VAL A 305 -29.63 -22.36 37.93
N HIS A 306 -28.75 -22.40 38.93
CA HIS A 306 -28.67 -23.54 39.83
C HIS A 306 -30.01 -23.88 40.53
N GLU A 307 -30.76 -22.85 40.98
CA GLU A 307 -32.07 -23.13 41.63
C GLU A 307 -32.98 -23.84 40.68
N GLU A 308 -33.03 -23.38 39.41
CA GLU A 308 -33.94 -23.99 38.46
C GLU A 308 -33.49 -25.39 38.08
N ILE A 309 -32.19 -25.57 37.88
CA ILE A 309 -31.73 -26.89 37.53
C ILE A 309 -32.03 -27.87 38.68
N ASP A 310 -31.68 -27.46 39.88
CA ASP A 310 -31.92 -28.34 41.03
C ASP A 310 -33.40 -28.71 41.24
N ARG A 311 -34.28 -27.78 40.93
CA ARG A 311 -35.71 -28.01 41.06
C ARG A 311 -36.29 -28.88 39.94
N VAL A 312 -35.95 -28.55 38.70
CA VAL A 312 -36.51 -29.29 37.58
C VAL A 312 -35.87 -30.62 37.26
N ILE A 313 -34.52 -30.64 37.28
CA ILE A 313 -33.78 -31.85 36.91
C ILE A 313 -33.24 -32.62 38.12
N GLY A 314 -32.72 -31.90 39.09
CA GLY A 314 -32.19 -32.54 40.27
C GLY A 314 -30.72 -32.90 40.05
N LYS A 315 -30.13 -33.69 40.95
CA LYS A 315 -28.70 -34.01 40.82
C LYS A 315 -28.28 -35.35 40.26
N ASN A 316 -29.24 -36.19 39.93
CA ASN A 316 -28.86 -37.48 39.44
C ASN A 316 -29.00 -37.73 37.95
N ARG A 317 -30.12 -37.38 37.35
CA ARG A 317 -30.22 -37.70 35.95
C ARG A 317 -29.60 -36.65 35.04
N GLN A 318 -29.37 -37.06 33.81
CA GLN A 318 -28.82 -36.15 32.84
C GLN A 318 -29.92 -35.25 32.30
N PRO A 319 -29.58 -34.00 32.00
CA PRO A 319 -30.52 -33.06 31.41
C PRO A 319 -30.88 -33.68 30.08
N LYS A 320 -32.12 -33.45 29.63
CA LYS A 320 -32.58 -33.93 28.33
C LYS A 320 -33.15 -32.69 27.68
N PHE A 321 -33.25 -32.71 26.35
CA PHE A 321 -33.65 -31.51 25.66
C PHE A 321 -35.08 -31.07 26.07
N GLU A 322 -35.98 -32.01 26.35
CA GLU A 322 -37.35 -31.58 26.72
C GLU A 322 -37.36 -30.78 28.04
N ASP A 323 -36.29 -30.85 28.81
CA ASP A 323 -36.24 -30.08 30.03
C ASP A 323 -36.30 -28.59 29.79
N ARG A 324 -35.88 -28.12 28.62
CA ARG A 324 -35.87 -26.69 28.37
C ARG A 324 -37.28 -26.00 28.54
N ALA A 325 -38.31 -26.72 28.15
CA ALA A 325 -39.71 -26.25 28.23
C ALA A 325 -40.06 -25.92 29.70
N LYS A 326 -39.49 -26.66 30.64
CA LYS A 326 -39.74 -26.36 32.07
C LYS A 326 -38.74 -25.41 32.69
N MET A 327 -37.85 -24.84 31.87
CA MET A 327 -36.73 -24.06 32.35
C MET A 327 -36.57 -22.72 31.64
N PRO A 328 -37.52 -21.81 31.89
CA PRO A 328 -37.49 -20.50 31.26
C PRO A 328 -36.30 -19.66 31.64
N TYR A 329 -35.79 -19.79 32.86
CA TYR A 329 -34.69 -18.95 33.23
C TYR A 329 -33.43 -19.39 32.42
N MET A 330 -33.17 -20.69 32.41
CA MET A 330 -31.99 -21.16 31.62
C MET A 330 -32.19 -20.77 30.15
N GLU A 331 -33.41 -20.94 29.61
CA GLU A 331 -33.63 -20.51 28.20
C GLU A 331 -33.33 -19.02 28.03
N ALA A 332 -33.75 -18.19 28.99
CA ALA A 332 -33.49 -16.77 28.85
C ALA A 332 -31.99 -16.45 28.97
N VAL A 333 -31.31 -17.18 29.82
CA VAL A 333 -29.89 -16.97 30.02
C VAL A 333 -29.16 -17.38 28.73
N ILE A 334 -29.54 -18.50 28.14
CA ILE A 334 -28.79 -18.86 26.92
C ILE A 334 -29.04 -17.85 25.79
N HIS A 335 -30.29 -17.39 25.68
CA HIS A 335 -30.55 -16.36 24.67
C HIS A 335 -29.74 -15.08 24.94
N GLU A 336 -29.65 -14.65 26.23
CA GLU A 336 -28.90 -13.47 26.54
C GLU A 336 -27.38 -13.65 26.28
N ILE A 337 -26.90 -14.87 26.46
CA ILE A 337 -25.48 -15.10 26.14
C ILE A 337 -25.30 -14.93 24.64
N GLN A 338 -26.21 -15.49 23.84
CA GLN A 338 -26.07 -15.33 22.40
C GLN A 338 -26.28 -13.89 21.98
N ARG A 339 -27.24 -13.21 22.63
CA ARG A 339 -27.46 -11.79 22.29
C ARG A 339 -26.25 -10.90 22.63
N PHE A 340 -25.71 -11.03 23.85
CA PHE A 340 -24.57 -10.24 24.29
C PHE A 340 -23.26 -10.64 23.54
N GLY A 341 -23.08 -11.94 23.40
CA GLY A 341 -21.89 -12.49 22.73
C GLY A 341 -21.73 -12.05 21.27
N ASP A 342 -22.86 -11.96 20.54
CA ASP A 342 -22.90 -11.41 19.16
C ASP A 342 -21.76 -12.03 18.37
N VAL A 343 -21.76 -13.37 18.39
CA VAL A 343 -20.59 -14.09 17.85
C VAL A 343 -20.27 -13.87 16.37
N ILE A 344 -21.26 -13.68 15.52
CA ILE A 344 -21.03 -13.40 14.07
C ILE A 344 -21.73 -12.02 13.95
N PRO A 345 -21.00 -10.95 14.28
CA PRO A 345 -21.61 -9.60 14.29
C PRO A 345 -22.17 -8.99 13.05
N MET A 346 -21.62 -9.35 11.88
CA MET A 346 -22.08 -8.78 10.60
C MET A 346 -22.56 -9.93 9.68
N SER A 347 -22.97 -11.01 10.32
CA SER A 347 -23.52 -12.20 9.64
C SER A 347 -22.49 -12.69 8.66
N LEU A 348 -22.96 -13.48 7.70
CA LEU A 348 -22.13 -13.88 6.52
C LEU A 348 -22.82 -12.96 5.45
N ALA A 349 -22.01 -12.25 4.66
CA ALA A 349 -22.57 -11.28 3.67
C ALA A 349 -23.60 -11.90 2.73
N ARG A 350 -24.65 -11.16 2.39
CA ARG A 350 -25.61 -11.63 1.40
C ARG A 350 -25.27 -10.84 0.12
N ARG A 351 -26.09 -11.06 -0.90
CA ARG A 351 -25.93 -10.37 -2.19
C ARG A 351 -27.34 -10.34 -2.84
N VAL A 352 -27.71 -9.24 -3.51
CA VAL A 352 -29.01 -9.26 -4.16
C VAL A 352 -28.93 -10.07 -5.47
N LYS A 353 -29.92 -10.94 -5.64
CA LYS A 353 -29.99 -11.84 -6.77
C LYS A 353 -30.34 -11.14 -8.08
N LYS A 354 -31.08 -10.03 -8.00
CA LYS A 354 -31.51 -9.26 -9.17
C LYS A 354 -31.62 -7.76 -8.83
N ASP A 355 -31.94 -6.90 -9.81
CA ASP A 355 -32.06 -5.49 -9.48
C ASP A 355 -33.19 -5.50 -8.51
N THR A 356 -32.98 -4.74 -7.44
CA THR A 356 -33.89 -4.65 -6.33
C THR A 356 -34.22 -3.21 -5.91
N LYS A 357 -35.49 -2.99 -5.57
CA LYS A 357 -35.94 -1.69 -5.05
C LYS A 357 -36.10 -1.98 -3.56
N PHE A 358 -35.39 -1.27 -2.73
CA PHE A 358 -35.51 -1.51 -1.30
C PHE A 358 -35.63 -0.16 -0.62
N ARG A 359 -36.76 0.06 0.04
CA ARG A 359 -36.97 1.36 0.71
C ARG A 359 -36.71 2.49 -0.28
N ASP A 360 -37.21 2.35 -1.49
CA ASP A 360 -36.96 3.45 -2.46
C ASP A 360 -35.49 3.72 -2.84
N PHE A 361 -34.60 2.77 -2.53
CA PHE A 361 -33.20 2.86 -2.97
C PHE A 361 -33.15 1.84 -4.07
N PHE A 362 -32.11 1.89 -4.90
CA PHE A 362 -31.94 0.93 -5.99
C PHE A 362 -30.68 0.12 -5.73
N LEU A 363 -30.80 -1.22 -5.72
CA LEU A 363 -29.64 -2.08 -5.50
C LEU A 363 -29.45 -2.94 -6.75
N PRO A 364 -28.44 -2.61 -7.56
CA PRO A 364 -28.24 -3.42 -8.75
C PRO A 364 -27.89 -4.84 -8.46
N LYS A 365 -28.29 -5.71 -9.39
CA LYS A 365 -28.00 -7.14 -9.27
C LYS A 365 -26.54 -7.35 -8.84
N GLY A 366 -26.31 -8.29 -7.91
CA GLY A 366 -24.95 -8.60 -7.46
C GLY A 366 -24.42 -7.76 -6.33
N THR A 367 -25.18 -6.73 -5.93
CA THR A 367 -24.68 -5.86 -4.89
C THR A 367 -24.57 -6.66 -3.55
N GLU A 368 -23.44 -6.55 -2.87
CA GLU A 368 -23.23 -7.24 -1.59
C GLU A 368 -23.98 -6.54 -0.48
N VAL A 369 -24.39 -7.29 0.54
CA VAL A 369 -25.19 -6.75 1.64
C VAL A 369 -24.64 -7.23 2.98
N TYR A 370 -24.43 -6.28 3.90
CA TYR A 370 -23.96 -6.61 5.26
C TYR A 370 -25.11 -6.49 6.27
N PRO A 371 -25.76 -7.60 6.65
CA PRO A 371 -26.89 -7.54 7.64
C PRO A 371 -26.14 -7.37 8.99
N MET A 372 -26.22 -6.21 9.66
CA MET A 372 -25.45 -6.02 10.87
C MET A 372 -26.22 -6.67 12.04
N LEU A 373 -26.08 -7.98 12.20
CA LEU A 373 -26.82 -8.68 13.24
C LEU A 373 -26.61 -8.08 14.63
N GLY A 374 -25.38 -7.64 14.95
CA GLY A 374 -25.11 -7.13 16.29
C GLY A 374 -25.95 -5.87 16.57
N SER A 375 -26.19 -5.10 15.51
CA SER A 375 -27.00 -3.88 15.65
C SER A 375 -28.46 -4.23 15.90
N VAL A 376 -28.88 -5.44 15.53
CA VAL A 376 -30.24 -5.92 15.76
C VAL A 376 -30.26 -6.49 17.19
N LEU A 377 -29.24 -7.27 17.55
CA LEU A 377 -29.19 -7.85 18.92
C LEU A 377 -29.10 -6.75 19.97
N ARG A 378 -28.61 -5.57 19.62
CA ARG A 378 -28.53 -4.45 20.59
C ARG A 378 -29.53 -3.33 20.22
N ASP A 379 -30.56 -3.63 19.43
CA ASP A 379 -31.47 -2.55 18.99
C ASP A 379 -32.22 -2.02 20.23
N PRO A 380 -32.05 -0.73 20.53
CA PRO A 380 -32.72 -0.10 21.70
C PRO A 380 -34.24 -0.13 21.67
N SER A 381 -34.86 -0.42 20.51
CA SER A 381 -36.32 -0.53 20.51
C SER A 381 -36.75 -1.88 20.97
N PHE A 382 -35.81 -2.84 21.06
CA PHE A 382 -36.15 -4.20 21.47
C PHE A 382 -35.59 -4.67 22.81
N PHE A 383 -34.54 -4.04 23.31
CA PHE A 383 -33.93 -4.44 24.60
C PHE A 383 -33.73 -3.15 25.41
N SER A 384 -34.17 -3.20 26.67
CA SER A 384 -34.10 -1.99 27.55
C SER A 384 -32.69 -1.54 27.89
N ASN A 385 -31.75 -2.47 28.04
CA ASN A 385 -30.39 -2.12 28.38
C ASN A 385 -29.51 -2.97 27.49
N PRO A 386 -29.53 -2.71 26.19
CA PRO A 386 -28.73 -3.52 25.25
C PRO A 386 -27.26 -3.72 25.52
N GLN A 387 -26.61 -2.83 26.27
CA GLN A 387 -25.17 -2.97 26.55
C GLN A 387 -24.88 -3.80 27.79
N ASP A 388 -25.92 -4.22 28.49
CA ASP A 388 -25.72 -5.00 29.71
C ASP A 388 -26.04 -6.46 29.46
N PHE A 389 -25.47 -7.33 30.27
CA PHE A 389 -25.83 -8.74 30.23
C PHE A 389 -26.97 -8.85 31.26
N ASN A 390 -28.16 -9.10 30.78
CA ASN A 390 -29.33 -9.21 31.64
C ASN A 390 -30.35 -10.19 31.11
N PRO A 391 -30.45 -11.38 31.70
CA PRO A 391 -31.41 -12.37 31.23
C PRO A 391 -32.85 -11.86 31.23
N GLN A 392 -33.15 -10.81 32.01
CA GLN A 392 -34.55 -10.31 32.01
C GLN A 392 -35.01 -9.83 30.64
N HIS A 393 -34.04 -9.57 29.75
CA HIS A 393 -34.34 -9.18 28.37
C HIS A 393 -35.21 -10.22 27.69
N PHE A 394 -35.18 -11.48 28.19
CA PHE A 394 -35.94 -12.59 27.62
C PHE A 394 -36.94 -13.24 28.58
N LEU A 395 -37.45 -12.45 29.53
CA LEU A 395 -38.43 -12.94 30.49
C LEU A 395 -39.49 -11.84 30.73
N ASN A 396 -40.71 -12.25 31.03
CA ASN A 396 -41.74 -11.24 31.32
C ASN A 396 -41.74 -11.12 32.85
N GLU A 397 -42.71 -10.39 33.38
CA GLU A 397 -42.76 -10.21 34.82
C GLU A 397 -42.94 -11.46 35.69
N LYS A 398 -43.61 -12.51 35.18
CA LYS A 398 -43.77 -13.75 35.95
C LYS A 398 -42.57 -14.74 35.77
N GLY A 399 -41.45 -14.26 35.21
CA GLY A 399 -40.31 -15.16 34.97
C GLY A 399 -40.54 -16.20 33.87
N GLN A 400 -41.46 -15.92 32.96
CA GLN A 400 -41.74 -16.81 31.84
C GLN A 400 -40.90 -16.30 30.63
N PHE A 401 -40.50 -17.24 29.78
CA PHE A 401 -39.65 -16.88 28.64
C PHE A 401 -40.43 -16.04 27.63
N LYS A 402 -39.78 -14.99 27.17
CA LYS A 402 -40.38 -14.08 26.19
C LYS A 402 -39.45 -13.94 24.96
N LYS A 403 -39.89 -14.45 23.82
CA LYS A 403 -39.11 -14.31 22.55
C LYS A 403 -39.04 -12.85 22.12
N SER A 404 -38.07 -12.53 21.23
CA SER A 404 -37.88 -11.20 20.67
C SER A 404 -37.64 -11.34 19.17
N ASP A 405 -38.34 -10.50 18.38
CA ASP A 405 -38.10 -10.47 16.94
C ASP A 405 -36.67 -10.03 16.62
N ALA A 406 -35.99 -9.41 17.57
CA ALA A 406 -34.61 -8.93 17.34
C ALA A 406 -33.57 -9.98 17.78
N PHE A 407 -34.03 -11.14 18.18
CA PHE A 407 -33.10 -12.25 18.54
C PHE A 407 -32.74 -12.92 17.20
N VAL A 408 -31.63 -12.49 16.59
CA VAL A 408 -31.24 -13.01 15.24
C VAL A 408 -29.75 -13.46 15.15
N PRO A 409 -29.25 -14.17 16.16
CA PRO A 409 -27.82 -14.56 16.07
C PRO A 409 -27.56 -15.57 14.97
N PHE A 410 -28.60 -16.31 14.52
CA PHE A 410 -28.43 -17.27 13.41
C PHE A 410 -28.85 -16.66 12.06
N SER A 411 -29.09 -15.37 12.10
CA SER A 411 -29.62 -14.58 11.00
C SER A 411 -31.07 -15.08 10.69
N ILE A 412 -31.59 -14.61 9.57
CA ILE A 412 -32.98 -14.95 9.18
C ILE A 412 -33.07 -14.96 7.65
N GLY A 413 -34.17 -15.47 7.08
CA GLY A 413 -34.22 -15.47 5.64
C GLY A 413 -33.87 -16.78 4.99
N LYS A 414 -33.71 -16.73 3.67
CA LYS A 414 -33.48 -17.94 2.89
C LYS A 414 -32.18 -18.66 2.99
N ARG A 415 -31.15 -17.94 3.36
CA ARG A 415 -29.87 -18.61 3.60
C ARG A 415 -29.50 -18.54 5.11
N ASN A 416 -30.50 -18.58 5.99
CA ASN A 416 -30.20 -18.56 7.41
C ASN A 416 -29.50 -19.81 7.86
N CYS A 417 -28.95 -19.76 9.07
CA CYS A 417 -28.21 -20.92 9.59
C CYS A 417 -29.04 -22.19 9.66
N PHE A 418 -28.69 -23.24 8.90
CA PHE A 418 -29.44 -24.48 9.10
C PHE A 418 -28.85 -25.41 10.16
N GLY A 419 -27.82 -24.89 10.85
CA GLY A 419 -27.25 -25.58 12.00
C GLY A 419 -27.96 -25.07 13.29
N GLU A 420 -28.93 -24.16 13.11
CA GLU A 420 -29.58 -23.60 14.29
C GLU A 420 -30.18 -24.64 15.24
N GLY A 421 -30.90 -25.63 14.71
CA GLY A 421 -31.42 -26.65 15.59
C GLY A 421 -30.40 -27.42 16.41
N LEU A 422 -29.33 -27.83 15.74
CA LEU A 422 -28.28 -28.58 16.40
C LEU A 422 -27.58 -27.68 17.44
N ALA A 423 -27.30 -26.45 17.05
CA ALA A 423 -26.67 -25.47 17.94
C ALA A 423 -27.48 -25.24 19.20
N ARG A 424 -28.80 -25.06 19.05
CA ARG A 424 -29.59 -24.81 20.25
C ARG A 424 -29.67 -26.03 21.15
N MET A 425 -29.78 -27.22 20.57
CA MET A 425 -29.78 -28.40 21.39
C MET A 425 -28.42 -28.54 22.12
N GLU A 426 -27.34 -28.26 21.40
CA GLU A 426 -26.02 -28.33 22.07
C GLU A 426 -25.87 -27.32 23.22
N LEU A 427 -26.23 -26.08 22.93
CA LEU A 427 -26.13 -25.06 23.94
C LEU A 427 -26.93 -25.40 25.16
N PHE A 428 -28.17 -25.81 24.93
CA PHE A 428 -28.96 -26.14 26.13
C PHE A 428 -28.34 -27.30 26.92
N LEU A 429 -28.00 -28.39 26.21
CA LEU A 429 -27.50 -29.56 26.94
C LEU A 429 -26.12 -29.35 27.56
N PHE A 430 -25.21 -28.65 26.83
CA PHE A 430 -23.88 -28.45 27.43
C PHE A 430 -23.94 -27.41 28.58
N PHE A 431 -24.63 -26.29 28.41
CA PHE A 431 -24.65 -25.34 29.53
C PHE A 431 -25.37 -25.97 30.73
N THR A 432 -26.49 -26.64 30.49
CA THR A 432 -27.18 -27.24 31.61
C THR A 432 -26.44 -28.34 32.33
N THR A 433 -25.83 -29.23 31.58
CA THR A 433 -25.17 -30.34 32.20
C THR A 433 -23.92 -29.86 32.92
N VAL A 434 -23.19 -28.92 32.33
CA VAL A 434 -22.05 -28.37 33.10
C VAL A 434 -22.49 -27.68 34.40
N MET A 435 -23.51 -26.82 34.33
CA MET A 435 -23.94 -26.09 35.53
C MET A 435 -24.61 -26.97 36.58
N GLN A 436 -25.21 -28.05 36.13
CA GLN A 436 -25.81 -28.97 37.07
C GLN A 436 -24.70 -29.54 37.96
N ASN A 437 -23.58 -29.85 37.30
CA ASN A 437 -22.46 -30.49 38.00
C ASN A 437 -21.40 -29.66 38.66
N PHE A 438 -21.29 -28.39 38.25
CA PHE A 438 -20.26 -27.53 38.74
C PHE A 438 -20.65 -26.11 39.08
N ARG A 439 -19.94 -25.49 40.03
CA ARG A 439 -20.14 -24.09 40.27
C ARG A 439 -18.87 -23.48 39.68
N LEU A 440 -18.97 -22.26 39.18
CA LEU A 440 -17.82 -21.65 38.49
C LEU A 440 -17.00 -20.76 39.39
N LYS A 441 -15.68 -20.89 39.29
CA LYS A 441 -14.80 -20.13 40.16
C LYS A 441 -13.80 -19.34 39.31
N SER A 442 -13.95 -18.01 39.34
CA SER A 442 -13.11 -17.11 38.55
C SER A 442 -11.76 -16.85 39.18
N SER A 443 -10.83 -16.40 38.35
CA SER A 443 -9.50 -16.09 38.87
C SER A 443 -9.49 -14.67 39.42
N GLN A 444 -10.63 -13.97 39.29
CA GLN A 444 -10.78 -12.58 39.74
C GLN A 444 -12.17 -12.28 40.23
N SER A 445 -12.31 -11.21 41.00
CA SER A 445 -13.63 -10.82 41.48
C SER A 445 -14.53 -10.36 40.32
N PRO A 446 -15.81 -10.76 40.34
CA PRO A 446 -16.76 -10.40 39.31
C PRO A 446 -16.67 -8.96 38.81
N LYS A 447 -16.42 -8.00 39.72
CA LYS A 447 -16.31 -6.61 39.28
C LYS A 447 -15.11 -6.38 38.38
N ASP A 448 -14.04 -7.14 38.57
CA ASP A 448 -12.85 -6.98 37.74
C ASP A 448 -12.83 -7.85 36.46
N ILE A 449 -13.84 -8.70 36.29
CA ILE A 449 -13.88 -9.55 35.09
C ILE A 449 -14.25 -8.65 33.90
N ASP A 450 -13.43 -8.72 32.86
CA ASP A 450 -13.70 -7.92 31.68
C ASP A 450 -14.42 -8.78 30.59
N VAL A 451 -15.70 -8.49 30.32
CA VAL A 451 -16.42 -9.25 29.28
C VAL A 451 -16.46 -8.54 27.92
N SER A 452 -15.64 -7.49 27.75
CA SER A 452 -15.64 -6.78 26.47
C SER A 452 -14.80 -7.72 25.55
N PRO A 453 -15.09 -7.75 24.23
CA PRO A 453 -14.30 -8.68 23.39
C PRO A 453 -12.87 -8.34 23.15
N LYS A 454 -12.09 -9.38 22.91
CA LYS A 454 -10.67 -9.25 22.58
C LYS A 454 -10.53 -8.78 21.12
N HIS A 455 -11.39 -9.32 20.23
CA HIS A 455 -11.33 -8.92 18.82
C HIS A 455 -12.73 -8.90 18.30
N VAL A 456 -13.00 -8.00 17.35
CA VAL A 456 -14.30 -8.01 16.70
C VAL A 456 -14.10 -7.69 15.22
N GLY A 457 -14.49 -8.62 14.35
CA GLY A 457 -14.38 -8.42 12.91
C GLY A 457 -15.41 -9.37 12.34
N PHE A 458 -14.97 -10.45 11.69
CA PHE A 458 -15.94 -11.44 11.20
C PHE A 458 -16.65 -12.09 12.42
N ALA A 459 -15.92 -12.30 13.52
CA ALA A 459 -16.52 -12.89 14.70
C ALA A 459 -16.26 -11.96 15.88
N THR A 460 -16.92 -12.31 17.01
CA THR A 460 -16.68 -11.60 18.27
C THR A 460 -15.95 -12.63 19.14
N ILE A 461 -14.68 -12.35 19.52
CA ILE A 461 -13.87 -13.31 20.26
C ILE A 461 -13.71 -12.81 21.72
N PRO A 462 -14.03 -13.65 22.71
CA PRO A 462 -13.87 -13.15 24.09
C PRO A 462 -12.38 -13.17 24.48
N ARG A 463 -12.06 -12.43 25.55
CA ARG A 463 -10.69 -12.36 26.02
C ARG A 463 -10.30 -13.72 26.58
N ASN A 464 -9.01 -14.06 26.52
CA ASN A 464 -8.48 -15.31 27.06
C ASN A 464 -8.64 -15.24 28.61
N TYR A 465 -8.94 -16.39 29.23
CA TYR A 465 -9.10 -16.47 30.68
C TYR A 465 -8.98 -17.90 31.15
N THR A 466 -8.82 -18.05 32.48
CA THR A 466 -8.80 -19.36 33.12
C THR A 466 -9.83 -19.33 34.20
N MET A 467 -10.27 -20.50 34.62
CA MET A 467 -11.30 -20.59 35.65
C MET A 467 -11.23 -21.99 36.22
N SER A 468 -11.99 -22.21 37.29
CA SER A 468 -12.03 -23.56 37.79
C SER A 468 -13.46 -24.04 37.92
N PHE A 469 -13.64 -25.36 37.75
CA PHE A 469 -14.93 -25.99 37.84
C PHE A 469 -14.98 -26.75 39.17
N LEU A 470 -15.79 -26.28 40.13
CA LEU A 470 -15.83 -26.95 41.44
C LEU A 470 -17.06 -27.79 41.50
N PRO A 471 -16.92 -29.07 41.85
CA PRO A 471 -18.07 -29.94 41.91
C PRO A 471 -19.06 -29.43 42.93
N ARG A 472 -20.35 -29.53 42.62
CA ARG A 472 -21.42 -29.06 43.51
C ARG A 472 -21.76 -30.09 44.59
N LYS B 10 29.94 -0.09 -2.47
CA LYS B 10 30.78 -0.23 -1.24
C LYS B 10 29.93 -0.48 0.02
N LEU B 11 28.62 -0.36 -0.10
CA LEU B 11 27.74 -0.64 1.04
C LEU B 11 27.74 -2.19 1.04
N PRO B 12 27.50 -2.83 2.19
CA PRO B 12 27.48 -4.29 2.22
C PRO B 12 26.44 -4.80 1.23
N PRO B 13 26.67 -5.98 0.65
CA PRO B 13 25.69 -6.49 -0.30
C PRO B 13 24.38 -6.88 0.38
N GLY B 14 23.31 -6.97 -0.41
CA GLY B 14 22.00 -7.35 0.08
C GLY B 14 20.97 -7.49 -1.04
N PRO B 15 19.77 -7.97 -0.76
CA PRO B 15 18.80 -8.11 -1.85
C PRO B 15 18.31 -6.80 -2.48
N THR B 16 18.00 -6.88 -3.78
CA THR B 16 17.58 -5.69 -4.50
C THR B 16 16.26 -5.13 -3.96
N PRO B 17 16.31 -3.85 -3.52
CA PRO B 17 15.09 -3.22 -2.99
C PRO B 17 14.29 -2.58 -4.10
N LEU B 18 13.00 -2.37 -3.86
CA LEU B 18 12.10 -1.70 -4.80
C LEU B 18 11.95 -0.28 -4.17
N PRO B 19 11.55 0.69 -4.98
CA PRO B 19 11.37 2.07 -4.47
C PRO B 19 10.37 2.13 -3.31
N PHE B 20 10.76 2.90 -2.26
CA PHE B 20 9.95 3.11 -1.06
C PHE B 20 9.68 1.87 -0.22
N ILE B 21 9.14 0.78 -0.82
CA ILE B 21 8.85 -0.39 -0.04
C ILE B 21 10.16 -1.17 0.32
N GLY B 22 11.27 -0.81 -0.32
CA GLY B 22 12.56 -1.40 0.00
C GLY B 22 12.54 -2.92 -0.18
N ASN B 23 12.92 -3.72 0.82
CA ASN B 23 12.88 -5.20 0.74
C ASN B 23 11.66 -5.81 1.39
N TYR B 24 10.59 -5.05 1.56
CA TYR B 24 9.40 -5.54 2.15
C TYR B 24 8.91 -6.90 1.54
N LEU B 25 8.94 -6.98 0.21
CA LEU B 25 8.47 -8.19 -0.44
C LEU B 25 9.33 -9.39 -0.12
N GLN B 26 10.55 -9.18 0.37
CA GLN B 26 11.46 -10.32 0.71
C GLN B 26 11.51 -10.61 2.22
N LEU B 27 10.62 -9.96 2.99
CA LEU B 27 10.56 -10.14 4.45
C LEU B 27 9.27 -10.66 4.96
N ASN B 28 9.29 -11.40 6.06
CA ASN B 28 7.99 -11.76 6.62
C ASN B 28 7.94 -10.95 7.95
N THR B 29 6.98 -10.06 8.05
CA THR B 29 6.92 -9.25 9.26
C THR B 29 6.64 -9.98 10.56
N GLU B 30 6.21 -11.23 10.48
CA GLU B 30 5.89 -12.04 11.64
C GLU B 30 7.15 -12.63 12.18
N GLN B 31 8.16 -12.77 11.33
CA GLN B 31 9.42 -13.34 11.75
C GLN B 31 10.56 -12.53 11.18
N MET B 32 10.71 -11.27 11.62
CA MET B 32 11.80 -10.46 11.08
C MET B 32 13.15 -11.06 11.32
N TYR B 33 13.37 -11.54 12.55
CA TYR B 33 14.65 -12.11 12.88
C TYR B 33 14.96 -13.28 11.91
N ASN B 34 13.99 -14.18 11.73
CA ASN B 34 14.22 -15.34 10.86
C ASN B 34 14.36 -14.94 9.40
N SER B 35 13.62 -13.89 8.98
CA SER B 35 13.70 -13.40 7.59
C SER B 35 15.09 -12.86 7.38
N LEU B 36 15.56 -12.01 8.31
CA LEU B 36 16.91 -11.48 8.18
C LEU B 36 18.01 -12.53 8.26
N MET B 37 17.88 -13.49 9.14
CA MET B 37 18.91 -14.52 9.25
C MET B 37 18.96 -15.40 7.98
N LYS B 38 17.81 -15.59 7.34
CA LYS B 38 17.69 -16.37 6.10
C LYS B 38 18.52 -15.62 5.03
N ILE B 39 18.24 -14.32 4.90
CA ILE B 39 18.95 -13.53 3.95
C ILE B 39 20.44 -13.54 4.19
N SER B 40 20.82 -13.59 5.46
CA SER B 40 22.20 -13.60 5.88
C SER B 40 22.92 -14.86 5.31
N GLU B 41 22.14 -15.91 5.14
CA GLU B 41 22.65 -17.19 4.62
C GLU B 41 23.11 -17.10 3.17
N ARG B 42 22.66 -16.07 2.48
CA ARG B 42 23.03 -15.90 1.10
C ARG B 42 23.93 -14.71 0.91
N TYR B 43 23.91 -13.76 1.84
CA TYR B 43 24.76 -12.59 1.68
C TYR B 43 25.97 -12.47 2.59
N GLY B 44 25.97 -13.20 3.71
CA GLY B 44 27.08 -13.07 4.64
C GLY B 44 26.56 -12.46 5.96
N PRO B 45 27.39 -12.46 7.02
CA PRO B 45 27.02 -11.92 8.35
C PRO B 45 26.81 -10.40 8.43
N VAL B 46 27.29 -9.69 7.41
CA VAL B 46 27.18 -8.26 7.33
C VAL B 46 26.53 -7.96 5.99
N PHE B 47 25.27 -7.48 6.03
CA PHE B 47 24.58 -7.24 4.75
C PHE B 47 23.62 -6.04 4.87
N THR B 48 23.16 -5.56 3.72
CA THR B 48 22.26 -4.38 3.70
C THR B 48 20.82 -4.78 3.44
N ILE B 49 19.87 -4.21 4.22
CA ILE B 49 18.46 -4.50 3.99
C ILE B 49 17.74 -3.12 4.01
N HIS B 50 16.63 -3.04 3.32
CA HIS B 50 15.84 -1.79 3.26
C HIS B 50 14.50 -2.10 3.93
N LEU B 51 14.31 -1.56 5.16
CA LEU B 51 13.07 -1.76 5.88
C LEU B 51 12.20 -0.62 5.40
N GLY B 52 11.37 -0.85 4.38
CA GLY B 52 10.73 0.32 3.76
C GLY B 52 11.89 1.15 3.22
N PRO B 53 11.85 2.49 3.41
CA PRO B 53 12.89 3.39 2.95
C PRO B 53 14.12 3.43 3.85
N ARG B 54 14.07 2.75 5.00
CA ARG B 54 15.23 2.77 5.91
C ARG B 54 16.36 1.83 5.43
N ARG B 55 17.53 2.40 5.18
CA ARG B 55 18.70 1.57 4.72
C ARG B 55 19.39 1.14 6.00
N VAL B 56 19.46 -0.17 6.21
CA VAL B 56 19.98 -0.71 7.45
C VAL B 56 21.06 -1.76 7.17
N VAL B 57 22.16 -1.64 7.90
CA VAL B 57 23.19 -2.66 7.79
C VAL B 57 22.98 -3.58 8.98
N VAL B 58 22.78 -4.84 8.67
CA VAL B 58 22.51 -5.88 9.64
C VAL B 58 23.80 -6.59 10.07
N LEU B 59 24.02 -6.76 11.35
CA LEU B 59 25.27 -7.41 11.81
C LEU B 59 24.89 -8.73 12.47
N CYS B 60 25.42 -9.84 11.92
CA CYS B 60 25.07 -11.16 12.43
C CYS B 60 26.26 -11.89 13.03
N GLY B 61 26.05 -12.57 14.15
CA GLY B 61 27.12 -13.32 14.83
C GLY B 61 28.00 -12.47 15.75
N HIS B 62 28.63 -13.11 16.72
CA HIS B 62 29.51 -12.40 17.64
C HIS B 62 30.56 -11.50 17.04
N ASP B 63 31.32 -12.04 16.08
CA ASP B 63 32.38 -11.25 15.52
C ASP B 63 31.93 -9.94 14.87
N ALA B 64 30.96 -10.03 13.98
CA ALA B 64 30.49 -8.83 13.29
C ALA B 64 29.99 -7.83 14.34
N VAL B 65 29.17 -8.28 15.30
CA VAL B 65 28.63 -7.33 16.32
C VAL B 65 29.67 -6.66 17.20
N ARG B 66 30.63 -7.44 17.71
CA ARG B 66 31.65 -6.87 18.55
C ARG B 66 32.62 -5.97 17.77
N GLU B 67 32.99 -6.32 16.54
CA GLU B 67 33.88 -5.48 15.74
C GLU B 67 33.29 -4.09 15.55
N ALA B 68 31.99 -4.06 15.27
CA ALA B 68 31.31 -2.78 15.08
C ALA B 68 31.03 -2.08 16.40
N LEU B 69 30.28 -2.70 17.31
CA LEU B 69 29.91 -1.92 18.50
C LEU B 69 30.99 -1.66 19.54
N VAL B 70 32.00 -2.51 19.56
CA VAL B 70 33.12 -2.30 20.48
C VAL B 70 34.42 -1.83 19.79
N ASP B 71 34.95 -2.57 18.81
CA ASP B 71 36.21 -2.10 18.19
C ASP B 71 36.05 -0.77 17.44
N GLN B 72 34.83 -0.42 17.05
CA GLN B 72 34.60 0.85 16.39
C GLN B 72 33.45 1.52 17.12
N ALA B 73 33.49 1.38 18.45
CA ALA B 73 32.45 1.90 19.35
C ALA B 73 31.93 3.29 19.07
N GLU B 74 32.86 4.23 18.93
CA GLU B 74 32.43 5.60 18.67
C GLU B 74 31.71 5.75 17.32
N GLU B 75 32.23 5.12 16.27
CA GLU B 75 31.62 5.31 14.97
C GLU B 75 30.21 4.70 14.92
N PHE B 76 29.99 3.64 15.72
CA PHE B 76 28.70 2.96 15.74
C PHE B 76 27.81 3.35 16.92
N SER B 77 28.09 4.51 17.52
CA SER B 77 27.38 4.93 18.71
C SER B 77 26.13 5.80 18.55
N GLY B 78 25.67 5.97 17.32
CA GLY B 78 24.44 6.76 17.18
C GLY B 78 23.27 5.84 17.45
N ARG B 79 22.11 6.44 17.65
CA ARG B 79 20.87 5.72 17.90
C ARG B 79 20.01 5.75 16.63
N GLY B 80 19.57 4.55 16.20
CA GLY B 80 18.68 4.44 15.06
C GLY B 80 17.22 4.58 15.46
N GLU B 81 16.31 4.25 14.56
CA GLU B 81 14.88 4.43 14.85
C GLU B 81 14.17 3.23 15.47
N GLN B 82 13.17 3.50 16.26
CA GLN B 82 12.23 2.45 16.67
C GLN B 82 10.96 3.24 16.45
N ALA B 83 10.33 3.00 15.30
CA ALA B 83 9.20 3.85 14.92
C ALA B 83 8.05 3.92 15.88
N THR B 84 7.66 2.79 16.48
CA THR B 84 6.56 2.84 17.41
C THR B 84 6.94 3.76 18.61
N PHE B 85 8.11 3.55 19.19
CA PHE B 85 8.46 4.39 20.34
C PHE B 85 8.73 5.81 19.86
N ASP B 86 9.35 5.98 18.70
CA ASP B 86 9.60 7.34 18.24
C ASP B 86 8.31 8.15 18.15
N TRP B 87 7.18 7.49 17.95
CA TRP B 87 5.94 8.23 17.83
C TRP B 87 5.71 9.15 19.06
N VAL B 88 5.97 8.61 20.24
CA VAL B 88 5.78 9.45 21.43
C VAL B 88 7.03 10.20 21.83
N PHE B 89 8.20 9.57 21.65
CA PHE B 89 9.43 10.24 22.11
C PHE B 89 9.97 11.38 21.24
N LYS B 90 9.72 11.27 19.94
CA LYS B 90 10.14 12.30 18.99
C LYS B 90 11.54 12.86 19.16
N GLY B 91 12.48 12.01 19.55
CA GLY B 91 13.86 12.41 19.65
C GLY B 91 14.22 12.93 21.04
N TYR B 92 13.22 12.99 21.91
CA TYR B 92 13.49 13.44 23.34
C TYR B 92 13.66 12.27 24.30
N GLY B 93 14.22 12.55 25.48
CA GLY B 93 14.42 11.51 26.45
C GLY B 93 15.80 10.99 26.25
N VAL B 94 16.16 9.94 26.98
CA VAL B 94 17.51 9.40 27.01
C VAL B 94 17.76 8.16 26.13
N VAL B 95 16.69 7.45 25.76
CA VAL B 95 16.89 6.21 24.95
C VAL B 95 16.85 6.45 23.41
N PHE B 96 15.73 7.00 22.98
CA PHE B 96 15.44 7.23 21.55
C PHE B 96 15.82 8.61 21.13
N SER B 97 17.09 8.91 21.38
CA SER B 97 17.70 10.24 21.16
C SER B 97 19.16 10.13 20.74
N ASN B 98 19.73 11.27 20.33
CA ASN B 98 21.07 11.30 19.84
C ASN B 98 21.82 12.56 20.26
N GLY B 99 23.11 12.57 19.89
CA GLY B 99 24.01 13.68 20.12
C GLY B 99 24.13 14.14 21.55
N GLU B 100 24.26 15.46 21.69
CA GLU B 100 24.39 16.07 23.01
C GLU B 100 23.25 15.84 23.93
N ARG B 101 22.06 15.76 23.37
CA ARG B 101 20.92 15.50 24.20
C ARG B 101 21.05 14.17 24.92
N ALA B 102 21.34 13.11 24.15
CA ALA B 102 21.45 11.79 24.72
C ALA B 102 22.58 11.76 25.69
N LYS B 103 23.70 12.37 25.28
CA LYS B 103 24.91 12.43 26.11
C LYS B 103 24.64 13.06 27.47
N GLN B 104 23.99 14.19 27.49
CA GLN B 104 23.68 14.87 28.76
C GLN B 104 22.73 14.04 29.61
N LEU B 105 21.66 13.55 28.97
CA LEU B 105 20.66 12.80 29.71
C LEU B 105 21.22 11.47 30.21
N ARG B 106 22.11 10.82 29.47
CA ARG B 106 22.64 9.56 29.96
C ARG B 106 23.64 9.79 31.12
N ARG B 107 24.43 10.86 31.05
CA ARG B 107 25.39 11.07 32.16
C ARG B 107 24.61 11.39 33.44
N PHE B 108 23.57 12.21 33.31
CA PHE B 108 22.74 12.60 34.45
C PHE B 108 21.96 11.43 35.03
N SER B 109 21.45 10.61 34.11
CA SER B 109 20.69 9.46 34.57
C SER B 109 21.47 8.46 35.35
N ILE B 110 22.69 8.14 34.87
CA ILE B 110 23.55 7.17 35.49
C ILE B 110 23.96 7.69 36.89
N ALA B 111 24.25 9.00 36.97
CA ALA B 111 24.70 9.57 38.22
C ALA B 111 23.56 9.60 39.22
N THR B 112 22.37 10.02 38.77
CA THR B 112 21.18 10.11 39.62
C THR B 112 20.68 8.72 40.06
N LEU B 113 20.67 7.73 39.16
CA LEU B 113 20.32 6.36 39.60
C LEU B 113 21.28 5.92 40.75
N ARG B 114 22.60 6.11 40.59
CA ARG B 114 23.55 5.75 41.63
C ARG B 114 23.23 6.50 42.95
N ASP B 115 22.94 7.78 42.84
CA ASP B 115 22.63 8.57 44.02
C ASP B 115 21.44 8.02 44.77
N PHE B 116 20.58 7.32 44.07
CA PHE B 116 19.41 6.78 44.75
C PHE B 116 19.56 5.33 45.11
N GLY B 117 20.81 4.88 45.14
CA GLY B 117 21.09 3.52 45.59
C GLY B 117 21.44 2.46 44.58
N VAL B 118 21.30 2.72 43.28
CA VAL B 118 21.64 1.67 42.32
C VAL B 118 23.10 1.25 42.44
N GLY B 119 23.32 -0.06 42.49
CA GLY B 119 24.64 -0.65 42.61
C GLY B 119 25.10 -0.60 44.07
N LYS B 120 24.21 -0.16 44.96
CA LYS B 120 24.56 -0.05 46.39
C LYS B 120 23.58 -0.85 47.25
N ARG B 121 23.93 -0.91 48.53
CA ARG B 121 23.11 -1.58 49.50
C ARG B 121 21.71 -0.94 49.57
N GLY B 122 21.62 0.37 49.28
CA GLY B 122 20.35 1.07 49.28
C GLY B 122 19.31 0.40 48.38
N ILE B 123 19.69 0.12 47.13
CA ILE B 123 18.72 -0.50 46.23
C ILE B 123 18.67 -2.00 46.50
N GLU B 124 19.78 -2.57 46.97
CA GLU B 124 19.73 -3.99 47.27
C GLU B 124 18.61 -4.20 48.33
N GLU B 125 18.48 -3.28 49.28
CA GLU B 125 17.46 -3.47 50.31
C GLU B 125 16.07 -3.30 49.79
N ARG B 126 15.92 -2.35 48.87
CA ARG B 126 14.63 -2.11 48.23
C ARG B 126 14.22 -3.37 47.47
N ILE B 127 15.18 -4.02 46.78
CA ILE B 127 14.87 -5.23 46.00
C ILE B 127 14.55 -6.37 46.94
N GLN B 128 15.32 -6.50 48.01
CA GLN B 128 15.02 -7.59 48.96
C GLN B 128 13.63 -7.43 49.54
N GLU B 129 13.29 -6.21 49.92
CA GLU B 129 11.98 -6.00 50.51
C GLU B 129 10.83 -6.25 49.48
N GLU B 130 11.04 -5.78 48.25
CA GLU B 130 10.01 -6.01 47.26
C GLU B 130 9.93 -7.53 46.97
N ALA B 131 11.08 -8.22 46.95
CA ALA B 131 11.09 -9.68 46.72
C ALA B 131 10.22 -10.34 47.84
N GLY B 132 10.35 -9.82 49.05
CA GLY B 132 9.59 -10.35 50.19
C GLY B 132 8.08 -10.20 49.96
N PHE B 133 7.68 -9.07 49.38
CA PHE B 133 6.25 -8.85 49.07
C PHE B 133 5.83 -9.80 47.96
N LEU B 134 6.68 -10.04 46.97
CA LEU B 134 6.29 -11.06 45.97
C LEU B 134 6.06 -12.45 46.64
N ILE B 135 6.95 -12.84 47.57
CA ILE B 135 6.76 -14.12 48.23
C ILE B 135 5.42 -14.13 48.96
N ASP B 136 5.06 -13.02 49.61
CA ASP B 136 3.77 -13.02 50.29
C ASP B 136 2.59 -13.20 49.28
N ALA B 137 2.63 -12.43 48.19
CA ALA B 137 1.61 -12.52 47.19
C ALA B 137 1.54 -13.94 46.65
N LEU B 138 2.68 -14.53 46.37
CA LEU B 138 2.69 -15.89 45.83
C LEU B 138 2.17 -16.87 46.87
N ARG B 139 2.53 -16.66 48.14
CA ARG B 139 2.06 -17.56 49.18
C ARG B 139 0.53 -17.47 49.26
N GLY B 140 0.00 -16.26 49.07
CA GLY B 140 -1.42 -15.94 49.13
C GLY B 140 -2.26 -16.71 48.11
N THR B 141 -1.62 -17.21 47.04
CA THR B 141 -2.35 -18.00 46.03
C THR B 141 -2.65 -19.44 46.51
N GLY B 142 -2.10 -19.85 47.68
CA GLY B 142 -2.34 -21.18 48.20
C GLY B 142 -2.08 -22.29 47.21
N GLY B 143 -1.10 -22.10 46.33
CA GLY B 143 -0.80 -23.16 45.38
C GLY B 143 -1.65 -23.21 44.13
N ALA B 144 -2.64 -22.34 43.99
CA ALA B 144 -3.49 -22.40 42.80
C ALA B 144 -2.69 -22.10 41.51
N ASN B 145 -3.20 -22.52 40.35
CA ASN B 145 -2.54 -22.19 39.07
C ASN B 145 -2.82 -20.78 38.77
N ILE B 146 -1.77 -19.99 38.56
CA ILE B 146 -1.97 -18.59 38.26
C ILE B 146 -1.11 -18.14 37.10
N ASP B 147 -1.54 -17.06 36.46
CA ASP B 147 -0.73 -16.45 35.41
C ASP B 147 0.19 -15.56 36.27
N PRO B 148 1.51 -15.84 36.22
CA PRO B 148 2.46 -15.07 37.01
C PRO B 148 2.76 -13.69 36.47
N THR B 149 2.28 -13.44 35.25
CA THR B 149 2.59 -12.16 34.59
C THR B 149 2.56 -10.90 35.46
N PHE B 150 1.42 -10.58 36.07
CA PHE B 150 1.23 -9.36 36.88
C PHE B 150 1.87 -9.37 38.26
N PHE B 151 2.03 -10.58 38.81
CA PHE B 151 2.67 -10.71 40.10
C PHE B 151 4.11 -10.25 39.85
N LEU B 152 4.73 -10.80 38.80
CA LEU B 152 6.13 -10.48 38.54
C LEU B 152 6.33 -9.03 38.11
N SER B 153 5.49 -8.56 37.20
CA SER B 153 5.69 -7.18 36.73
C SER B 153 5.44 -6.12 37.81
N ARG B 154 4.47 -6.33 38.68
CA ARG B 154 4.25 -5.36 39.73
C ARG B 154 5.50 -5.27 40.64
N THR B 155 6.03 -6.42 41.02
CA THR B 155 7.21 -6.50 41.86
C THR B 155 8.42 -5.80 41.17
N VAL B 156 8.67 -6.14 39.91
CA VAL B 156 9.76 -5.48 39.19
C VAL B 156 9.50 -3.95 39.08
N SER B 157 8.28 -3.56 38.67
CA SER B 157 8.06 -2.15 38.45
C SER B 157 8.22 -1.34 39.72
N ASN B 158 7.96 -1.96 40.87
CA ASN B 158 8.07 -1.21 42.11
C ASN B 158 9.51 -0.81 42.45
N VAL B 159 10.52 -1.54 41.95
CA VAL B 159 11.89 -1.11 42.28
C VAL B 159 12.22 0.24 41.59
N ILE B 160 12.05 0.28 40.26
CA ILE B 160 12.37 1.52 39.55
C ILE B 160 11.36 2.62 39.90
N SER B 161 10.11 2.27 40.17
CA SER B 161 9.13 3.31 40.55
C SER B 161 9.56 3.99 41.88
N SER B 162 10.07 3.23 42.81
CA SER B 162 10.46 3.90 44.09
C SER B 162 11.60 4.88 43.80
N ILE B 163 12.49 4.57 42.86
CA ILE B 163 13.56 5.49 42.50
C ILE B 163 13.10 6.73 41.73
N VAL B 164 12.26 6.53 40.72
CA VAL B 164 11.84 7.68 39.93
C VAL B 164 10.71 8.50 40.51
N PHE B 165 9.78 7.85 41.20
CA PHE B 165 8.60 8.47 41.78
C PHE B 165 8.63 8.61 43.29
N GLY B 166 9.58 7.95 43.95
CA GLY B 166 9.69 8.10 45.39
C GLY B 166 9.07 7.04 46.25
N ASP B 167 8.15 6.27 45.67
CA ASP B 167 7.51 5.22 46.45
C ASP B 167 7.05 4.14 45.48
N ARG B 168 6.61 3.03 46.05
CA ARG B 168 6.08 1.92 45.28
C ARG B 168 4.58 2.09 45.19
N PHE B 169 3.94 1.21 44.43
CA PHE B 169 2.51 1.19 44.31
C PHE B 169 2.00 -0.03 45.15
N ASP B 170 0.79 0.08 45.72
CA ASP B 170 0.24 -1.10 46.38
C ASP B 170 -0.11 -2.04 45.24
N TYR B 171 -0.01 -3.34 45.48
CA TYR B 171 -0.30 -4.31 44.43
C TYR B 171 -1.80 -4.28 44.14
N LYS B 172 -2.53 -3.50 44.95
CA LYS B 172 -4.00 -3.33 44.88
C LYS B 172 -4.38 -2.37 43.79
N ASP B 173 -3.67 -1.23 43.79
CA ASP B 173 -3.83 -0.13 42.85
C ASP B 173 -4.30 -0.52 41.42
N LYS B 174 -5.52 -0.12 41.07
CA LYS B 174 -6.05 -0.48 39.76
C LYS B 174 -5.37 0.32 38.66
N GLU B 175 -4.83 1.48 39.04
CA GLU B 175 -4.14 2.29 38.06
C GLU B 175 -2.80 1.62 37.76
N PHE B 176 -2.17 1.09 38.79
CA PHE B 176 -0.87 0.43 38.62
C PHE B 176 -1.04 -0.61 37.52
N LEU B 177 -2.06 -1.45 37.66
CA LEU B 177 -2.36 -2.50 36.70
C LEU B 177 -2.66 -1.99 35.29
N SER B 178 -3.38 -0.88 35.23
CA SER B 178 -3.67 -0.30 33.93
C SER B 178 -2.34 0.02 33.23
N LEU B 179 -1.38 0.55 33.99
CA LEU B 179 -0.09 0.92 33.46
C LEU B 179 0.59 -0.34 32.98
N LEU B 180 0.49 -1.42 33.77
CA LEU B 180 1.04 -2.74 33.43
C LEU B 180 0.59 -3.17 32.06
N ARG B 181 -0.73 -3.17 31.88
CA ARG B 181 -1.34 -3.59 30.61
C ARG B 181 -0.86 -2.72 29.45
N MET B 182 -0.75 -1.42 29.67
CA MET B 182 -0.28 -0.56 28.59
C MET B 182 1.12 -1.00 28.16
N MET B 183 2.01 -1.29 29.11
CA MET B 183 3.38 -1.67 28.75
C MET B 183 3.36 -3.02 28.03
N LEU B 184 2.62 -3.96 28.59
CA LEU B 184 2.55 -5.29 27.99
C LEU B 184 2.01 -5.12 26.56
N GLY B 185 0.94 -4.35 26.41
CA GLY B 185 0.37 -4.12 25.10
C GLY B 185 1.29 -3.50 24.05
N ILE B 186 2.12 -2.54 24.45
CA ILE B 186 2.98 -1.91 23.45
C ILE B 186 4.10 -2.83 23.09
N PHE B 187 4.61 -3.59 24.07
CA PHE B 187 5.71 -4.47 23.75
C PHE B 187 5.19 -5.56 22.83
N GLN B 188 3.94 -5.96 23.05
CA GLN B 188 3.41 -6.97 22.16
C GLN B 188 3.22 -6.41 20.76
N PHE B 189 2.63 -5.23 20.69
CA PHE B 189 2.42 -4.60 19.36
C PHE B 189 3.68 -4.57 18.57
N THR B 190 4.78 -4.16 19.19
CA THR B 190 6.05 -4.07 18.48
C THR B 190 6.66 -5.41 18.11
N SER B 191 6.09 -6.51 18.57
CA SER B 191 6.73 -7.81 18.30
C SER B 191 5.89 -8.65 17.38
N THR B 192 4.80 -8.04 16.92
CA THR B 192 3.87 -8.65 15.99
C THR B 192 4.11 -8.14 14.58
N SER B 193 3.38 -8.77 13.65
CA SER B 193 3.44 -8.38 12.25
C SER B 193 3.03 -6.89 11.98
N THR B 194 1.89 -6.38 12.49
CA THR B 194 1.50 -4.97 12.21
C THR B 194 2.56 -4.04 12.79
N GLY B 195 3.10 -4.43 13.94
CA GLY B 195 4.18 -3.64 14.56
C GLY B 195 5.44 -3.55 13.74
N GLN B 196 5.85 -4.66 13.10
CA GLN B 196 7.04 -4.66 12.31
C GLN B 196 6.76 -4.02 10.92
N LEU B 197 5.51 -4.05 10.47
CA LEU B 197 5.13 -3.36 9.20
C LEU B 197 5.25 -1.85 9.50
N TYR B 198 4.84 -1.47 10.71
CA TYR B 198 4.93 -0.03 11.10
C TYR B 198 6.40 0.44 11.06
N GLU B 199 7.33 -0.41 11.46
CA GLU B 199 8.72 -0.04 11.35
C GLU B 199 9.12 0.38 9.95
N MET B 200 8.53 -0.26 8.92
CA MET B 200 8.86 0.11 7.56
C MET B 200 8.02 1.27 7.00
N PHE B 201 6.74 1.32 7.39
CA PHE B 201 5.85 2.26 6.75
C PHE B 201 5.16 3.29 7.63
N SER B 202 5.88 3.63 8.70
CA SER B 202 5.35 4.64 9.64
C SER B 202 5.06 6.01 8.99
N SER B 203 5.84 6.40 7.97
CA SER B 203 5.60 7.69 7.28
C SER B 203 4.14 7.78 6.80
N VAL B 204 3.55 6.66 6.50
CA VAL B 204 2.18 6.65 6.07
C VAL B 204 1.26 6.21 7.16
N MET B 205 1.61 5.11 7.79
CA MET B 205 0.74 4.51 8.80
C MET B 205 0.46 5.40 10.02
N LYS B 206 1.40 6.26 10.37
CA LYS B 206 1.10 7.06 11.57
C LYS B 206 -0.10 7.98 11.31
N HIS B 207 -0.45 8.19 10.04
CA HIS B 207 -1.60 9.07 9.75
C HIS B 207 -2.89 8.33 9.44
N LEU B 208 -2.89 7.01 9.49
CA LEU B 208 -4.06 6.17 9.15
C LEU B 208 -4.69 5.50 10.33
N PRO B 209 -6.02 5.28 10.29
CA PRO B 209 -6.71 4.59 11.40
C PRO B 209 -6.11 3.17 11.37
N GLY B 210 -6.19 2.47 12.48
CA GLY B 210 -5.65 1.12 12.56
C GLY B 210 -5.13 0.74 13.93
N PRO B 211 -4.61 -0.47 14.12
CA PRO B 211 -4.11 -0.88 15.44
C PRO B 211 -2.98 0.02 15.98
N GLN B 212 -2.17 0.52 15.04
CA GLN B 212 -1.05 1.37 15.45
C GLN B 212 -1.62 2.53 16.30
N GLN B 213 -2.82 3.03 15.99
CA GLN B 213 -3.36 4.15 16.77
C GLN B 213 -3.66 3.72 18.21
N GLN B 214 -4.07 2.47 18.40
CA GLN B 214 -4.33 1.96 19.76
C GLN B 214 -3.01 1.85 20.49
N ALA B 215 -1.95 1.43 19.78
CA ALA B 215 -0.60 1.35 20.37
C ALA B 215 -0.15 2.73 20.81
N PHE B 216 -0.35 3.73 19.95
CA PHE B 216 0.02 5.10 20.30
C PHE B 216 -0.74 5.54 21.54
N GLN B 217 -2.02 5.18 21.62
CA GLN B 217 -2.82 5.53 22.78
C GLN B 217 -2.27 4.88 24.07
N LEU B 218 -1.64 3.72 23.99
CA LEU B 218 -1.08 3.06 25.19
C LEU B 218 0.15 3.88 25.58
N LEU B 219 0.95 4.33 24.62
CA LEU B 219 2.13 5.16 24.96
C LEU B 219 1.69 6.50 25.54
N GLN B 220 0.59 7.06 25.01
CA GLN B 220 0.12 8.36 25.59
C GLN B 220 -0.41 8.18 27.03
N GLY B 221 -1.08 7.08 27.28
CA GLY B 221 -1.59 6.81 28.64
C GLY B 221 -0.38 6.78 29.61
N LEU B 222 0.71 6.13 29.19
CA LEU B 222 1.91 6.08 30.05
C LEU B 222 2.53 7.47 30.20
N GLU B 223 2.69 8.20 29.08
CA GLU B 223 3.24 9.53 29.16
C GLU B 223 2.38 10.41 30.12
N ASP B 224 1.05 10.28 30.03
CA ASP B 224 0.13 11.14 30.82
C ASP B 224 0.32 10.89 32.29
N PHE B 225 0.49 9.63 32.64
CA PHE B 225 0.72 9.26 33.99
C PHE B 225 2.00 9.96 34.53
N ILE B 226 3.11 9.87 33.79
CA ILE B 226 4.38 10.50 34.20
C ILE B 226 4.20 12.01 34.33
N ALA B 227 3.43 12.60 33.42
CA ALA B 227 3.16 14.03 33.43
C ALA B 227 2.46 14.41 34.76
N LYS B 228 1.52 13.60 35.23
CA LYS B 228 0.85 13.92 36.49
C LYS B 228 1.83 13.80 37.64
N LYS B 229 2.69 12.77 37.61
CA LYS B 229 3.64 12.61 38.70
C LYS B 229 4.60 13.80 38.73
N VAL B 230 5.07 14.23 37.55
CA VAL B 230 5.99 15.35 37.47
C VAL B 230 5.32 16.62 38.04
N GLU B 231 4.08 16.87 37.64
CA GLU B 231 3.35 18.03 38.13
C GLU B 231 3.26 18.01 39.66
N HIS B 232 2.90 16.86 40.21
CA HIS B 232 2.82 16.74 41.66
C HIS B 232 4.15 17.05 42.34
N ASN B 233 5.25 16.50 41.82
CA ASN B 233 6.55 16.74 42.45
C ASN B 233 6.92 18.21 42.35
N GLN B 234 6.53 18.88 41.27
CA GLN B 234 6.92 20.28 41.18
C GLN B 234 6.13 21.18 42.12
N ARG B 235 4.90 20.77 42.43
CA ARG B 235 4.03 21.52 43.36
C ARG B 235 4.53 21.37 44.80
N THR B 236 5.33 20.35 45.08
CA THR B 236 5.80 20.08 46.42
C THR B 236 7.31 19.94 46.55
N LEU B 237 8.04 20.40 45.53
CA LEU B 237 9.49 20.25 45.54
C LEU B 237 10.27 21.04 46.60
N ASP B 238 11.36 20.45 47.06
CA ASP B 238 12.26 21.11 47.99
C ASP B 238 13.64 21.00 47.41
N PRO B 239 14.13 22.11 46.84
CA PRO B 239 15.43 22.29 46.20
C PRO B 239 16.62 21.63 46.87
N ASN B 240 16.68 21.64 48.20
CA ASN B 240 17.83 21.02 48.84
C ASN B 240 17.46 19.64 49.38
N SER B 241 16.30 19.13 48.98
CA SER B 241 15.86 17.83 49.45
C SER B 241 15.09 17.03 48.40
N PRO B 242 15.78 16.54 47.35
CA PRO B 242 15.06 15.76 46.33
C PRO B 242 14.59 14.38 46.83
N ARG B 243 13.33 14.06 46.57
CA ARG B 243 12.74 12.80 47.00
C ARG B 243 13.05 11.67 46.02
N ASP B 244 13.26 12.02 44.77
CA ASP B 244 13.41 10.96 43.77
C ASP B 244 14.10 11.48 42.49
N PHE B 245 14.11 10.66 41.41
CA PHE B 245 14.71 11.08 40.16
C PHE B 245 14.04 12.32 39.60
N ILE B 246 12.71 12.38 39.63
CA ILE B 246 12.02 13.53 39.12
C ILE B 246 12.52 14.82 39.83
N ASP B 247 12.66 14.76 41.15
CA ASP B 247 13.10 15.97 41.87
C ASP B 247 14.50 16.40 41.49
N SER B 248 15.44 15.43 41.42
CA SER B 248 16.80 15.77 41.10
C SER B 248 16.83 16.43 39.74
N PHE B 249 15.96 15.95 38.84
CA PHE B 249 15.92 16.53 37.50
C PHE B 249 15.32 17.93 37.53
N LEU B 250 14.21 18.10 38.25
CA LEU B 250 13.56 19.39 38.36
C LEU B 250 14.54 20.42 38.96
N ILE B 251 15.33 19.97 39.91
CA ILE B 251 16.30 20.90 40.50
C ILE B 251 17.26 21.37 39.40
N ARG B 252 17.82 20.47 38.59
CA ARG B 252 18.71 20.92 37.51
C ARG B 252 17.95 21.85 36.56
N MET B 253 16.69 21.55 36.30
CA MET B 253 15.91 22.39 35.43
C MET B 253 15.86 23.81 35.95
N GLN B 254 15.60 23.96 37.23
CA GLN B 254 15.51 25.30 37.81
C GLN B 254 16.82 26.04 37.62
N GLU B 255 17.91 25.34 37.87
CA GLU B 255 19.23 25.92 37.70
C GLU B 255 19.49 26.46 36.28
N GLU B 256 19.09 25.69 35.26
CA GLU B 256 19.36 26.02 33.85
C GLU B 256 18.28 26.74 33.10
N GLU B 257 17.27 27.22 33.81
CA GLU B 257 16.12 27.89 33.20
C GLU B 257 16.37 28.97 32.11
N LYS B 258 17.42 29.77 32.22
CA LYS B 258 17.65 30.79 31.19
C LYS B 258 18.82 30.40 30.28
N ASN B 259 19.19 29.13 30.32
CA ASN B 259 20.24 28.70 29.43
C ASN B 259 19.41 28.20 28.23
N PRO B 260 19.57 28.85 27.07
CA PRO B 260 18.80 28.41 25.90
C PRO B 260 19.29 27.12 25.27
N ASN B 261 20.47 26.67 25.67
CA ASN B 261 21.02 25.46 25.10
C ASN B 261 20.96 24.27 26.06
N THR B 262 20.21 24.41 27.16
CA THR B 262 20.17 23.30 28.11
C THR B 262 19.30 22.15 27.59
N GLU B 263 19.55 20.94 28.06
CA GLU B 263 18.73 19.75 27.69
C GLU B 263 17.81 19.45 28.87
N PHE B 264 18.00 20.19 29.97
CA PHE B 264 17.18 19.94 31.14
C PHE B 264 15.98 20.85 31.09
N TYR B 265 14.88 20.35 30.51
CA TYR B 265 13.62 21.09 30.42
C TYR B 265 12.51 20.02 30.49
N LEU B 266 11.28 20.46 30.67
CA LEU B 266 10.16 19.58 30.91
C LEU B 266 9.97 18.38 29.95
N LYS B 267 10.18 18.61 28.66
CA LYS B 267 9.98 17.52 27.70
C LYS B 267 10.98 16.40 27.94
N ASN B 268 12.24 16.75 28.22
CA ASN B 268 13.21 15.71 28.50
C ASN B 268 13.00 15.06 29.84
N LEU B 269 12.42 15.80 30.81
CA LEU B 269 12.17 15.18 32.12
C LEU B 269 11.08 14.12 31.96
N VAL B 270 9.96 14.50 31.33
CA VAL B 270 8.86 13.54 31.16
C VAL B 270 9.33 12.33 30.35
N MET B 271 10.04 12.57 29.25
CA MET B 271 10.45 11.43 28.40
C MET B 271 11.53 10.58 29.04
N THR B 272 12.47 11.22 29.77
CA THR B 272 13.49 10.41 30.37
C THR B 272 12.89 9.55 31.48
N THR B 273 11.92 10.12 32.21
CA THR B 273 11.34 9.40 33.30
C THR B 273 10.52 8.24 32.75
N LEU B 274 9.85 8.54 31.65
CA LEU B 274 9.04 7.54 30.98
C LEU B 274 9.96 6.39 30.51
N ASN B 275 11.12 6.71 29.94
CA ASN B 275 12.09 5.69 29.52
C ASN B 275 12.52 4.79 30.70
N LEU B 276 12.84 5.40 31.84
CA LEU B 276 13.23 4.57 32.96
C LEU B 276 12.07 3.74 33.54
N PHE B 277 10.88 4.28 33.60
CA PHE B 277 9.74 3.55 34.15
C PHE B 277 9.40 2.33 33.25
N ILE B 278 9.33 2.55 31.95
CA ILE B 278 9.00 1.41 31.08
C ILE B 278 10.15 0.49 30.93
N GLY B 279 11.33 1.02 30.57
CA GLY B 279 12.49 0.18 30.38
C GLY B 279 12.82 -0.61 31.65
N GLY B 280 12.67 0.07 32.79
CA GLY B 280 12.98 -0.56 34.08
C GLY B 280 11.97 -1.59 34.55
N THR B 281 10.85 -1.67 33.85
CA THR B 281 9.83 -2.64 34.24
C THR B 281 9.75 -3.85 33.30
N GLU B 282 9.53 -3.55 32.02
CA GLU B 282 9.19 -4.65 31.12
C GLU B 282 10.20 -5.72 30.80
N THR B 283 11.45 -5.36 30.59
CA THR B 283 12.35 -6.42 30.20
C THR B 283 12.71 -7.39 31.31
N VAL B 284 12.91 -6.89 32.53
CA VAL B 284 13.25 -7.79 33.65
C VAL B 284 12.00 -8.65 33.88
N SER B 285 10.83 -8.04 33.82
CA SER B 285 9.58 -8.82 34.00
C SER B 285 9.45 -9.98 32.99
N THR B 286 9.66 -9.70 31.72
CA THR B 286 9.57 -10.74 30.72
C THR B 286 10.63 -11.81 30.95
N THR B 287 11.83 -11.35 31.29
CA THR B 287 12.89 -12.29 31.55
C THR B 287 12.54 -13.27 32.71
N LEU B 288 11.99 -12.75 33.80
CA LEU B 288 11.60 -13.60 34.89
C LEU B 288 10.54 -14.59 34.39
N ARG B 289 9.52 -14.06 33.70
CA ARG B 289 8.43 -14.93 33.20
C ARG B 289 8.97 -16.05 32.32
N TYR B 290 9.87 -15.75 31.41
CA TYR B 290 10.41 -16.77 30.56
C TYR B 290 11.26 -17.73 31.41
N GLY B 291 11.94 -17.20 32.44
CA GLY B 291 12.81 -18.05 33.24
C GLY B 291 12.06 -19.14 33.99
N PHE B 292 10.98 -18.77 34.66
CA PHE B 292 10.21 -19.79 35.37
C PHE B 292 9.69 -20.87 34.39
N LEU B 293 9.25 -20.48 33.20
CA LEU B 293 8.73 -21.48 32.25
C LEU B 293 9.89 -22.47 31.88
N LEU B 294 11.10 -21.94 31.67
CA LEU B 294 12.23 -22.77 31.35
C LEU B 294 12.56 -23.69 32.49
N LEU B 295 12.36 -23.21 33.71
CA LEU B 295 12.71 -24.04 34.83
C LEU B 295 11.71 -25.20 34.96
N MET B 296 10.46 -24.95 34.59
CA MET B 296 9.47 -26.02 34.68
C MET B 296 9.70 -27.04 33.60
N LYS B 297 10.17 -26.58 32.44
CA LYS B 297 10.47 -27.47 31.32
C LYS B 297 11.72 -28.32 31.67
N HIS B 298 12.51 -27.86 32.65
CA HIS B 298 13.77 -28.54 33.02
C HIS B 298 13.88 -28.74 34.51
N PRO B 299 13.08 -29.67 35.07
CA PRO B 299 13.12 -29.92 36.52
C PRO B 299 14.48 -30.32 37.09
N GLU B 300 15.38 -30.96 36.29
CA GLU B 300 16.70 -31.31 36.83
C GLU B 300 17.47 -30.01 37.15
N VAL B 301 17.28 -28.99 36.31
CA VAL B 301 17.91 -27.69 36.59
C VAL B 301 17.32 -27.09 37.89
N GLU B 302 16.00 -27.13 38.03
CA GLU B 302 15.42 -26.59 39.24
C GLU B 302 15.99 -27.32 40.48
N ALA B 303 16.13 -28.65 40.38
CA ALA B 303 16.63 -29.40 41.53
C ALA B 303 18.06 -28.95 41.91
N LYS B 304 18.92 -28.73 40.91
CA LYS B 304 20.30 -28.28 41.16
C LYS B 304 20.27 -26.89 41.76
N VAL B 305 19.40 -26.03 41.24
CA VAL B 305 19.23 -24.69 41.81
C VAL B 305 18.84 -24.79 43.29
N HIS B 306 17.88 -25.64 43.62
CA HIS B 306 17.46 -25.79 45.02
C HIS B 306 18.62 -26.30 45.93
N GLU B 307 19.36 -27.29 45.46
CA GLU B 307 20.50 -27.84 46.25
C GLU B 307 21.49 -26.72 46.56
N GLU B 308 21.74 -25.87 45.55
CA GLU B 308 22.67 -24.78 45.77
C GLU B 308 22.13 -23.72 46.69
N ILE B 309 20.89 -23.30 46.51
CA ILE B 309 20.37 -22.31 47.43
C ILE B 309 20.37 -22.81 48.87
N ASP B 310 19.92 -24.03 49.06
CA ASP B 310 19.82 -24.57 50.40
C ASP B 310 21.17 -24.59 51.10
N ARG B 311 22.20 -25.01 50.37
CA ARG B 311 23.57 -25.11 50.89
C ARG B 311 24.30 -23.77 51.14
N VAL B 312 24.21 -22.84 50.21
CA VAL B 312 24.87 -21.56 50.40
C VAL B 312 24.10 -20.55 51.25
N ILE B 313 22.80 -20.45 51.05
CA ILE B 313 22.03 -19.44 51.76
C ILE B 313 21.22 -19.95 52.99
N GLY B 314 20.61 -21.13 52.86
CA GLY B 314 19.83 -21.64 53.96
C GLY B 314 18.43 -21.05 54.01
N LYS B 315 17.82 -21.15 55.19
CA LYS B 315 16.46 -20.68 55.42
C LYS B 315 16.35 -19.55 56.42
N ASN B 316 17.43 -19.07 57.03
CA ASN B 316 17.26 -17.96 58.00
C ASN B 316 17.53 -16.54 57.53
N ARG B 317 17.74 -16.39 56.23
CA ARG B 317 17.93 -15.05 55.74
C ARG B 317 17.53 -15.08 54.29
N GLN B 318 17.31 -13.89 53.74
CA GLN B 318 16.99 -13.79 52.31
C GLN B 318 18.27 -13.77 51.48
N PRO B 319 18.18 -13.98 50.17
CA PRO B 319 19.43 -13.93 49.38
C PRO B 319 19.92 -12.49 49.38
N LYS B 320 21.24 -12.28 49.24
CA LYS B 320 21.82 -10.93 49.12
C LYS B 320 22.67 -11.02 47.83
N PHE B 321 22.94 -9.89 47.19
CA PHE B 321 23.65 -9.93 45.89
C PHE B 321 25.07 -10.58 45.93
N GLU B 322 25.76 -10.48 47.07
CA GLU B 322 27.09 -11.09 47.21
C GLU B 322 27.05 -12.60 47.15
N ASP B 323 25.87 -13.21 47.39
CA ASP B 323 25.82 -14.66 47.33
C ASP B 323 26.13 -15.18 45.97
N ARG B 324 26.03 -14.34 44.92
CA ARG B 324 26.27 -14.89 43.59
C ARG B 324 27.69 -15.41 43.47
N ALA B 325 28.61 -14.77 44.15
CA ALA B 325 30.03 -15.26 44.12
C ALA B 325 30.12 -16.74 44.52
N LYS B 326 29.21 -17.20 45.39
CA LYS B 326 29.26 -18.58 45.83
C LYS B 326 28.21 -19.51 45.18
N MET B 327 27.53 -18.98 44.15
CA MET B 327 26.49 -19.74 43.49
C MET B 327 26.67 -19.75 42.01
N PRO B 328 27.71 -20.42 41.52
CA PRO B 328 28.00 -20.51 40.09
C PRO B 328 26.88 -21.22 39.32
N TYR B 329 26.14 -22.13 39.95
CA TYR B 329 25.04 -22.79 39.21
C TYR B 329 23.88 -21.80 38.95
N MET B 330 23.45 -21.05 39.96
CA MET B 330 22.38 -20.11 39.79
C MET B 330 22.84 -19.04 38.78
N GLU B 331 24.10 -18.64 38.86
CA GLU B 331 24.60 -17.63 37.91
C GLU B 331 24.53 -18.16 36.51
N ALA B 332 24.87 -19.44 36.33
CA ALA B 332 24.84 -20.05 35.01
C ALA B 332 23.40 -20.14 34.49
N VAL B 333 22.49 -20.45 35.40
CA VAL B 333 21.08 -20.59 35.03
C VAL B 333 20.50 -19.21 34.61
N ILE B 334 20.85 -18.15 35.32
CA ILE B 334 20.28 -16.83 34.94
C ILE B 334 20.88 -16.40 33.64
N HIS B 335 22.16 -16.67 33.44
CA HIS B 335 22.78 -16.31 32.19
C HIS B 335 22.12 -17.10 31.06
N GLU B 336 21.84 -18.39 31.31
CA GLU B 336 21.25 -19.20 30.23
C GLU B 336 19.81 -18.77 29.95
N ILE B 337 19.11 -18.32 30.99
CA ILE B 337 17.77 -17.84 30.79
C ILE B 337 17.82 -16.57 29.88
N GLN B 338 18.79 -15.68 30.13
CA GLN B 338 18.88 -14.50 29.29
C GLN B 338 19.34 -14.84 27.90
N ARG B 339 20.20 -15.84 27.79
CA ARG B 339 20.72 -16.20 26.48
C ARG B 339 19.60 -16.84 25.65
N PHE B 340 18.90 -17.78 26.27
CA PHE B 340 17.82 -18.53 25.59
C PHE B 340 16.63 -17.60 25.31
N GLY B 341 16.27 -16.81 26.33
CA GLY B 341 15.16 -15.87 26.18
C GLY B 341 15.28 -14.80 25.09
N ASP B 342 16.49 -14.29 24.88
CA ASP B 342 16.78 -13.33 23.79
C ASP B 342 15.68 -12.30 23.74
N VAL B 343 15.49 -11.63 24.87
CA VAL B 343 14.36 -10.74 25.03
C VAL B 343 14.28 -9.51 24.10
N ILE B 344 15.41 -8.97 23.68
CA ILE B 344 15.50 -7.85 22.71
C ILE B 344 16.42 -8.45 21.64
N PRO B 345 15.84 -9.29 20.76
CA PRO B 345 16.65 -9.98 19.72
C PRO B 345 17.46 -9.19 18.73
N MET B 346 16.99 -7.99 18.39
CA MET B 346 17.70 -7.15 17.41
C MET B 346 18.19 -5.85 18.09
N SER B 347 18.34 -5.92 19.41
CA SER B 347 18.76 -4.74 20.18
C SER B 347 17.82 -3.57 19.87
N LEU B 348 18.31 -2.37 20.20
CA LEU B 348 17.68 -1.10 19.80
C LEU B 348 18.62 -0.68 18.68
N ALA B 349 18.06 -0.20 17.59
CA ALA B 349 18.95 0.09 16.48
C ALA B 349 20.04 1.14 16.73
N ARG B 350 21.19 0.94 16.10
CA ARG B 350 22.26 1.94 16.18
C ARG B 350 22.26 2.66 14.82
N ARG B 351 23.24 3.57 14.65
CA ARG B 351 23.32 4.38 13.45
C ARG B 351 24.77 4.94 13.42
N VAL B 352 25.43 4.99 12.26
CA VAL B 352 26.83 5.49 12.26
C VAL B 352 26.85 7.00 12.31
N LYS B 353 27.75 7.52 13.13
CA LYS B 353 27.88 8.95 13.34
C LYS B 353 28.55 9.70 12.19
N LYS B 354 29.32 9.00 11.37
CA LYS B 354 30.01 9.61 10.21
C LYS B 354 30.21 8.54 9.17
N ASP B 355 30.69 8.92 7.98
CA ASP B 355 30.97 7.92 6.94
C ASP B 355 31.93 6.97 7.62
N THR B 356 31.67 5.67 7.49
CA THR B 356 32.48 4.67 8.17
C THR B 356 32.94 3.52 7.31
N LYS B 357 34.20 3.13 7.47
CA LYS B 357 34.69 1.96 6.76
C LYS B 357 34.56 0.83 7.76
N PHE B 358 33.95 -0.27 7.39
CA PHE B 358 33.79 -1.38 8.34
C PHE B 358 34.08 -2.61 7.52
N ARG B 359 35.08 -3.38 7.97
CA ARG B 359 35.52 -4.54 7.20
C ARG B 359 35.81 -3.93 5.82
N ASP B 360 35.31 -4.50 4.74
CA ASP B 360 35.63 -3.86 3.46
C ASP B 360 34.43 -3.19 2.85
N PHE B 361 33.59 -2.65 3.74
CA PHE B 361 32.37 -1.98 3.38
C PHE B 361 32.46 -0.51 3.77
N PHE B 362 31.60 0.30 3.16
CA PHE B 362 31.55 1.71 3.44
C PHE B 362 30.12 2.00 3.94
N LEU B 363 30.01 2.64 5.08
CA LEU B 363 28.71 3.00 5.62
C LEU B 363 28.59 4.51 5.69
N PRO B 364 27.75 5.08 4.82
CA PRO B 364 27.62 6.55 4.88
C PRO B 364 27.05 7.01 6.22
N LYS B 365 27.40 8.24 6.58
CA LYS B 365 26.93 8.87 7.79
C LYS B 365 25.41 8.78 7.87
N GLY B 366 24.89 8.45 9.05
CA GLY B 366 23.45 8.33 9.29
C GLY B 366 22.87 6.93 9.01
N THR B 367 23.64 6.01 8.40
CA THR B 367 23.16 4.66 8.07
C THR B 367 22.78 3.92 9.37
N GLU B 368 21.55 3.37 9.43
CA GLU B 368 21.12 2.61 10.61
C GLU B 368 21.77 1.23 10.64
N VAL B 369 21.87 0.68 11.84
CA VAL B 369 22.54 -0.61 12.06
C VAL B 369 21.69 -1.48 12.97
N TYR B 370 21.50 -2.75 12.57
CA TYR B 370 20.73 -3.69 13.36
C TYR B 370 21.72 -4.71 13.95
N PRO B 371 22.06 -4.58 15.25
CA PRO B 371 23.01 -5.53 15.87
C PRO B 371 22.12 -6.70 16.27
N MET B 372 22.26 -7.83 15.56
CA MET B 372 21.39 -8.96 15.83
C MET B 372 21.87 -9.73 17.07
N LEU B 373 21.49 -9.25 18.25
CA LEU B 373 21.92 -9.85 19.50
C LEU B 373 21.57 -11.35 19.57
N GLY B 374 20.40 -11.70 19.06
CA GLY B 374 20.00 -13.09 19.13
C GLY B 374 20.95 -14.03 18.42
N SER B 375 21.56 -13.57 17.31
CA SER B 375 22.51 -14.37 16.52
C SER B 375 23.85 -14.46 17.22
N VAL B 376 24.07 -13.61 18.22
CA VAL B 376 25.30 -13.62 19.02
C VAL B 376 25.03 -14.58 20.20
N LEU B 377 23.87 -14.45 20.81
CA LEU B 377 23.48 -15.32 21.92
C LEU B 377 23.38 -16.79 21.45
N ARG B 378 23.18 -17.01 20.16
CA ARG B 378 23.10 -18.41 19.66
C ARG B 378 24.25 -18.71 18.69
N ASP B 379 25.34 -17.95 18.81
CA ASP B 379 26.45 -18.14 17.87
C ASP B 379 27.06 -19.54 18.12
N PRO B 380 26.97 -20.46 17.12
CA PRO B 380 27.49 -21.82 17.20
C PRO B 380 28.96 -21.92 17.62
N SER B 381 29.74 -20.88 17.34
CA SER B 381 31.13 -20.90 17.76
C SER B 381 31.33 -20.59 19.24
N PHE B 382 30.27 -20.21 19.93
CA PHE B 382 30.42 -19.84 21.33
C PHE B 382 29.58 -20.67 22.27
N PHE B 383 28.64 -21.44 21.73
CA PHE B 383 27.78 -22.26 22.56
C PHE B 383 27.58 -23.61 21.86
N SER B 384 27.80 -24.71 22.58
CA SER B 384 27.71 -26.06 21.98
C SER B 384 26.35 -26.42 21.38
N ASN B 385 25.26 -26.10 22.06
CA ASN B 385 23.92 -26.40 21.53
C ASN B 385 23.07 -25.13 21.71
N PRO B 386 23.32 -24.12 20.88
CA PRO B 386 22.57 -22.87 21.00
C PRO B 386 21.05 -22.88 21.00
N GLN B 387 20.45 -23.90 20.38
CA GLN B 387 18.99 -23.97 20.34
C GLN B 387 18.45 -24.59 21.60
N ASP B 388 19.34 -25.14 22.42
CA ASP B 388 18.87 -25.75 23.65
C ASP B 388 19.03 -24.84 24.86
N PHE B 389 18.21 -25.13 25.89
CA PHE B 389 18.34 -24.47 27.17
C PHE B 389 19.29 -25.41 27.98
N ASN B 390 20.52 -24.94 28.23
CA ASN B 390 21.49 -25.73 28.96
C ASN B 390 22.45 -24.81 29.77
N PRO B 391 22.26 -24.73 31.10
CA PRO B 391 23.13 -23.91 31.96
C PRO B 391 24.61 -24.31 31.83
N GLN B 392 24.88 -25.53 31.33
CA GLN B 392 26.29 -25.91 31.14
C GLN B 392 26.98 -24.96 30.15
N HIS B 393 26.20 -24.18 29.39
CA HIS B 393 26.80 -23.23 28.46
C HIS B 393 27.67 -22.17 29.18
N PHE B 394 27.42 -21.98 30.48
CA PHE B 394 28.12 -21.03 31.35
C PHE B 394 28.81 -21.69 32.54
N LEU B 395 29.26 -22.94 32.32
CA LEU B 395 29.94 -23.67 33.36
C LEU B 395 31.16 -24.39 32.76
N ASN B 396 32.25 -24.56 33.54
CA ASN B 396 33.37 -25.36 33.01
C ASN B 396 33.18 -26.79 33.54
N GLU B 397 34.08 -27.72 33.20
CA GLU B 397 33.87 -29.11 33.67
C GLU B 397 33.83 -29.30 35.18
N LYS B 398 34.25 -28.30 35.94
CA LYS B 398 34.26 -28.41 37.39
C LYS B 398 33.09 -27.72 38.07
N GLY B 399 32.11 -27.28 37.27
CA GLY B 399 30.96 -26.59 37.85
C GLY B 399 31.19 -25.14 38.25
N GLN B 400 32.28 -24.55 37.76
CA GLN B 400 32.54 -23.15 38.04
C GLN B 400 31.92 -22.28 36.91
N PHE B 401 31.51 -21.08 37.28
CA PHE B 401 30.95 -20.15 36.29
C PHE B 401 31.96 -19.76 35.20
N LYS B 402 31.52 -19.79 33.93
CA LYS B 402 32.38 -19.49 32.79
C LYS B 402 31.73 -18.42 31.92
N LYS B 403 32.35 -17.24 31.88
CA LYS B 403 31.87 -16.11 31.08
C LYS B 403 32.01 -16.41 29.61
N SER B 404 31.22 -15.69 28.79
CA SER B 404 31.28 -15.82 27.34
C SER B 404 31.26 -14.43 26.73
N ASP B 405 32.10 -14.20 25.72
CA ASP B 405 32.16 -12.90 25.02
C ASP B 405 30.86 -12.77 24.20
N ALA B 406 30.17 -13.90 23.97
CA ALA B 406 28.90 -13.83 23.20
C ALA B 406 27.68 -13.60 24.10
N PHE B 407 27.89 -13.39 25.40
CA PHE B 407 26.75 -13.09 26.28
C PHE B 407 26.52 -11.57 26.17
N VAL B 408 25.58 -11.15 25.31
CA VAL B 408 25.35 -9.73 25.06
C VAL B 408 23.86 -9.34 25.13
N PRO B 409 23.11 -9.85 26.10
CA PRO B 409 21.67 -9.50 26.16
C PRO B 409 21.38 -8.02 26.40
N PHE B 410 22.37 -7.34 27.01
CA PHE B 410 22.32 -5.89 27.31
C PHE B 410 23.00 -5.05 26.24
N SER B 411 23.39 -5.71 25.16
CA SER B 411 24.16 -5.17 24.06
C SER B 411 25.58 -4.82 24.63
N ILE B 412 26.33 -4.05 23.84
CA ILE B 412 27.69 -3.66 24.18
C ILE B 412 27.99 -2.35 23.46
N GLY B 413 29.06 -1.68 23.90
CA GLY B 413 29.43 -0.45 23.27
C GLY B 413 28.97 0.75 24.02
N LYS B 414 29.06 1.87 23.34
CA LYS B 414 28.77 3.16 23.94
C LYS B 414 27.35 3.52 24.35
N ARG B 415 26.35 2.90 23.75
CA ARG B 415 24.99 3.20 24.13
C ARG B 415 24.39 1.92 24.72
N ASN B 416 25.25 1.09 25.31
CA ASN B 416 24.77 -0.14 25.95
C ASN B 416 23.79 0.16 27.09
N CYS B 417 23.11 -0.89 27.53
CA CYS B 417 22.10 -0.75 28.56
C CYS B 417 22.76 -0.29 29.88
N PHE B 418 22.45 0.92 30.34
CA PHE B 418 22.99 1.35 31.63
C PHE B 418 22.08 0.93 32.78
N GLY B 419 21.00 0.19 32.45
CA GLY B 419 20.18 -0.38 33.50
C GLY B 419 20.74 -1.76 33.80
N GLU B 420 21.84 -2.21 33.15
CA GLU B 420 22.34 -3.55 33.35
C GLU B 420 22.60 -3.91 34.81
N GLY B 421 23.23 -3.00 35.55
CA GLY B 421 23.53 -3.32 36.95
C GLY B 421 22.26 -3.60 37.77
N LEU B 422 21.30 -2.68 37.65
CA LEU B 422 20.04 -2.83 38.36
C LEU B 422 19.31 -4.10 37.91
N ALA B 423 19.33 -4.39 36.59
CA ALA B 423 18.66 -5.59 36.07
C ALA B 423 19.31 -6.88 36.60
N ARG B 424 20.65 -6.93 36.62
CA ARG B 424 21.36 -8.10 37.13
C ARG B 424 21.08 -8.39 38.59
N MET B 425 21.01 -7.34 39.40
CA MET B 425 20.73 -7.50 40.80
C MET B 425 19.27 -7.95 40.98
N GLU B 426 18.34 -7.35 40.22
CA GLU B 426 16.94 -7.77 40.32
C GLU B 426 16.80 -9.22 39.87
N LEU B 427 17.42 -9.59 38.75
CA LEU B 427 17.26 -10.95 38.32
C LEU B 427 17.79 -11.96 39.34
N PHE B 428 19.01 -11.67 39.82
CA PHE B 428 19.56 -12.59 40.81
C PHE B 428 18.73 -12.70 42.10
N LEU B 429 18.33 -11.55 42.70
CA LEU B 429 17.58 -11.57 43.92
C LEU B 429 16.12 -12.07 43.74
N PHE B 430 15.47 -11.73 42.62
CA PHE B 430 14.11 -12.24 42.44
C PHE B 430 14.10 -13.73 42.08
N PHE B 431 14.96 -14.19 41.17
CA PHE B 431 14.97 -15.62 40.88
C PHE B 431 15.37 -16.42 42.13
N THR B 432 16.42 -15.97 42.84
CA THR B 432 16.87 -16.76 43.97
C THR B 432 15.86 -16.75 45.12
N THR B 433 15.29 -15.60 45.45
CA THR B 433 14.32 -15.58 46.55
C THR B 433 13.06 -16.41 46.23
N VAL B 434 12.59 -16.37 44.98
CA VAL B 434 11.42 -17.19 44.69
C VAL B 434 11.76 -18.67 44.81
N MET B 435 12.93 -19.07 44.28
CA MET B 435 13.27 -20.49 44.29
C MET B 435 13.67 -20.97 45.70
N GLN B 436 14.06 -20.02 46.56
CA GLN B 436 14.37 -20.39 47.96
C GLN B 436 13.06 -20.82 48.65
N ASN B 437 11.97 -20.12 48.31
CA ASN B 437 10.66 -20.38 48.91
C ASN B 437 9.65 -21.32 48.25
N PHE B 438 9.82 -21.59 46.96
CA PHE B 438 8.83 -22.40 46.27
C PHE B 438 9.42 -23.37 45.32
N ARG B 439 8.70 -24.47 45.08
CA ARG B 439 9.06 -25.39 44.03
C ARG B 439 8.01 -25.07 42.95
N LEU B 440 8.32 -25.27 41.67
CA LEU B 440 7.34 -24.88 40.64
C LEU B 440 6.55 -26.05 40.08
N LYS B 441 5.25 -25.86 39.94
CA LYS B 441 4.44 -26.94 39.38
C LYS B 441 3.70 -26.50 38.11
N SER B 442 3.99 -27.17 36.99
CA SER B 442 3.36 -26.85 35.71
C SER B 442 2.00 -27.50 35.45
N SER B 443 1.29 -26.93 34.50
CA SER B 443 -0.02 -27.44 34.14
C SER B 443 0.21 -28.68 33.31
N GLN B 444 1.33 -28.72 32.61
CA GLN B 444 1.57 -29.88 31.76
C GLN B 444 2.88 -30.60 32.03
N SER B 445 3.05 -31.74 31.37
CA SER B 445 4.25 -32.54 31.51
C SER B 445 5.38 -31.78 30.80
N PRO B 446 6.59 -31.73 31.40
CA PRO B 446 7.71 -31.02 30.79
C PRO B 446 7.92 -31.22 29.30
N LYS B 447 7.73 -32.46 28.82
CA LYS B 447 7.89 -32.76 27.40
C LYS B 447 6.88 -31.94 26.58
N ASP B 448 5.75 -31.56 27.20
CA ASP B 448 4.71 -30.80 26.51
C ASP B 448 4.82 -29.29 26.57
N ILE B 449 5.65 -28.77 27.48
CA ILE B 449 5.80 -27.32 27.65
C ILE B 449 6.50 -26.75 26.42
N ASP B 450 5.87 -25.74 25.80
CA ASP B 450 6.42 -25.15 24.61
C ASP B 450 7.12 -23.86 25.03
N VAL B 451 8.46 -23.85 25.00
CA VAL B 451 9.22 -22.62 25.34
C VAL B 451 9.61 -21.83 24.07
N SER B 452 9.01 -22.17 22.94
CA SER B 452 9.29 -21.42 21.72
C SER B 452 8.51 -20.11 22.00
N PRO B 453 8.98 -18.97 21.46
CA PRO B 453 8.23 -17.71 21.72
C PRO B 453 6.90 -17.58 21.00
N LYS B 454 6.05 -16.75 21.59
CA LYS B 454 4.76 -16.48 21.01
C LYS B 454 4.90 -15.43 19.92
N HIS B 455 5.74 -14.44 20.16
CA HIS B 455 5.96 -13.33 19.21
C HIS B 455 7.39 -12.99 19.26
N VAL B 456 7.93 -12.69 18.09
CA VAL B 456 9.30 -12.22 17.99
C VAL B 456 9.33 -11.05 17.01
N GLY B 457 9.81 -9.90 17.48
CA GLY B 457 9.90 -8.76 16.62
C GLY B 457 10.84 -7.87 17.39
N PHE B 458 10.36 -6.71 17.87
CA PHE B 458 11.27 -5.88 18.66
C PHE B 458 11.68 -6.68 19.93
N ALA B 459 10.74 -7.45 20.46
CA ALA B 459 10.99 -8.24 21.64
C ALA B 459 10.72 -9.68 21.34
N THR B 460 11.14 -10.53 22.28
CA THR B 460 10.83 -11.98 22.20
C THR B 460 9.88 -12.15 23.39
N ILE B 461 8.63 -12.57 23.12
CA ILE B 461 7.61 -12.74 24.17
C ILE B 461 7.25 -14.23 24.38
N PRO B 462 7.41 -14.77 25.59
CA PRO B 462 7.09 -16.18 25.82
C PRO B 462 5.58 -16.41 25.73
N ARG B 463 5.20 -17.65 25.44
CA ARG B 463 3.74 -18.01 25.40
C ARG B 463 3.05 -17.77 26.75
N ASN B 464 1.75 -17.48 26.75
CA ASN B 464 1.05 -17.27 28.02
C ASN B 464 0.93 -18.64 28.64
N TYR B 465 0.98 -18.65 29.96
CA TYR B 465 0.89 -19.91 30.68
C TYR B 465 0.47 -19.66 32.11
N THR B 466 0.10 -20.73 32.82
CA THR B 466 -0.22 -20.62 34.25
C THR B 466 0.65 -21.69 34.91
N MET B 467 0.85 -21.50 36.20
CA MET B 467 1.70 -22.35 36.98
C MET B 467 1.32 -22.18 38.46
N SER B 468 1.78 -23.14 39.24
CA SER B 468 1.57 -23.18 40.67
C SER B 468 2.90 -23.04 41.47
N PHE B 469 2.85 -22.26 42.55
CA PHE B 469 4.00 -22.09 43.43
C PHE B 469 3.69 -22.82 44.74
N LEU B 470 4.39 -23.93 44.91
CA LEU B 470 4.21 -24.77 46.11
C LEU B 470 5.32 -24.53 47.15
N PRO B 471 4.94 -24.30 48.41
CA PRO B 471 5.95 -24.07 49.48
C PRO B 471 6.88 -25.27 49.51
N ARG B 472 8.18 -25.03 49.70
CA ARG B 472 9.14 -26.13 49.76
C ARG B 472 8.83 -26.82 51.09
N HIS B 473 7.87 -26.20 51.79
CA HIS B 473 7.33 -26.58 53.11
C HIS B 473 8.21 -25.80 54.04
N HIS B 474 9.19 -25.13 53.43
CA HIS B 474 10.13 -24.27 54.16
C HIS B 474 9.28 -23.14 54.74
N GLY C 9 -13.21 28.98 15.69
CA GLY C 9 -13.51 27.58 16.21
C GLY C 9 -12.22 26.95 16.72
N LYS C 10 -11.20 27.81 16.79
CA LYS C 10 -9.84 27.48 17.19
C LYS C 10 -9.04 27.62 15.92
N LEU C 11 -8.62 26.53 15.22
CA LEU C 11 -7.91 26.78 13.97
C LEU C 11 -8.89 27.36 12.93
N PRO C 12 -8.37 28.06 11.93
CA PRO C 12 -9.25 28.63 10.88
C PRO C 12 -10.01 27.49 10.21
N PRO C 13 -11.21 27.76 9.71
CA PRO C 13 -12.02 26.75 9.03
C PRO C 13 -11.37 26.30 7.74
N GLY C 14 -11.84 25.18 7.22
CA GLY C 14 -11.35 24.71 5.92
C GLY C 14 -12.04 23.41 5.63
N PRO C 15 -11.83 22.88 4.42
CA PRO C 15 -12.45 21.60 3.99
C PRO C 15 -11.97 20.44 4.84
N THR C 16 -12.90 19.51 5.11
CA THR C 16 -12.53 18.41 5.97
C THR C 16 -11.52 17.51 5.21
N PRO C 17 -10.45 17.20 5.89
CA PRO C 17 -9.42 16.34 5.25
C PRO C 17 -9.66 14.90 5.51
N LEU C 18 -8.93 14.03 4.78
CA LEU C 18 -8.99 12.62 5.05
C LEU C 18 -7.59 12.23 5.55
N PRO C 19 -7.50 11.12 6.28
CA PRO C 19 -6.24 10.62 6.80
C PRO C 19 -5.18 10.47 5.67
N PHE C 20 -3.97 10.98 5.97
CA PHE C 20 -2.75 10.95 5.11
C PHE C 20 -2.84 11.84 3.87
N ILE C 21 -3.90 11.66 3.07
CA ILE C 21 -4.01 12.51 1.87
C ILE C 21 -4.42 13.98 2.14
N GLY C 22 -4.90 14.22 3.36
CA GLY C 22 -5.27 15.60 3.69
C GLY C 22 -6.39 16.11 2.81
N ASN C 23 -6.21 17.30 2.21
CA ASN C 23 -7.22 17.90 1.33
C ASN C 23 -6.92 17.64 -0.14
N TYR C 24 -6.19 16.54 -0.41
CA TYR C 24 -5.89 16.22 -1.81
C TYR C 24 -7.13 16.29 -2.69
N LEU C 25 -8.31 15.86 -2.19
CA LEU C 25 -9.49 15.86 -3.06
C LEU C 25 -9.98 17.24 -3.46
N GLN C 26 -9.59 18.27 -2.73
CA GLN C 26 -9.96 19.65 -3.06
C GLN C 26 -8.79 20.42 -3.72
N LEU C 27 -7.70 19.71 -4.04
CA LEU C 27 -6.53 20.38 -4.64
C LEU C 27 -6.10 19.85 -5.97
N ASN C 28 -6.00 20.74 -6.95
CA ASN C 28 -5.51 20.33 -8.28
C ASN C 28 -4.03 20.71 -8.21
N THR C 29 -3.11 19.74 -8.12
CA THR C 29 -1.72 20.15 -7.93
C THR C 29 -1.10 20.86 -9.10
N GLU C 30 -1.72 20.78 -10.28
CA GLU C 30 -1.18 21.55 -11.44
C GLU C 30 -1.52 23.07 -11.29
N GLN C 31 -2.49 23.36 -10.41
CA GLN C 31 -2.91 24.76 -10.20
C GLN C 31 -3.21 24.96 -8.71
N MET C 32 -2.15 24.88 -7.88
CA MET C 32 -2.33 25.04 -6.44
C MET C 32 -2.91 26.42 -6.09
N TYR C 33 -2.44 27.44 -6.76
CA TYR C 33 -2.90 28.79 -6.47
C TYR C 33 -4.37 28.88 -6.75
N ASN C 34 -4.77 28.45 -7.94
CA ASN C 34 -6.21 28.52 -8.21
C ASN C 34 -7.04 27.61 -7.28
N SER C 35 -6.54 26.40 -6.93
CA SER C 35 -7.29 25.55 -6.04
C SER C 35 -7.48 26.24 -4.70
N LEU C 36 -6.39 26.83 -4.19
CA LEU C 36 -6.45 27.48 -2.85
C LEU C 36 -7.36 28.70 -2.92
N MET C 37 -7.34 29.40 -4.03
CA MET C 37 -8.27 30.58 -4.12
C MET C 37 -9.71 30.10 -4.20
N LYS C 38 -9.97 28.96 -4.88
CA LYS C 38 -11.36 28.45 -4.93
C LYS C 38 -11.83 28.05 -3.52
N ILE C 39 -10.92 27.53 -2.70
CA ILE C 39 -11.29 27.17 -1.33
C ILE C 39 -11.53 28.50 -0.54
N SER C 40 -10.68 29.52 -0.75
CA SER C 40 -10.85 30.83 -0.03
C SER C 40 -12.22 31.44 -0.39
N GLU C 41 -12.62 31.22 -1.64
CA GLU C 41 -13.93 31.76 -2.07
C GLU C 41 -15.08 31.15 -1.25
N ARG C 42 -14.88 29.96 -0.71
CA ARG C 42 -15.89 29.29 0.05
C ARG C 42 -15.75 29.45 1.52
N TYR C 43 -14.50 29.51 1.99
CA TYR C 43 -14.26 29.57 3.44
C TYR C 43 -13.81 30.89 4.01
N GLY C 44 -13.37 31.81 3.16
CA GLY C 44 -12.85 33.07 3.72
C GLY C 44 -11.39 33.26 3.38
N PRO C 45 -10.80 34.39 3.70
CA PRO C 45 -9.41 34.71 3.39
C PRO C 45 -8.39 34.01 4.25
N VAL C 46 -8.81 33.43 5.38
CA VAL C 46 -7.87 32.76 6.31
C VAL C 46 -8.49 31.37 6.54
N PHE C 47 -7.80 30.31 6.09
CA PHE C 47 -8.39 29.00 6.22
C PHE C 47 -7.26 27.97 6.39
N THR C 48 -7.66 26.81 6.85
CA THR C 48 -6.72 25.71 7.09
C THR C 48 -6.79 24.70 5.95
N ILE C 49 -5.61 24.26 5.50
CA ILE C 49 -5.57 23.23 4.36
C ILE C 49 -4.58 22.17 4.83
N HIS C 50 -4.76 20.93 4.32
CA HIS C 50 -3.86 19.82 4.72
C HIS C 50 -3.21 19.32 3.42
N LEU C 51 -1.94 19.69 3.24
CA LEU C 51 -1.15 19.33 2.01
C LEU C 51 -0.63 17.93 2.42
N GLY C 52 -1.46 16.94 2.13
CA GLY C 52 -1.21 15.59 2.65
C GLY C 52 -1.23 15.76 4.16
N PRO C 53 -0.25 15.29 4.92
CA PRO C 53 -0.24 15.42 6.38
C PRO C 53 0.26 16.76 6.96
N ARG C 54 0.68 17.66 6.07
CA ARG C 54 1.24 18.95 6.48
C ARG C 54 0.07 19.97 6.61
N ARG C 55 -0.17 20.41 7.82
CA ARG C 55 -1.30 21.31 8.07
C ARG C 55 -0.77 22.76 7.85
N VAL C 56 -1.51 23.57 7.07
CA VAL C 56 -1.02 24.90 6.71
C VAL C 56 -2.19 25.90 6.83
N VAL C 57 -1.90 27.05 7.44
CA VAL C 57 -2.92 28.10 7.41
C VAL C 57 -2.56 29.00 6.20
N VAL C 58 -3.57 29.25 5.35
CA VAL C 58 -3.40 30.01 4.11
C VAL C 58 -3.95 31.43 4.32
N LEU C 59 -3.16 32.45 3.94
CA LEU C 59 -3.59 33.89 4.09
C LEU C 59 -3.78 34.44 2.68
N CYS C 60 -5.03 34.90 2.39
CA CYS C 60 -5.39 35.41 1.08
C CYS C 60 -5.80 36.87 1.16
N GLY C 61 -5.33 37.64 0.20
CA GLY C 61 -5.66 39.07 0.06
C GLY C 61 -4.76 39.95 0.89
N HIS C 62 -4.68 41.21 0.49
CA HIS C 62 -3.86 42.14 1.23
C HIS C 62 -4.03 42.19 2.73
N ASP C 63 -5.25 42.35 3.19
CA ASP C 63 -5.40 42.51 4.61
C ASP C 63 -4.93 41.38 5.47
N ALA C 64 -5.25 40.15 5.06
CA ALA C 64 -4.87 39.02 5.89
C ALA C 64 -3.33 38.91 5.86
N VAL C 65 -2.74 39.09 4.70
CA VAL C 65 -1.26 38.94 4.61
C VAL C 65 -0.52 40.01 5.41
N ARG C 66 -0.98 41.25 5.28
CA ARG C 66 -0.32 42.30 6.05
C ARG C 66 -0.58 42.24 7.56
N GLU C 67 -1.80 41.90 7.98
CA GLU C 67 -2.08 41.75 9.40
C GLU C 67 -1.24 40.72 10.09
N ALA C 68 -0.98 39.62 9.39
CA ALA C 68 -0.17 38.61 9.99
C ALA C 68 1.33 38.95 9.89
N LEU C 69 1.82 39.11 8.65
CA LEU C 69 3.26 39.29 8.47
C LEU C 69 3.86 40.59 8.98
N VAL C 70 3.05 41.64 9.06
CA VAL C 70 3.57 42.93 9.56
C VAL C 70 2.94 43.26 10.93
N ASP C 71 1.62 43.24 11.05
CA ASP C 71 1.05 43.60 12.36
C ASP C 71 1.37 42.63 13.48
N GLN C 72 1.60 41.34 13.15
CA GLN C 72 2.02 40.37 14.15
C GLN C 72 3.34 39.76 13.58
N ALA C 73 4.24 40.68 13.13
CA ALA C 73 5.52 40.31 12.48
C ALA C 73 6.32 39.28 13.25
N GLU C 74 6.52 39.48 14.55
CA GLU C 74 7.30 38.51 15.29
C GLU C 74 6.69 37.13 15.36
N GLU C 75 5.40 37.07 15.65
CA GLU C 75 4.73 35.80 15.75
C GLU C 75 4.77 35.02 14.43
N PHE C 76 4.72 35.73 13.31
CA PHE C 76 4.72 35.02 12.03
C PHE C 76 6.11 34.98 11.39
N SER C 77 7.15 35.16 12.19
CA SER C 77 8.51 35.30 11.63
C SER C 77 9.27 34.00 11.42
N GLY C 78 8.65 32.88 11.74
CA GLY C 78 9.34 31.60 11.52
C GLY C 78 9.31 31.28 10.02
N ARG C 79 10.20 30.34 9.60
CA ARG C 79 10.33 29.88 8.22
C ARG C 79 9.74 28.49 8.13
N GLY C 80 8.82 28.32 7.19
CA GLY C 80 8.14 27.04 6.94
C GLY C 80 8.99 26.18 6.02
N GLU C 81 8.36 25.17 5.44
CA GLU C 81 9.20 24.27 4.61
C GLU C 81 8.96 24.42 3.13
N GLN C 82 9.95 23.99 2.32
CA GLN C 82 9.67 23.89 0.88
C GLN C 82 10.39 22.54 0.70
N ALA C 83 9.58 21.51 0.52
CA ALA C 83 10.15 20.14 0.55
C ALA C 83 11.20 19.83 -0.48
N THR C 84 11.01 20.33 -1.70
CA THR C 84 12.05 20.07 -2.72
C THR C 84 13.36 20.72 -2.29
N PHE C 85 13.32 21.98 -1.88
CA PHE C 85 14.58 22.59 -1.48
C PHE C 85 15.14 22.00 -0.21
N ASP C 86 14.23 21.64 0.72
CA ASP C 86 14.69 21.02 1.95
C ASP C 86 15.54 19.79 1.73
N TRP C 87 15.28 19.10 0.62
CA TRP C 87 16.03 17.89 0.29
C TRP C 87 17.56 18.16 0.37
N VAL C 88 17.99 19.30 -0.13
CA VAL C 88 19.44 19.61 -0.06
C VAL C 88 19.78 20.53 1.14
N PHE C 89 18.91 21.49 1.45
CA PHE C 89 19.26 22.39 2.53
C PHE C 89 19.20 21.85 3.97
N LYS C 90 18.21 21.02 4.30
CA LYS C 90 18.15 20.42 5.59
C LYS C 90 18.17 21.45 6.74
N GLY C 91 17.64 22.61 6.44
CA GLY C 91 17.52 23.65 7.47
C GLY C 91 18.74 24.51 7.66
N TYR C 92 19.76 24.29 6.83
CA TYR C 92 20.97 25.12 6.89
C TYR C 92 20.90 26.25 5.90
N GLY C 93 21.76 27.28 6.05
CA GLY C 93 21.74 28.41 5.16
C GLY C 93 20.78 29.52 5.64
N VAL C 94 20.88 30.65 5.00
CA VAL C 94 20.09 31.81 5.48
C VAL C 94 18.59 31.76 5.17
N VAL C 95 18.22 31.19 4.03
CA VAL C 95 16.82 31.21 3.65
C VAL C 95 15.90 30.23 4.39
N PHE C 96 16.34 28.98 4.41
CA PHE C 96 15.52 27.95 4.98
C PHE C 96 15.80 27.64 6.48
N SER C 97 16.57 28.46 7.15
CA SER C 97 16.90 28.24 8.53
C SER C 97 15.87 28.97 9.43
N ASN C 98 16.01 28.71 10.73
CA ASN C 98 15.14 29.32 11.74
C ASN C 98 15.96 29.72 12.95
N GLY C 99 15.30 30.43 13.87
CA GLY C 99 15.93 30.79 15.16
C GLY C 99 17.21 31.58 15.08
N GLU C 100 18.15 31.22 15.95
CA GLU C 100 19.46 31.84 16.07
C GLU C 100 20.25 31.72 14.77
N ARG C 101 20.18 30.55 14.15
CA ARG C 101 20.89 30.33 12.88
C ARG C 101 20.46 31.36 11.83
N ALA C 102 19.16 31.51 11.64
CA ALA C 102 18.65 32.47 10.67
C ALA C 102 19.02 33.91 11.05
N LYS C 103 18.85 34.24 12.32
CA LYS C 103 19.18 35.59 12.78
C LYS C 103 20.66 35.98 12.48
N GLN C 104 21.58 35.10 12.82
CA GLN C 104 23.00 35.37 12.61
C GLN C 104 23.37 35.39 11.10
N LEU C 105 22.82 34.43 10.35
CA LEU C 105 23.19 34.42 8.92
C LEU C 105 22.60 35.57 8.14
N ARG C 106 21.39 35.98 8.51
CA ARG C 106 20.76 37.10 7.81
C ARG C 106 21.53 38.38 8.14
N ARG C 107 21.83 38.60 9.41
CA ARG C 107 22.57 39.85 9.70
C ARG C 107 23.91 39.90 8.96
N PHE C 108 24.64 38.79 8.99
CA PHE C 108 25.91 38.75 8.30
C PHE C 108 25.74 38.92 6.81
N SER C 109 24.72 38.28 6.21
CA SER C 109 24.60 38.37 4.77
C SER C 109 24.29 39.79 4.30
N ILE C 110 23.31 40.40 4.97
CA ILE C 110 22.98 41.76 4.60
C ILE C 110 24.23 42.70 4.71
N ALA C 111 24.97 42.57 5.80
CA ALA C 111 26.12 43.47 5.99
C ALA C 111 27.19 43.18 4.95
N THR C 112 27.41 41.88 4.67
CA THR C 112 28.45 41.56 3.67
C THR C 112 28.05 41.96 2.20
N LEU C 113 26.76 41.81 1.82
CA LEU C 113 26.31 42.27 0.51
C LEU C 113 26.62 43.78 0.40
N ARG C 114 26.31 44.54 1.46
CA ARG C 114 26.62 45.97 1.47
C ARG C 114 28.14 46.23 1.32
N ASP C 115 28.97 45.47 2.02
CA ASP C 115 30.42 45.64 1.91
C ASP C 115 30.88 45.44 0.46
N PHE C 116 30.21 44.56 -0.28
CA PHE C 116 30.58 44.33 -1.67
C PHE C 116 29.86 45.21 -2.69
N GLY C 117 29.25 46.27 -2.17
CA GLY C 117 28.67 47.26 -3.07
C GLY C 117 27.18 47.30 -3.29
N VAL C 118 26.41 46.40 -2.66
CA VAL C 118 24.97 46.41 -2.91
C VAL C 118 24.39 47.71 -2.30
N GLY C 119 23.51 48.35 -3.06
CA GLY C 119 22.89 49.58 -2.62
C GLY C 119 23.87 50.72 -2.87
N LYS C 120 25.03 50.43 -3.47
CA LYS C 120 26.03 51.49 -3.71
C LYS C 120 26.51 51.59 -5.15
N ARG C 121 27.39 52.56 -5.40
CA ARG C 121 27.86 52.77 -6.76
C ARG C 121 28.64 51.57 -7.23
N GLY C 122 29.28 50.86 -6.32
CA GLY C 122 30.09 49.71 -6.73
C GLY C 122 29.26 48.68 -7.51
N ILE C 123 28.13 48.27 -6.94
CA ILE C 123 27.33 47.29 -7.67
C ILE C 123 26.57 47.96 -8.83
N GLU C 124 26.28 49.26 -8.76
CA GLU C 124 25.63 49.90 -9.91
C GLU C 124 26.55 49.76 -11.13
N GLU C 125 27.82 50.06 -10.90
CA GLU C 125 28.84 49.97 -11.92
C GLU C 125 28.94 48.56 -12.52
N ARG C 126 28.91 47.58 -11.63
CA ARG C 126 28.96 46.17 -12.01
C ARG C 126 27.73 45.84 -12.90
N ILE C 127 26.57 46.32 -12.49
CA ILE C 127 25.37 46.03 -13.29
C ILE C 127 25.42 46.74 -14.67
N GLN C 128 25.89 47.99 -14.71
CA GLN C 128 25.98 48.73 -15.98
C GLN C 128 26.94 48.03 -16.90
N GLU C 129 28.03 47.51 -16.35
CA GLU C 129 28.99 46.82 -17.19
C GLU C 129 28.39 45.55 -17.73
N GLU C 130 27.75 44.77 -16.85
CA GLU C 130 27.15 43.53 -17.34
C GLU C 130 26.00 43.87 -18.32
N ALA C 131 25.28 44.94 -18.09
CA ALA C 131 24.20 45.32 -19.03
C ALA C 131 24.84 45.61 -20.42
N GLY C 132 26.05 46.18 -20.44
CA GLY C 132 26.68 46.44 -21.74
C GLY C 132 27.07 45.16 -22.43
N PHE C 133 27.54 44.16 -21.67
CA PHE C 133 27.90 42.89 -22.29
C PHE C 133 26.62 42.26 -22.90
N LEU C 134 25.46 42.45 -22.24
CA LEU C 134 24.20 41.89 -22.75
C LEU C 134 23.82 42.59 -24.08
N ILE C 135 24.01 43.90 -24.12
CA ILE C 135 23.72 44.62 -25.36
C ILE C 135 24.59 44.07 -26.49
N ASP C 136 25.88 43.85 -26.23
CA ASP C 136 26.75 43.33 -27.27
C ASP C 136 26.29 41.97 -27.77
N ALA C 137 25.85 41.14 -26.80
CA ALA C 137 25.42 39.80 -27.14
C ALA C 137 24.13 39.90 -27.98
N LEU C 138 23.20 40.80 -27.60
CA LEU C 138 21.93 40.92 -28.35
C LEU C 138 22.22 41.53 -29.75
N ARG C 139 23.11 42.53 -29.80
CA ARG C 139 23.48 43.14 -31.07
C ARG C 139 24.10 42.02 -31.96
N GLY C 140 24.84 41.10 -31.36
CA GLY C 140 25.42 40.00 -32.10
C GLY C 140 24.44 39.00 -32.73
N THR C 141 23.17 39.04 -32.36
CA THR C 141 22.21 38.10 -32.96
C THR C 141 21.77 38.60 -34.37
N GLY C 142 22.06 39.88 -34.62
CA GLY C 142 21.72 40.46 -35.92
C GLY C 142 20.23 40.52 -36.14
N GLY C 143 19.46 40.62 -35.04
CA GLY C 143 17.99 40.63 -35.11
C GLY C 143 17.37 39.23 -35.30
N ALA C 144 18.13 38.18 -35.06
CA ALA C 144 17.62 36.82 -35.24
C ALA C 144 16.47 36.53 -34.24
N ASN C 145 15.56 35.62 -34.63
CA ASN C 145 14.47 35.28 -33.73
C ASN C 145 15.08 34.23 -32.80
N ILE C 146 15.35 34.60 -31.56
CA ILE C 146 16.00 33.68 -30.60
C ILE C 146 15.26 33.50 -29.23
N ASP C 147 15.65 32.46 -28.50
CA ASP C 147 15.11 32.23 -27.13
C ASP C 147 15.99 33.15 -26.23
N PRO C 148 15.39 34.16 -25.61
CA PRO C 148 16.08 35.11 -24.76
C PRO C 148 16.49 34.55 -23.41
N THR C 149 16.02 33.34 -23.11
CA THR C 149 16.23 32.78 -21.75
C THR C 149 17.63 32.87 -21.19
N PHE C 150 18.62 32.30 -21.89
CA PHE C 150 19.97 32.35 -21.33
C PHE C 150 20.77 33.60 -21.59
N PHE C 151 20.35 34.40 -22.57
CA PHE C 151 21.01 35.69 -22.78
C PHE C 151 20.70 36.49 -21.49
N LEU C 152 19.48 36.40 -21.02
CA LEU C 152 19.12 37.19 -19.82
C LEU C 152 19.62 36.55 -18.52
N SER C 153 19.56 35.24 -18.40
CA SER C 153 19.98 34.66 -17.11
C SER C 153 21.51 34.77 -16.93
N ARG C 154 22.28 34.63 -18.02
CA ARG C 154 23.75 34.75 -17.85
C ARG C 154 24.04 36.15 -17.34
N THR C 155 23.36 37.17 -17.89
CA THR C 155 23.59 38.53 -17.47
C THR C 155 23.27 38.76 -16.02
N VAL C 156 22.07 38.31 -15.63
CA VAL C 156 21.64 38.48 -14.23
C VAL C 156 22.55 37.72 -13.26
N SER C 157 22.89 36.49 -13.58
CA SER C 157 23.68 35.68 -12.70
C SER C 157 25.06 36.28 -12.48
N ASN C 158 25.61 36.92 -13.53
CA ASN C 158 26.94 37.47 -13.35
C ASN C 158 27.05 38.55 -12.31
N VAL C 159 25.95 39.21 -11.99
CA VAL C 159 26.04 40.22 -10.96
C VAL C 159 26.24 39.59 -9.58
N ILE C 160 25.32 38.72 -9.15
CA ILE C 160 25.52 38.11 -7.84
C ILE C 160 26.78 37.22 -7.87
N SER C 161 27.10 36.61 -9.01
CA SER C 161 28.29 35.80 -9.06
C SER C 161 29.55 36.64 -8.76
N SER C 162 29.61 37.86 -9.27
CA SER C 162 30.80 38.66 -8.99
C SER C 162 30.90 38.96 -7.49
N ILE C 163 29.77 39.05 -6.82
CA ILE C 163 29.76 39.30 -5.37
C ILE C 163 30.16 38.07 -4.59
N VAL C 164 29.61 36.90 -4.94
CA VAL C 164 29.90 35.72 -4.12
C VAL C 164 31.15 34.95 -4.47
N PHE C 165 31.54 35.02 -5.75
CA PHE C 165 32.69 34.29 -6.29
C PHE C 165 33.87 35.17 -6.66
N GLY C 166 33.67 36.47 -6.60
CA GLY C 166 34.76 37.40 -6.87
C GLY C 166 34.95 37.80 -8.32
N ASP C 167 34.18 37.21 -9.24
CA ASP C 167 34.27 37.58 -10.65
C ASP C 167 33.12 37.01 -11.45
N ARG C 168 32.97 37.49 -12.67
CA ARG C 168 31.86 37.01 -13.51
C ARG C 168 32.31 35.79 -14.27
N PHE C 169 31.35 35.09 -14.85
CA PHE C 169 31.65 33.96 -15.73
C PHE C 169 31.68 34.48 -17.20
N ASP C 170 32.45 33.81 -18.03
CA ASP C 170 32.49 34.15 -19.44
C ASP C 170 31.19 33.59 -20.07
N TYR C 171 30.54 34.35 -20.97
CA TYR C 171 29.29 33.94 -21.59
C TYR C 171 29.42 32.66 -22.38
N LYS C 172 30.66 32.28 -22.70
CA LYS C 172 30.88 31.07 -23.43
C LYS C 172 31.17 29.88 -22.56
N ASP C 173 31.39 30.11 -21.26
CA ASP C 173 31.71 29.06 -20.27
C ASP C 173 30.60 27.97 -20.21
N LYS C 174 30.90 26.78 -20.69
CA LYS C 174 29.90 25.69 -20.72
C LYS C 174 29.36 25.31 -19.32
N GLU C 175 30.24 25.35 -18.34
CA GLU C 175 29.85 25.01 -16.99
C GLU C 175 28.87 26.07 -16.50
N PHE C 176 29.10 27.33 -16.86
CA PHE C 176 28.16 28.39 -16.45
C PHE C 176 26.75 28.06 -17.04
N LEU C 177 26.72 27.67 -18.29
CA LEU C 177 25.43 27.37 -18.89
C LEU C 177 24.75 26.21 -18.17
N SER C 178 25.53 25.18 -17.86
CA SER C 178 25.02 24.02 -17.15
C SER C 178 24.36 24.46 -15.83
N LEU C 179 25.02 25.37 -15.11
CA LEU C 179 24.46 25.83 -13.80
C LEU C 179 23.14 26.56 -14.01
N LEU C 180 23.11 27.39 -15.05
CA LEU C 180 21.89 28.14 -15.37
C LEU C 180 20.76 27.14 -15.73
N ARG C 181 21.09 26.06 -16.44
CA ARG C 181 20.06 25.08 -16.75
C ARG C 181 19.57 24.42 -15.47
N MET C 182 20.48 24.19 -14.51
CA MET C 182 20.05 23.56 -13.24
C MET C 182 19.05 24.47 -12.55
N MET C 183 19.35 25.76 -12.54
CA MET C 183 18.48 26.71 -11.82
C MET C 183 17.13 26.82 -12.47
N LEU C 184 17.11 26.92 -13.80
CA LEU C 184 15.85 26.99 -14.52
C LEU C 184 15.06 25.70 -14.24
N GLY C 185 15.75 24.53 -14.26
CA GLY C 185 15.09 23.27 -14.07
C GLY C 185 14.48 23.09 -12.69
N ILE C 186 15.12 23.60 -11.65
CA ILE C 186 14.56 23.44 -10.33
C ILE C 186 13.35 24.38 -10.16
N PHE C 187 13.42 25.58 -10.73
CA PHE C 187 12.23 26.48 -10.61
C PHE C 187 11.05 25.89 -11.43
N GLN C 188 11.35 25.29 -12.59
CA GLN C 188 10.22 24.66 -13.34
C GLN C 188 9.66 23.50 -12.57
N PHE C 189 10.50 22.57 -12.10
CA PHE C 189 9.99 21.42 -11.38
C PHE C 189 9.05 21.79 -10.22
N THR C 190 9.54 22.70 -9.36
CA THR C 190 8.69 23.07 -8.19
C THR C 190 7.44 23.82 -8.60
N SER C 191 7.27 24.11 -9.90
CA SER C 191 6.08 24.82 -10.35
C SER C 191 5.15 23.92 -11.12
N THR C 192 5.51 22.63 -11.25
CA THR C 192 4.64 21.67 -11.95
C THR C 192 3.70 20.91 -11.01
N SER C 193 2.76 20.18 -11.57
CA SER C 193 1.87 19.36 -10.76
C SER C 193 2.73 18.36 -9.90
N THR C 194 3.76 17.69 -10.47
CA THR C 194 4.50 16.77 -9.65
C THR C 194 5.26 17.47 -8.52
N GLY C 195 5.76 18.66 -8.86
CA GLY C 195 6.49 19.44 -7.87
C GLY C 195 5.57 19.86 -6.71
N GLN C 196 4.31 20.15 -6.99
CA GLN C 196 3.37 20.53 -5.87
C GLN C 196 2.81 19.29 -5.16
N LEU C 197 2.70 18.17 -5.90
CA LEU C 197 2.34 16.91 -5.24
C LEU C 197 3.48 16.56 -4.24
N TYR C 198 4.73 16.87 -4.61
CA TYR C 198 5.86 16.58 -3.76
C TYR C 198 5.76 17.35 -2.42
N GLU C 199 5.18 18.54 -2.47
CA GLU C 199 5.07 19.29 -1.20
C GLU C 199 4.09 18.60 -0.22
N MET C 200 3.19 17.79 -0.76
CA MET C 200 2.26 17.02 0.09
C MET C 200 2.77 15.65 0.55
N PHE C 201 3.51 15.02 -0.35
CA PHE C 201 3.84 13.61 -0.11
C PHE C 201 5.31 13.29 -0.24
N SER C 202 6.16 14.22 0.14
CA SER C 202 7.62 14.02 -0.01
C SER C 202 8.11 12.81 0.81
N SER C 203 7.49 12.51 1.97
CA SER C 203 7.92 11.39 2.82
C SER C 203 7.93 10.07 1.99
N VAL C 204 7.03 9.95 1.02
CA VAL C 204 7.04 8.76 0.14
C VAL C 204 7.76 9.06 -1.19
N MET C 205 7.40 10.19 -1.83
CA MET C 205 7.94 10.52 -3.12
C MET C 205 9.46 10.71 -3.14
N LYS C 206 10.10 11.04 -2.02
CA LYS C 206 11.54 11.25 -2.13
C LYS C 206 12.20 9.87 -2.41
N HIS C 207 11.44 8.78 -2.22
CA HIS C 207 11.99 7.43 -2.46
C HIS C 207 11.51 6.81 -3.75
N LEU C 208 10.72 7.53 -4.52
CA LEU C 208 10.16 7.00 -5.75
C LEU C 208 10.79 7.60 -7.02
N PRO C 209 10.78 6.82 -8.12
CA PRO C 209 11.34 7.40 -9.35
C PRO C 209 10.37 8.48 -9.85
N GLY C 210 10.91 9.41 -10.60
CA GLY C 210 10.10 10.44 -11.24
C GLY C 210 10.83 11.75 -11.39
N PRO C 211 10.12 12.81 -11.86
CA PRO C 211 10.77 14.11 -12.05
C PRO C 211 11.45 14.66 -10.79
N GLN C 212 10.93 14.28 -9.62
CA GLN C 212 11.55 14.78 -8.36
C GLN C 212 13.01 14.31 -8.27
N GLN C 213 13.31 13.08 -8.74
CA GLN C 213 14.70 12.61 -8.67
C GLN C 213 15.61 13.45 -9.58
N GLN C 214 15.14 13.86 -10.73
CA GLN C 214 16.00 14.69 -11.61
C GLN C 214 16.18 16.06 -10.97
N ALA C 215 15.13 16.53 -10.30
CA ALA C 215 15.27 17.83 -9.62
C ALA C 215 16.30 17.74 -8.48
N PHE C 216 16.33 16.64 -7.74
CA PHE C 216 17.32 16.49 -6.64
C PHE C 216 18.72 16.50 -7.27
N GLN C 217 18.86 15.85 -8.43
CA GLN C 217 20.21 15.87 -9.07
C GLN C 217 20.64 17.28 -9.49
N LEU C 218 19.70 18.12 -9.93
CA LEU C 218 20.05 19.55 -10.30
C LEU C 218 20.50 20.29 -9.02
N LEU C 219 19.77 20.07 -7.91
CA LEU C 219 20.19 20.69 -6.64
C LEU C 219 21.60 20.22 -6.22
N GLN C 220 21.84 18.94 -6.36
CA GLN C 220 23.15 18.36 -5.99
C GLN C 220 24.23 18.96 -6.88
N GLY C 221 23.90 19.22 -8.16
CA GLY C 221 24.88 19.78 -9.10
C GLY C 221 25.26 21.20 -8.67
N LEU C 222 24.25 21.94 -8.24
CA LEU C 222 24.51 23.31 -7.78
C LEU C 222 25.25 23.26 -6.48
N GLU C 223 24.86 22.39 -5.57
CA GLU C 223 25.57 22.35 -4.27
C GLU C 223 27.08 21.94 -4.48
N ASP C 224 27.31 21.05 -5.42
CA ASP C 224 28.71 20.60 -5.63
C ASP C 224 29.56 21.71 -6.19
N PHE C 225 28.99 22.51 -7.08
CA PHE C 225 29.67 23.62 -7.68
C PHE C 225 30.04 24.62 -6.58
N ILE C 226 29.08 24.95 -5.72
CA ILE C 226 29.40 25.91 -4.65
C ILE C 226 30.45 25.33 -3.71
N ALA C 227 30.34 24.06 -3.38
CA ALA C 227 31.28 23.45 -2.43
C ALA C 227 32.69 23.53 -3.05
N LYS C 228 32.77 23.33 -4.36
CA LYS C 228 34.09 23.40 -5.05
C LYS C 228 34.65 24.79 -5.02
N LYS C 229 33.79 25.77 -5.20
CA LYS C 229 34.23 27.16 -5.17
C LYS C 229 34.70 27.51 -3.80
N VAL C 230 33.96 27.07 -2.78
CA VAL C 230 34.40 27.33 -1.42
C VAL C 230 35.78 26.68 -1.09
N GLU C 231 35.97 25.44 -1.54
CA GLU C 231 37.23 24.76 -1.30
C GLU C 231 38.39 25.51 -1.95
N HIS C 232 38.18 26.07 -3.15
CA HIS C 232 39.24 26.81 -3.86
C HIS C 232 39.50 28.08 -3.06
N ASN C 233 38.44 28.72 -2.61
CA ASN C 233 38.71 29.93 -1.84
C ASN C 233 39.48 29.62 -0.55
N GLN C 234 39.14 28.53 0.12
CA GLN C 234 39.80 28.22 1.38
C GLN C 234 41.30 28.06 1.16
N ARG C 235 41.60 27.36 0.08
CA ARG C 235 42.99 27.08 -0.26
C ARG C 235 43.82 28.27 -0.71
N THR C 236 43.17 29.41 -0.93
CA THR C 236 43.83 30.60 -1.42
C THR C 236 43.48 31.84 -0.63
N LEU C 237 42.78 31.67 0.49
CA LEU C 237 42.38 32.83 1.27
C LEU C 237 43.50 33.75 1.82
N ASP C 238 43.28 35.05 1.75
CA ASP C 238 44.21 36.01 2.40
C ASP C 238 43.24 36.60 3.42
N PRO C 239 43.41 36.24 4.70
CA PRO C 239 42.57 36.69 5.79
C PRO C 239 42.52 38.20 5.98
N ASN C 240 43.50 38.92 5.44
CA ASN C 240 43.48 40.38 5.53
C ASN C 240 42.79 41.06 4.39
N SER C 241 42.46 40.30 3.35
CA SER C 241 41.88 40.90 2.17
C SER C 241 40.84 39.99 1.48
N PRO C 242 39.58 40.04 1.92
CA PRO C 242 38.63 39.14 1.24
C PRO C 242 38.32 39.52 -0.20
N ARG C 243 38.13 38.52 -1.04
CA ARG C 243 37.84 38.79 -2.48
C ARG C 243 36.38 38.83 -2.77
N ASP C 244 35.61 38.21 -1.89
CA ASP C 244 34.18 38.02 -2.18
C ASP C 244 33.43 37.58 -0.90
N PHE C 245 32.12 37.35 -1.06
CA PHE C 245 31.30 36.94 0.05
C PHE C 245 31.86 35.68 0.74
N ILE C 246 32.29 34.70 -0.06
CA ILE C 246 32.81 33.47 0.52
C ILE C 246 34.00 33.81 1.42
N ASP C 247 34.96 34.61 0.94
CA ASP C 247 36.14 34.90 1.82
C ASP C 247 35.68 35.60 3.11
N SER C 248 34.74 36.54 3.01
CA SER C 248 34.29 37.24 4.23
C SER C 248 33.71 36.26 5.20
N PHE C 249 32.92 35.29 4.69
CA PHE C 249 32.37 34.30 5.58
C PHE C 249 33.48 33.41 6.17
N LEU C 250 34.47 33.02 5.35
CA LEU C 250 35.57 32.20 5.87
C LEU C 250 36.38 32.92 7.00
N ILE C 251 36.51 34.22 6.88
CA ILE C 251 37.25 35.03 7.88
C ILE C 251 36.40 35.05 9.17
N ARG C 252 35.07 35.26 9.04
CA ARG C 252 34.23 35.22 10.21
C ARG C 252 34.32 33.84 10.86
N MET C 253 34.37 32.78 10.03
CA MET C 253 34.49 31.45 10.61
C MET C 253 35.80 31.38 11.42
N GLN C 254 36.91 31.91 10.91
CA GLN C 254 38.13 31.87 11.74
C GLN C 254 37.92 32.61 13.09
N GLU C 255 37.33 33.80 13.02
CA GLU C 255 37.10 34.62 14.24
C GLU C 255 36.14 33.94 15.23
N GLU C 256 35.27 33.06 14.72
CA GLU C 256 34.30 32.33 15.53
C GLU C 256 34.70 30.99 16.10
N GLU C 257 35.93 30.57 15.79
CA GLU C 257 36.44 29.32 16.25
C GLU C 257 36.32 29.17 17.74
N LYS C 258 36.61 30.25 18.45
CA LYS C 258 36.53 30.27 19.92
C LYS C 258 35.08 30.17 20.44
N ASN C 259 34.09 30.48 19.59
CA ASN C 259 32.69 30.44 20.02
C ASN C 259 32.09 29.05 19.90
N PRO C 260 31.85 28.37 21.03
CA PRO C 260 31.29 27.02 21.04
C PRO C 260 29.89 26.94 20.43
N ASN C 261 29.17 28.06 20.37
CA ASN C 261 27.82 27.95 19.81
C ASN C 261 27.72 28.58 18.40
N THR C 262 28.84 28.83 17.72
CA THR C 262 28.73 29.58 16.48
C THR C 262 27.86 28.94 15.38
N GLU C 263 27.21 29.79 14.59
CA GLU C 263 26.47 29.33 13.40
C GLU C 263 27.37 29.50 12.17
N PHE C 264 28.57 30.07 12.36
CA PHE C 264 29.50 30.29 11.24
C PHE C 264 30.42 29.12 11.10
N TYR C 265 29.97 28.19 10.26
CA TYR C 265 30.75 26.98 9.96
C TYR C 265 30.45 26.59 8.51
N LEU C 266 31.22 25.63 7.98
CA LEU C 266 31.15 25.30 6.56
C LEU C 266 29.77 25.04 5.93
N LYS C 267 28.94 24.19 6.55
CA LYS C 267 27.68 23.90 5.92
C LYS C 267 26.85 25.16 5.76
N ASN C 268 26.85 26.04 6.78
CA ASN C 268 26.08 27.25 6.60
C ASN C 268 26.70 28.16 5.55
N LEU C 269 28.02 28.09 5.35
CA LEU C 269 28.63 28.92 4.32
C LEU C 269 28.14 28.39 2.93
N VAL C 270 28.25 27.07 2.73
CA VAL C 270 27.87 26.49 1.46
C VAL C 270 26.40 26.76 1.17
N MET C 271 25.52 26.53 2.17
CA MET C 271 24.12 26.72 1.88
C MET C 271 23.74 28.19 1.72
N THR C 272 24.36 29.07 2.48
CA THR C 272 24.06 30.48 2.27
C THR C 272 24.51 30.96 0.91
N THR C 273 25.71 30.50 0.48
CA THR C 273 26.22 30.92 -0.81
C THR C 273 25.30 30.37 -1.94
N LEU C 274 24.86 29.13 -1.78
CA LEU C 274 23.96 28.50 -2.73
C LEU C 274 22.63 29.33 -2.77
N ASN C 275 22.13 29.74 -1.59
CA ASN C 275 20.87 30.54 -1.54
C ASN C 275 21.06 31.84 -2.36
N LEU C 276 22.16 32.55 -2.14
CA LEU C 276 22.37 33.80 -2.87
C LEU C 276 22.56 33.61 -4.39
N PHE C 277 23.37 32.62 -4.78
CA PHE C 277 23.59 32.33 -6.16
C PHE C 277 22.28 31.93 -6.91
N ILE C 278 21.49 31.05 -6.33
CA ILE C 278 20.26 30.62 -7.02
C ILE C 278 19.20 31.72 -6.91
N GLY C 279 19.05 32.18 -5.68
CA GLY C 279 18.07 33.24 -5.39
C GLY C 279 18.36 34.53 -6.15
N GLY C 280 19.63 34.91 -6.22
CA GLY C 280 20.01 36.13 -6.91
C GLY C 280 20.01 36.00 -8.43
N THR C 281 19.79 34.79 -8.94
CA THR C 281 19.73 34.62 -10.39
C THR C 281 18.32 34.39 -10.99
N GLU C 282 17.63 33.41 -10.45
CA GLU C 282 16.44 32.96 -11.14
C GLU C 282 15.21 33.84 -11.06
N THR C 283 15.02 34.53 -9.92
CA THR C 283 13.82 35.35 -9.84
C THR C 283 13.90 36.59 -10.76
N VAL C 284 15.05 37.28 -10.74
CA VAL C 284 15.23 38.39 -11.66
C VAL C 284 15.21 37.94 -13.11
N SER C 285 15.84 36.80 -13.41
CA SER C 285 15.87 36.31 -14.77
C SER C 285 14.44 36.05 -15.27
N THR C 286 13.62 35.42 -14.41
CA THR C 286 12.24 35.07 -14.77
C THR C 286 11.43 36.34 -14.98
N THR C 287 11.67 37.32 -14.10
CA THR C 287 10.96 38.59 -14.21
C THR C 287 11.32 39.31 -15.54
N LEU C 288 12.61 39.33 -15.91
CA LEU C 288 12.98 39.99 -17.19
C LEU C 288 12.29 39.26 -18.34
N ARG C 289 12.36 37.95 -18.33
CA ARG C 289 11.77 37.13 -19.42
C ARG C 289 10.27 37.36 -19.55
N TYR C 290 9.55 37.39 -18.44
CA TYR C 290 8.10 37.64 -18.51
C TYR C 290 7.91 39.09 -18.98
N GLY C 291 8.75 40.00 -18.49
CA GLY C 291 8.60 41.41 -18.84
C GLY C 291 8.69 41.68 -20.34
N PHE C 292 9.70 41.10 -21.00
CA PHE C 292 9.77 41.35 -22.43
C PHE C 292 8.59 40.73 -23.18
N LEU C 293 8.07 39.62 -22.67
CA LEU C 293 6.94 39.03 -23.38
C LEU C 293 5.77 39.97 -23.26
N LEU C 294 5.60 40.55 -22.07
CA LEU C 294 4.48 41.42 -21.82
C LEU C 294 4.61 42.70 -22.63
N LEU C 295 5.84 43.17 -22.82
CA LEU C 295 6.05 44.39 -23.64
C LEU C 295 5.73 44.11 -25.13
N MET C 296 6.01 42.89 -25.62
CA MET C 296 5.67 42.62 -26.99
C MET C 296 4.13 42.47 -27.13
N LYS C 297 3.44 42.04 -26.08
CA LYS C 297 1.94 41.89 -26.12
C LYS C 297 1.26 43.25 -26.10
N HIS C 298 1.93 44.23 -25.51
CA HIS C 298 1.42 45.59 -25.38
C HIS C 298 2.37 46.60 -25.99
N PRO C 299 2.44 46.61 -27.33
CA PRO C 299 3.36 47.55 -28.03
C PRO C 299 3.15 49.04 -27.69
N GLU C 300 1.97 49.40 -27.17
CA GLU C 300 1.71 50.78 -26.83
C GLU C 300 2.50 51.19 -25.61
N VAL C 301 2.69 50.22 -24.71
CA VAL C 301 3.46 50.48 -23.52
C VAL C 301 4.94 50.59 -23.89
N GLU C 302 5.42 49.76 -24.82
CA GLU C 302 6.82 49.84 -25.26
C GLU C 302 7.05 51.22 -25.88
N ALA C 303 6.09 51.65 -26.70
CA ALA C 303 6.21 52.98 -27.35
C ALA C 303 6.39 54.06 -26.29
N LYS C 304 5.59 54.02 -25.22
CA LYS C 304 5.68 54.99 -24.14
C LYS C 304 6.97 54.89 -23.36
N VAL C 305 7.50 53.67 -23.24
CA VAL C 305 8.78 53.50 -22.57
C VAL C 305 9.86 54.19 -23.42
N HIS C 306 9.83 53.93 -24.73
CA HIS C 306 10.81 54.50 -25.66
C HIS C 306 10.76 56.00 -25.60
N GLU C 307 9.55 56.56 -25.57
CA GLU C 307 9.40 58.02 -25.50
C GLU C 307 10.13 58.54 -24.26
N GLU C 308 9.89 57.94 -23.10
CA GLU C 308 10.55 58.40 -21.87
C GLU C 308 12.07 58.15 -21.80
N ILE C 309 12.53 57.00 -22.28
CA ILE C 309 13.98 56.77 -22.25
C ILE C 309 14.68 57.81 -23.19
N ASP C 310 14.07 58.04 -24.34
CA ASP C 310 14.67 58.95 -25.33
C ASP C 310 14.70 60.37 -24.79
N ARG C 311 13.70 60.74 -24.03
CA ARG C 311 13.68 62.08 -23.49
C ARG C 311 14.52 62.34 -22.24
N VAL C 312 14.56 61.38 -21.32
CA VAL C 312 15.29 61.56 -20.06
C VAL C 312 16.74 61.15 -20.12
N ILE C 313 17.03 60.09 -20.86
CA ILE C 313 18.41 59.61 -20.93
C ILE C 313 19.08 59.86 -22.29
N GLY C 314 18.32 59.71 -23.36
CA GLY C 314 18.92 59.91 -24.67
C GLY C 314 19.59 58.68 -25.23
N LYS C 315 20.56 58.85 -26.10
CA LYS C 315 21.24 57.70 -26.66
C LYS C 315 22.76 57.75 -26.46
N ASN C 316 23.28 58.76 -25.77
CA ASN C 316 24.73 58.86 -25.69
C ASN C 316 25.43 58.42 -24.40
N ARG C 317 24.65 57.79 -23.54
CA ARG C 317 25.22 57.34 -22.29
C ARG C 317 24.31 56.23 -21.78
N GLN C 318 24.83 55.45 -20.87
CA GLN C 318 24.03 54.36 -20.33
C GLN C 318 23.14 54.81 -19.21
N PRO C 319 22.02 54.12 -19.03
CA PRO C 319 21.12 54.46 -17.93
C PRO C 319 21.88 54.32 -16.60
N LYS C 320 21.48 55.11 -15.62
CA LYS C 320 22.09 54.97 -14.28
C LYS C 320 20.89 54.87 -13.34
N PHE C 321 21.06 54.29 -12.16
CA PHE C 321 19.96 54.09 -11.24
C PHE C 321 19.16 55.34 -10.92
N GLU C 322 19.86 56.45 -10.71
CA GLU C 322 19.15 57.71 -10.41
C GLU C 322 18.17 58.17 -11.50
N ASP C 323 18.33 57.68 -12.72
CA ASP C 323 17.37 58.06 -13.76
C ASP C 323 15.95 57.67 -13.37
N ARG C 324 15.84 56.63 -12.54
CA ARG C 324 14.55 56.13 -12.05
C ARG C 324 13.67 57.28 -11.55
N ALA C 325 14.29 58.20 -10.83
CA ALA C 325 13.58 59.36 -10.30
C ALA C 325 12.88 60.23 -11.35
N LYS C 326 13.35 60.23 -12.60
CA LYS C 326 12.70 61.06 -13.66
C LYS C 326 11.96 60.21 -14.67
N MET C 327 11.81 58.91 -14.34
CA MET C 327 11.12 57.98 -15.21
C MET C 327 9.94 57.24 -14.53
N PRO C 328 8.86 57.98 -14.20
CA PRO C 328 7.69 57.35 -13.56
C PRO C 328 7.03 56.29 -14.43
N TYR C 329 7.04 56.47 -15.75
CA TYR C 329 6.41 55.46 -16.59
C TYR C 329 7.23 54.16 -16.52
N MET C 330 8.54 54.22 -16.73
CA MET C 330 9.32 52.99 -16.63
C MET C 330 9.13 52.37 -15.24
N GLU C 331 9.10 53.18 -14.17
CA GLU C 331 8.91 52.62 -12.83
C GLU C 331 7.57 51.90 -12.70
N ALA C 332 6.49 52.49 -13.26
CA ALA C 332 5.21 51.82 -13.25
C ALA C 332 5.23 50.54 -14.10
N VAL C 333 5.92 50.56 -15.24
CA VAL C 333 5.99 49.39 -16.13
C VAL C 333 6.69 48.22 -15.36
N ILE C 334 7.78 48.52 -14.67
CA ILE C 334 8.48 47.44 -13.94
C ILE C 334 7.66 46.94 -12.75
N HIS C 335 7.05 47.86 -12.02
CA HIS C 335 6.17 47.42 -10.94
C HIS C 335 5.04 46.55 -11.50
N GLU C 336 4.43 46.95 -12.61
CA GLU C 336 3.31 46.14 -13.20
C GLU C 336 3.82 44.78 -13.73
N ILE C 337 5.07 44.73 -14.17
CA ILE C 337 5.62 43.46 -14.66
C ILE C 337 5.75 42.54 -13.41
N GLN C 338 6.19 43.11 -12.29
CA GLN C 338 6.37 42.28 -11.10
C GLN C 338 5.02 41.90 -10.56
N ARG C 339 4.08 42.82 -10.65
CA ARG C 339 2.74 42.54 -10.13
C ARG C 339 2.03 41.47 -10.97
N PHE C 340 2.09 41.63 -12.30
CA PHE C 340 1.45 40.66 -13.20
C PHE C 340 2.22 39.32 -13.22
N GLY C 341 3.56 39.40 -13.22
CA GLY C 341 4.46 38.23 -13.24
C GLY C 341 4.27 37.32 -12.04
N ASP C 342 4.01 37.88 -10.86
CA ASP C 342 3.73 37.09 -9.64
C ASP C 342 4.71 35.91 -9.53
N VAL C 343 5.99 36.21 -9.64
CA VAL C 343 6.99 35.15 -9.72
C VAL C 343 7.02 34.15 -8.58
N ILE C 344 6.80 34.60 -7.34
CA ILE C 344 6.77 33.64 -6.20
C ILE C 344 5.35 33.86 -5.65
N PRO C 345 4.36 33.11 -6.20
CA PRO C 345 2.96 33.33 -5.80
C PRO C 345 2.51 33.02 -4.45
N MET C 346 3.17 32.07 -3.77
CA MET C 346 2.79 31.72 -2.42
C MET C 346 3.91 32.03 -1.45
N SER C 347 4.80 32.91 -1.89
CA SER C 347 5.96 33.36 -1.10
C SER C 347 6.79 32.14 -0.72
N LEU C 348 7.67 32.30 0.26
CA LEU C 348 8.33 31.12 0.88
C LEU C 348 7.54 30.95 2.18
N ALA C 349 7.23 29.72 2.56
CA ALA C 349 6.34 29.57 3.75
C ALA C 349 6.87 30.15 5.04
N ARG C 350 5.97 30.63 5.90
CA ARG C 350 6.35 31.10 7.20
C ARG C 350 5.85 30.03 8.21
N ARG C 351 6.09 30.28 9.49
CA ARG C 351 5.67 29.40 10.53
C ARG C 351 5.44 30.23 11.79
N VAL C 352 4.38 29.94 12.56
CA VAL C 352 4.26 30.76 13.80
C VAL C 352 5.27 30.29 14.84
N LYS C 353 5.94 31.25 15.47
CA LYS C 353 6.99 31.00 16.46
C LYS C 353 6.46 30.43 17.78
N LYS C 354 5.27 30.85 18.17
CA LYS C 354 4.67 30.40 19.42
C LYS C 354 3.16 30.30 19.26
N ASP C 355 2.47 29.64 20.21
CA ASP C 355 0.98 29.62 20.18
C ASP C 355 0.59 31.07 19.90
N THR C 356 -0.27 31.27 18.89
CA THR C 356 -0.63 32.59 18.45
C THR C 356 -2.11 32.79 18.26
N LYS C 357 -2.61 33.97 18.67
CA LYS C 357 -4.03 34.24 18.38
C LYS C 357 -4.01 35.20 17.21
N PHE C 358 -4.77 34.88 16.16
CA PHE C 358 -4.79 35.70 14.95
C PHE C 358 -6.23 35.80 14.53
N ARG C 359 -6.70 37.03 14.43
CA ARG C 359 -8.10 37.27 14.11
C ARG C 359 -8.89 36.37 15.09
N ASP C 360 -9.88 35.63 14.65
CA ASP C 360 -10.61 34.87 15.68
C ASP C 360 -10.08 33.45 15.93
N PHE C 361 -8.87 33.20 15.46
CA PHE C 361 -8.34 31.87 15.50
C PHE C 361 -7.14 31.67 16.42
N PHE C 362 -6.86 30.41 16.68
CA PHE C 362 -5.73 29.99 17.51
C PHE C 362 -4.78 29.17 16.63
N LEU C 363 -3.54 29.62 16.49
CA LEU C 363 -2.52 28.88 15.70
C LEU C 363 -1.44 28.31 16.67
N PRO C 364 -1.40 26.98 16.85
CA PRO C 364 -0.40 26.36 17.74
C PRO C 364 1.04 26.69 17.26
N LYS C 365 1.99 26.79 18.20
CA LYS C 365 3.40 27.03 17.89
C LYS C 365 3.78 26.02 16.76
N GLY C 366 4.53 26.52 15.77
CA GLY C 366 5.02 25.66 14.68
C GLY C 366 4.09 25.54 13.48
N THR C 367 2.86 26.07 13.61
CA THR C 367 1.88 26.00 12.51
C THR C 367 2.46 26.68 11.26
N GLU C 368 2.48 25.94 10.12
CA GLU C 368 3.00 26.56 8.90
C GLU C 368 1.97 27.49 8.30
N VAL C 369 2.47 28.47 7.56
CA VAL C 369 1.66 29.53 6.94
C VAL C 369 2.07 29.79 5.52
N TYR C 370 1.09 29.88 4.63
CA TYR C 370 1.28 30.20 3.22
C TYR C 370 0.72 31.62 2.95
N PRO C 371 1.60 32.62 2.87
CA PRO C 371 1.16 34.01 2.56
C PRO C 371 0.96 34.05 1.04
N MET C 372 -0.31 34.16 0.58
CA MET C 372 -0.59 34.11 -0.83
C MET C 372 -0.31 35.41 -1.49
N LEU C 373 0.97 35.66 -1.75
CA LEU C 373 1.36 36.97 -2.33
C LEU C 373 0.60 37.27 -3.64
N GLY C 374 0.40 36.26 -4.49
CA GLY C 374 -0.28 36.53 -5.71
C GLY C 374 -1.70 37.06 -5.52
N SER C 375 -2.33 36.70 -4.42
CA SER C 375 -3.72 37.17 -4.11
C SER C 375 -3.65 38.60 -3.59
N VAL C 376 -2.49 39.04 -3.17
CA VAL C 376 -2.33 40.44 -2.75
C VAL C 376 -2.05 41.23 -4.08
N LEU C 377 -1.13 40.74 -4.91
CA LEU C 377 -0.84 41.39 -6.18
C LEU C 377 -2.06 41.52 -7.08
N ARG C 378 -3.09 40.68 -6.87
CA ARG C 378 -4.32 40.73 -7.69
C ARG C 378 -5.51 41.14 -6.82
N ASP C 379 -5.26 41.76 -5.67
CA ASP C 379 -6.36 42.08 -4.78
C ASP C 379 -7.24 43.16 -5.48
N PRO C 380 -8.52 42.86 -5.76
CA PRO C 380 -9.37 43.85 -6.47
C PRO C 380 -9.64 45.13 -5.69
N SER C 381 -9.36 45.13 -4.40
CA SER C 381 -9.48 46.37 -3.59
C SER C 381 -8.30 47.32 -3.78
N PHE C 382 -7.22 46.86 -4.44
CA PHE C 382 -6.05 47.70 -4.66
C PHE C 382 -5.74 47.93 -6.14
N PHE C 383 -6.26 47.07 -7.01
CA PHE C 383 -6.00 47.20 -8.44
C PHE C 383 -7.31 47.10 -9.20
N SER C 384 -7.59 48.11 -10.03
CA SER C 384 -8.82 48.15 -10.76
C SER C 384 -9.03 47.00 -11.71
N ASN C 385 -7.99 46.58 -12.45
CA ASN C 385 -8.19 45.47 -13.37
C ASN C 385 -7.05 44.50 -13.09
N PRO C 386 -7.13 43.84 -11.95
CA PRO C 386 -6.03 42.91 -11.61
C PRO C 386 -5.58 41.86 -12.58
N GLN C 387 -6.44 41.45 -13.52
CA GLN C 387 -6.05 40.40 -14.45
C GLN C 387 -5.44 40.94 -15.75
N ASP C 388 -5.33 42.25 -15.87
CA ASP C 388 -4.79 42.86 -17.06
C ASP C 388 -3.39 43.38 -16.78
N PHE C 389 -2.59 43.50 -17.83
CA PHE C 389 -1.27 44.11 -17.72
C PHE C 389 -1.53 45.61 -18.00
N ASN C 390 -1.45 46.42 -16.98
CA ASN C 390 -1.72 47.83 -17.20
C ASN C 390 -0.86 48.73 -16.33
N PRO C 391 0.20 49.32 -16.89
CA PRO C 391 1.02 50.19 -16.04
C PRO C 391 0.30 51.29 -15.29
N GLN C 392 -0.91 51.65 -15.74
CA GLN C 392 -1.64 52.71 -15.03
C GLN C 392 -1.94 52.31 -13.59
N HIS C 393 -1.85 51.00 -13.26
CA HIS C 393 -2.08 50.56 -11.88
C HIS C 393 -1.12 51.26 -10.91
N PHE C 394 0.01 51.75 -11.43
CA PHE C 394 1.02 52.40 -10.59
C PHE C 394 1.28 53.87 -10.98
N LEU C 395 0.24 54.49 -11.52
CA LEU C 395 0.34 55.89 -11.92
C LEU C 395 -0.84 56.74 -11.42
N ASN C 396 -0.46 57.97 -11.13
CA ASN C 396 -1.27 59.11 -10.67
C ASN C 396 -2.17 59.58 -11.82
N GLU C 397 -3.15 60.43 -11.49
CA GLU C 397 -3.98 61.00 -12.53
C GLU C 397 -3.03 61.95 -13.31
N LYS C 398 -2.06 62.51 -12.57
CA LYS C 398 -1.03 63.43 -13.10
C LYS C 398 0.12 62.66 -13.80
N GLY C 399 0.09 61.33 -13.79
CA GLY C 399 1.16 60.59 -14.43
C GLY C 399 2.38 60.39 -13.56
N GLN C 400 2.22 60.64 -12.26
CA GLN C 400 3.30 60.46 -11.32
C GLN C 400 3.27 59.00 -10.80
N PHE C 401 4.41 58.48 -10.34
CA PHE C 401 4.45 57.10 -9.80
C PHE C 401 3.68 57.01 -8.49
N LYS C 402 2.80 56.01 -8.39
CA LYS C 402 1.96 55.85 -7.21
C LYS C 402 2.23 54.47 -6.56
N LYS C 403 2.73 54.45 -5.32
CA LYS C 403 2.98 53.20 -4.58
C LYS C 403 1.67 52.52 -4.16
N SER C 404 1.75 51.20 -3.92
CA SER C 404 0.58 50.43 -3.45
C SER C 404 1.01 49.54 -2.28
N ASP C 405 0.20 49.52 -1.21
CA ASP C 405 0.46 48.69 -0.08
C ASP C 405 0.30 47.24 -0.52
N ALA C 406 -0.28 47.02 -1.70
CA ALA C 406 -0.48 45.62 -2.16
C ALA C 406 0.64 45.17 -3.10
N PHE C 407 1.65 46.02 -3.26
CA PHE C 407 2.80 45.63 -4.11
C PHE C 407 3.73 44.89 -3.15
N VAL C 408 3.68 43.55 -3.19
CA VAL C 408 4.45 42.76 -2.23
C VAL C 408 5.16 41.55 -2.88
N PRO C 409 5.71 41.73 -4.09
CA PRO C 409 6.39 40.61 -4.73
C PRO C 409 7.61 40.12 -3.93
N PHE C 410 8.14 40.95 -3.04
CA PHE C 410 9.29 40.59 -2.18
C PHE C 410 8.86 40.21 -0.72
N SER C 411 7.56 40.02 -0.58
CA SER C 411 6.91 39.78 0.65
C SER C 411 7.14 40.99 1.58
N ILE C 412 6.78 40.78 2.81
CA ILE C 412 6.85 41.80 3.87
C ILE C 412 7.10 41.18 5.20
N GLY C 413 7.47 41.99 6.21
CA GLY C 413 7.68 41.34 7.47
C GLY C 413 9.16 41.02 7.81
N LYS C 414 9.35 40.28 8.89
CA LYS C 414 10.69 40.03 9.41
C LYS C 414 11.63 39.17 8.61
N ARG C 415 11.06 38.28 7.77
CA ARG C 415 11.89 37.44 6.90
C ARG C 415 11.70 37.81 5.43
N ASN C 416 11.41 39.11 5.14
CA ASN C 416 11.22 39.59 3.79
C ASN C 416 12.50 39.48 2.98
N CYS C 417 12.33 39.62 1.69
CA CYS C 417 13.47 39.45 0.76
C CYS C 417 14.54 40.54 1.03
N PHE C 418 15.76 40.18 1.48
CA PHE C 418 16.79 41.22 1.61
C PHE C 418 17.60 41.37 0.28
N GLY C 419 17.22 40.66 -0.79
CA GLY C 419 17.83 40.90 -2.09
C GLY C 419 17.00 41.97 -2.87
N GLU C 420 15.95 42.53 -2.24
CA GLU C 420 15.08 43.44 -2.97
C GLU C 420 15.82 44.63 -3.59
N GLY C 421 16.70 45.20 -2.81
CA GLY C 421 17.46 46.35 -3.31
C GLY C 421 18.26 45.99 -4.55
N LEU C 422 19.03 44.92 -4.46
CA LEU C 422 19.80 44.51 -5.64
C LEU C 422 18.85 44.18 -6.82
N ALA C 423 17.75 43.47 -6.53
CA ALA C 423 16.85 43.06 -7.63
C ALA C 423 16.27 44.27 -8.36
N ARG C 424 15.81 45.23 -7.58
CA ARG C 424 15.25 46.43 -8.15
C ARG C 424 16.25 47.27 -8.96
N MET C 425 17.51 47.32 -8.53
CA MET C 425 18.54 48.04 -9.30
C MET C 425 18.80 47.26 -10.61
N GLU C 426 18.85 45.93 -10.51
CA GLU C 426 19.04 45.13 -11.68
C GLU C 426 17.86 45.29 -12.67
N LEU C 427 16.62 45.21 -12.18
CA LEU C 427 15.47 45.29 -13.09
C LEU C 427 15.45 46.63 -13.85
N PHE C 428 15.65 47.70 -13.09
CA PHE C 428 15.68 48.98 -13.73
C PHE C 428 16.78 49.15 -14.76
N LEU C 429 18.01 48.74 -14.41
CA LEU C 429 19.08 48.98 -15.37
C LEU C 429 19.00 48.00 -16.53
N PHE C 430 18.59 46.76 -16.27
CA PHE C 430 18.59 45.86 -17.40
C PHE C 430 17.41 46.17 -18.36
N PHE C 431 16.21 46.38 -17.84
CA PHE C 431 15.11 46.71 -18.73
C PHE C 431 15.39 47.99 -19.49
N THR C 432 15.88 49.01 -18.75
CA THR C 432 16.12 50.28 -19.40
C THR C 432 17.17 50.30 -20.44
N THR C 433 18.27 49.59 -20.19
CA THR C 433 19.38 49.57 -21.15
C THR C 433 19.00 48.76 -22.36
N VAL C 434 18.21 47.68 -22.18
CA VAL C 434 17.81 46.91 -23.34
C VAL C 434 16.85 47.73 -24.20
N MET C 435 15.87 48.36 -23.56
CA MET C 435 14.85 49.14 -24.30
C MET C 435 15.48 50.33 -25.00
N GLN C 436 16.48 50.92 -24.36
CA GLN C 436 17.19 52.05 -24.98
C GLN C 436 17.78 51.66 -26.33
N ASN C 437 18.41 50.51 -26.35
CA ASN C 437 19.06 49.97 -27.53
C ASN C 437 18.25 49.19 -28.55
N PHE C 438 17.12 48.60 -28.15
CA PHE C 438 16.38 47.76 -29.06
C PHE C 438 14.86 47.96 -29.00
N ARG C 439 14.22 47.61 -30.11
CA ARG C 439 12.77 47.54 -30.07
C ARG C 439 12.60 46.03 -30.15
N LEU C 440 11.49 45.55 -29.60
CA LEU C 440 11.27 44.12 -29.54
C LEU C 440 10.35 43.63 -30.66
N LYS C 441 10.62 42.45 -31.20
CA LYS C 441 9.77 41.94 -32.27
C LYS C 441 9.39 40.54 -31.97
N SER C 442 8.10 40.27 -31.84
CA SER C 442 7.65 38.93 -31.55
C SER C 442 7.55 38.08 -32.82
N SER C 443 7.67 36.76 -32.65
CA SER C 443 7.57 35.88 -33.80
C SER C 443 6.10 35.69 -34.14
N GLN C 444 5.22 36.39 -33.43
CA GLN C 444 3.79 36.29 -33.71
C GLN C 444 3.09 37.62 -33.42
N SER C 445 1.89 37.83 -33.99
CA SER C 445 1.10 39.04 -33.77
C SER C 445 0.77 39.22 -32.29
N PRO C 446 0.80 40.48 -31.81
CA PRO C 446 0.49 40.72 -30.40
C PRO C 446 -0.77 40.00 -29.96
N LYS C 447 -1.80 40.08 -30.81
CA LYS C 447 -3.07 39.47 -30.49
C LYS C 447 -2.95 37.99 -30.16
N ASP C 448 -1.99 37.29 -30.79
CA ASP C 448 -1.83 35.85 -30.56
C ASP C 448 -0.80 35.47 -29.49
N ILE C 449 -0.16 36.46 -28.91
CA ILE C 449 0.84 36.17 -27.86
C ILE C 449 0.10 35.74 -26.59
N ASP C 450 0.48 34.61 -26.01
CA ASP C 450 -0.22 34.14 -24.81
C ASP C 450 0.63 34.49 -23.58
N VAL C 451 0.20 35.43 -22.76
CA VAL C 451 0.99 35.78 -21.58
C VAL C 451 0.50 35.02 -20.33
N SER C 452 -0.40 34.04 -20.51
CA SER C 452 -0.81 33.23 -19.33
C SER C 452 0.41 32.36 -19.01
N PRO C 453 0.58 31.97 -17.71
CA PRO C 453 1.79 31.15 -17.43
C PRO C 453 1.78 29.74 -17.89
N LYS C 454 2.96 29.19 -18.11
CA LYS C 454 3.06 27.81 -18.50
C LYS C 454 2.92 26.89 -17.26
N HIS C 455 3.51 27.31 -16.15
CA HIS C 455 3.45 26.55 -14.90
C HIS C 455 3.29 27.53 -13.76
N VAL C 456 2.52 27.11 -12.74
CA VAL C 456 2.42 27.94 -11.53
C VAL C 456 2.42 26.93 -10.34
N GLY C 457 3.33 27.13 -9.40
CA GLY C 457 3.41 26.29 -8.22
C GLY C 457 4.23 27.10 -7.24
N PHE C 458 5.46 26.68 -6.96
CA PHE C 458 6.34 27.49 -6.13
C PHE C 458 6.63 28.80 -6.87
N ALA C 459 6.79 28.76 -8.21
CA ALA C 459 7.05 29.99 -8.97
C ALA C 459 6.02 30.08 -10.08
N THR C 460 6.02 31.23 -10.77
CA THR C 460 5.14 31.41 -11.95
C THR C 460 6.13 31.47 -13.09
N ILE C 461 5.99 30.56 -14.05
CA ILE C 461 6.93 30.48 -15.17
C ILE C 461 6.20 30.84 -16.50
N PRO C 462 6.71 31.81 -17.25
CA PRO C 462 6.06 32.18 -18.51
C PRO C 462 6.26 31.12 -19.59
N ARG C 463 5.42 31.17 -20.61
CA ARG C 463 5.57 30.18 -21.68
C ARG C 463 6.85 30.40 -22.46
N ASN C 464 7.37 29.33 -23.04
CA ASN C 464 8.57 29.37 -23.85
C ASN C 464 8.23 30.23 -25.07
N TYR C 465 9.16 31.07 -25.49
CA TYR C 465 8.94 31.90 -26.68
C TYR C 465 10.28 32.35 -27.29
N THR C 466 10.21 32.85 -28.52
CA THR C 466 11.39 33.41 -29.17
C THR C 466 11.03 34.84 -29.53
N MET C 467 12.05 35.65 -29.75
CA MET C 467 11.82 37.04 -30.08
C MET C 467 13.07 37.58 -30.76
N SER C 468 12.91 38.76 -31.37
CA SER C 468 14.10 39.41 -32.02
C SER C 468 14.32 40.76 -31.36
N PHE C 469 15.57 41.16 -31.29
CA PHE C 469 15.97 42.44 -30.71
C PHE C 469 16.50 43.29 -31.92
N LEU C 470 15.71 44.26 -32.34
CA LEU C 470 16.05 45.14 -33.47
C LEU C 470 16.72 46.42 -32.99
N PRO C 471 17.99 46.64 -33.39
CA PRO C 471 18.74 47.82 -32.98
C PRO C 471 18.04 49.10 -33.34
N ARG C 472 17.95 50.03 -32.38
CA ARG C 472 17.31 51.33 -32.62
C ARG C 472 18.36 52.37 -33.09
N GLY D 9 6.19 -33.47 -10.61
CA GLY D 9 7.35 -32.87 -11.42
C GLY D 9 7.52 -31.38 -11.16
N LYS D 10 8.37 -30.71 -11.94
CA LYS D 10 8.58 -29.28 -11.71
C LYS D 10 8.10 -28.43 -12.88
N LEU D 11 7.69 -27.21 -12.56
CA LEU D 11 7.31 -26.32 -13.65
C LEU D 11 8.60 -25.93 -14.38
N PRO D 12 8.47 -25.37 -15.57
CA PRO D 12 9.62 -24.94 -16.35
C PRO D 12 10.43 -23.88 -15.53
N PRO D 13 11.75 -23.79 -15.72
CA PRO D 13 12.60 -22.82 -15.00
C PRO D 13 12.22 -21.36 -15.39
N GLY D 14 12.64 -20.42 -14.56
CA GLY D 14 12.35 -19.04 -14.89
C GLY D 14 12.95 -18.18 -13.83
N PRO D 15 12.93 -16.86 -14.05
CA PRO D 15 13.51 -15.92 -13.10
C PRO D 15 12.68 -15.93 -11.83
N THR D 16 13.38 -15.83 -10.70
CA THR D 16 12.71 -15.85 -9.42
C THR D 16 11.80 -14.62 -9.30
N PRO D 17 10.52 -14.87 -9.06
CA PRO D 17 9.62 -13.71 -8.92
C PRO D 17 9.62 -13.15 -7.46
N LEU D 18 8.96 -12.01 -7.34
CA LEU D 18 8.69 -11.46 -5.99
C LEU D 18 7.17 -11.51 -5.74
N PRO D 19 6.75 -11.58 -4.45
CA PRO D 19 5.31 -11.61 -4.10
C PRO D 19 4.58 -10.47 -4.78
N PHE D 20 3.42 -10.80 -5.35
CA PHE D 20 2.53 -9.92 -6.08
C PHE D 20 3.04 -9.32 -7.40
N ILE D 21 4.22 -8.68 -7.38
CA ILE D 21 4.69 -8.09 -8.61
C ILE D 21 5.27 -9.13 -9.58
N GLY D 22 5.43 -10.33 -9.08
CA GLY D 22 5.87 -11.41 -9.95
C GLY D 22 7.25 -11.09 -10.52
N ASN D 23 7.37 -11.23 -11.88
CA ASN D 23 8.62 -10.92 -12.56
C ASN D 23 8.66 -9.54 -13.16
N TYR D 24 7.92 -8.60 -12.53
CA TYR D 24 7.95 -7.21 -12.99
C TYR D 24 9.39 -6.65 -13.24
N LEU D 25 10.36 -6.95 -12.34
CA LEU D 25 11.72 -6.39 -12.48
C LEU D 25 12.44 -6.91 -13.76
N GLN D 26 11.99 -8.03 -14.28
CA GLN D 26 12.63 -8.56 -15.55
C GLN D 26 11.75 -8.25 -16.79
N LEU D 27 10.67 -7.46 -16.60
CA LEU D 27 9.79 -7.15 -17.73
C LEU D 27 9.63 -5.66 -18.04
N ASN D 28 9.77 -5.29 -19.32
CA ASN D 28 9.57 -3.94 -19.75
C ASN D 28 8.21 -4.01 -20.40
N THR D 29 7.17 -3.43 -19.75
CA THR D 29 5.82 -3.57 -20.31
C THR D 29 5.60 -2.88 -21.69
N GLU D 30 6.50 -1.97 -22.07
CA GLU D 30 6.44 -1.33 -23.40
C GLU D 30 6.93 -2.36 -24.46
N GLN D 31 7.73 -3.32 -24.01
CA GLN D 31 8.24 -4.35 -24.96
C GLN D 31 8.13 -5.77 -24.37
N MET D 32 6.92 -6.24 -24.13
CA MET D 32 6.74 -7.56 -23.50
C MET D 32 7.41 -8.66 -24.33
N TYR D 33 7.25 -8.55 -25.65
CA TYR D 33 7.80 -9.63 -26.52
C TYR D 33 9.33 -9.64 -26.35
N ASN D 34 9.99 -8.50 -26.53
CA ASN D 34 11.42 -8.46 -26.38
C ASN D 34 11.87 -8.86 -24.98
N SER D 35 11.12 -8.46 -23.94
CA SER D 35 11.48 -8.85 -22.60
C SER D 35 11.45 -10.40 -22.42
N LEU D 36 10.38 -11.00 -22.92
CA LEU D 36 10.19 -12.45 -22.77
C LEU D 36 11.26 -13.16 -23.59
N MET D 37 11.58 -12.62 -24.77
CA MET D 37 12.64 -13.31 -25.57
C MET D 37 13.97 -13.20 -24.86
N LYS D 38 14.27 -12.06 -24.23
CA LYS D 38 15.55 -12.00 -23.49
C LYS D 38 15.57 -13.01 -22.35
N ILE D 39 14.41 -13.25 -21.70
CA ILE D 39 14.36 -14.23 -20.65
C ILE D 39 14.61 -15.65 -21.27
N SER D 40 13.99 -15.89 -22.40
CA SER D 40 14.19 -17.20 -23.05
C SER D 40 15.67 -17.40 -23.40
N GLU D 41 16.40 -16.34 -23.72
CA GLU D 41 17.84 -16.47 -24.04
C GLU D 41 18.61 -16.99 -22.83
N ARG D 42 18.11 -16.73 -21.60
CA ARG D 42 18.78 -17.18 -20.42
C ARG D 42 18.27 -18.47 -19.89
N TYR D 43 16.99 -18.76 -20.06
CA TYR D 43 16.39 -19.95 -19.43
C TYR D 43 16.01 -21.09 -20.35
N GLY D 44 15.91 -20.81 -21.63
CA GLY D 44 15.47 -21.83 -22.57
C GLY D 44 14.17 -21.44 -23.22
N PRO D 45 13.71 -22.24 -24.20
CA PRO D 45 12.48 -21.98 -24.93
C PRO D 45 11.15 -22.16 -24.23
N VAL D 46 11.17 -22.88 -23.13
CA VAL D 46 9.94 -23.12 -22.37
C VAL D 46 10.28 -22.67 -20.96
N PHE D 47 9.62 -21.60 -20.48
CA PHE D 47 10.00 -21.08 -19.17
C PHE D 47 8.76 -20.54 -18.48
N THR D 48 8.91 -20.33 -17.15
CA THR D 48 7.78 -19.86 -16.32
C THR D 48 8.00 -18.38 -16.00
N ILE D 49 6.94 -17.61 -16.21
CA ILE D 49 7.00 -16.16 -15.90
C ILE D 49 5.80 -15.83 -15.04
N HIS D 50 5.92 -14.74 -14.23
CA HIS D 50 4.79 -14.36 -13.38
C HIS D 50 4.47 -12.91 -13.80
N LEU D 51 3.36 -12.73 -14.49
CA LEU D 51 2.89 -11.43 -14.99
C LEU D 51 2.14 -10.93 -13.74
N GLY D 52 2.87 -10.24 -12.86
CA GLY D 52 2.27 -9.92 -11.55
C GLY D 52 1.99 -11.30 -10.91
N PRO D 53 0.80 -11.51 -10.32
CA PRO D 53 0.45 -12.77 -9.70
C PRO D 53 0.06 -13.90 -10.69
N ARG D 54 -0.11 -13.56 -11.97
CA ARG D 54 -0.56 -14.52 -12.99
C ARG D 54 0.61 -15.36 -13.52
N ARG D 55 0.62 -16.65 -13.18
CA ARG D 55 1.74 -17.52 -13.58
C ARG D 55 1.46 -18.03 -14.97
N VAL D 56 2.45 -17.93 -15.86
CA VAL D 56 2.23 -18.33 -17.24
C VAL D 56 3.48 -19.11 -17.71
N VAL D 57 3.26 -20.16 -18.51
CA VAL D 57 4.35 -20.88 -19.15
C VAL D 57 4.46 -20.30 -20.59
N VAL D 58 5.62 -19.81 -20.96
CA VAL D 58 5.87 -19.18 -22.23
C VAL D 58 6.55 -20.19 -23.17
N LEU D 59 6.07 -20.27 -24.39
CA LEU D 59 6.65 -21.25 -25.40
C LEU D 59 7.29 -20.42 -26.49
N CYS D 60 8.60 -20.58 -26.76
CA CYS D 60 9.23 -19.77 -27.75
C CYS D 60 9.86 -20.76 -28.82
N GLY D 61 9.86 -20.26 -30.03
CA GLY D 61 10.39 -21.05 -31.17
C GLY D 61 9.37 -22.01 -31.73
N HIS D 62 9.58 -22.36 -33.02
CA HIS D 62 8.69 -23.25 -33.71
C HIS D 62 8.52 -24.57 -32.96
N ASP D 63 9.63 -25.23 -32.59
CA ASP D 63 9.48 -26.53 -31.97
C ASP D 63 8.66 -26.61 -30.69
N ALA D 64 8.91 -25.66 -29.78
CA ALA D 64 8.15 -25.69 -28.52
C ALA D 64 6.65 -25.41 -28.79
N VAL D 65 6.36 -24.42 -29.64
CA VAL D 65 4.97 -24.07 -29.90
C VAL D 65 4.22 -25.24 -30.58
N ARG D 66 4.86 -25.85 -31.57
CA ARG D 66 4.19 -26.95 -32.28
C ARG D 66 4.13 -28.19 -31.42
N GLU D 67 5.17 -28.51 -30.67
CA GLU D 67 5.07 -29.68 -29.78
C GLU D 67 3.93 -29.54 -28.79
N ALA D 68 3.70 -28.31 -28.32
CA ALA D 68 2.61 -28.19 -27.40
C ALA D 68 1.26 -28.09 -28.09
N LEU D 69 1.10 -27.09 -28.95
CA LEU D 69 -0.23 -26.88 -29.53
C LEU D 69 -0.71 -27.91 -30.50
N VAL D 70 0.21 -28.62 -31.15
CA VAL D 70 -0.27 -29.64 -32.10
C VAL D 70 0.06 -31.07 -31.57
N ASP D 71 1.28 -31.36 -31.15
CA ASP D 71 1.54 -32.74 -30.65
C ASP D 71 0.81 -33.08 -29.34
N GLN D 72 0.50 -32.07 -28.51
CA GLN D 72 -0.29 -32.34 -27.34
C GLN D 72 -1.47 -31.38 -27.44
N ALA D 73 -2.10 -31.41 -28.60
CA ALA D 73 -3.20 -30.47 -28.90
C ALA D 73 -4.31 -30.43 -27.89
N GLU D 74 -4.80 -31.59 -27.47
CA GLU D 74 -5.91 -31.61 -26.54
C GLU D 74 -5.52 -31.03 -25.18
N GLU D 75 -4.36 -31.43 -24.69
CA GLU D 75 -3.97 -30.94 -23.38
C GLU D 75 -3.76 -29.39 -23.37
N PHE D 76 -3.32 -28.83 -24.48
CA PHE D 76 -3.09 -27.38 -24.55
C PHE D 76 -4.27 -26.65 -25.20
N SER D 77 -5.44 -27.30 -25.26
CA SER D 77 -6.59 -26.68 -25.93
C SER D 77 -7.48 -25.79 -25.12
N GLY D 78 -7.10 -25.48 -23.86
CA GLY D 78 -7.88 -24.56 -23.06
C GLY D 78 -7.57 -23.13 -23.53
N ARG D 79 -8.40 -22.16 -23.15
CA ARG D 79 -8.22 -20.75 -23.51
C ARG D 79 -7.85 -19.96 -22.26
N GLY D 80 -6.78 -19.18 -22.36
CA GLY D 80 -6.34 -18.39 -21.23
C GLY D 80 -7.06 -17.03 -21.21
N GLU D 81 -6.46 -16.11 -20.49
CA GLU D 81 -7.03 -14.79 -20.24
C GLU D 81 -6.46 -13.64 -21.08
N GLN D 82 -7.25 -12.58 -21.29
CA GLN D 82 -6.71 -11.35 -21.87
C GLN D 82 -7.52 -10.42 -20.98
N ALA D 83 -6.81 -9.85 -20.03
CA ALA D 83 -7.56 -9.07 -19.01
C ALA D 83 -8.36 -7.88 -19.50
N THR D 84 -7.85 -7.16 -20.48
CA THR D 84 -8.62 -6.01 -21.00
C THR D 84 -9.91 -6.51 -21.66
N PHE D 85 -9.80 -7.54 -22.49
CA PHE D 85 -11.04 -8.03 -23.11
C PHE D 85 -11.96 -8.70 -22.10
N ASP D 86 -11.39 -9.35 -21.09
CA ASP D 86 -12.20 -10.02 -20.07
C ASP D 86 -13.11 -9.03 -19.37
N TRP D 87 -12.69 -7.78 -19.30
CA TRP D 87 -13.49 -6.76 -18.61
C TRP D 87 -14.91 -6.77 -19.17
N VAL D 88 -15.07 -7.00 -20.48
CA VAL D 88 -16.41 -7.04 -21.07
C VAL D 88 -16.88 -8.47 -21.35
N PHE D 89 -15.97 -9.35 -21.77
CA PHE D 89 -16.45 -10.65 -22.11
C PHE D 89 -16.80 -11.61 -20.99
N LYS D 90 -16.06 -11.54 -19.90
CA LYS D 90 -16.28 -12.43 -18.74
C LYS D 90 -16.41 -13.89 -19.06
N GLY D 91 -15.62 -14.36 -20.02
CA GLY D 91 -15.63 -15.76 -20.37
C GLY D 91 -16.78 -16.24 -21.24
N TYR D 92 -17.59 -15.30 -21.73
CA TYR D 92 -18.71 -15.66 -22.63
C TYR D 92 -18.26 -15.39 -24.09
N GLY D 93 -18.95 -16.00 -25.05
CA GLY D 93 -18.61 -15.82 -26.46
C GLY D 93 -17.67 -16.91 -26.89
N VAL D 94 -17.46 -17.07 -28.20
CA VAL D 94 -16.66 -18.17 -28.71
C VAL D 94 -15.15 -18.03 -28.47
N VAL D 95 -14.61 -16.84 -28.56
CA VAL D 95 -13.16 -16.70 -28.38
C VAL D 95 -12.65 -16.98 -26.99
N PHE D 96 -13.27 -16.33 -26.03
CA PHE D 96 -12.78 -16.42 -24.69
C PHE D 96 -13.43 -17.49 -23.84
N SER D 97 -14.25 -18.34 -24.46
CA SER D 97 -14.90 -19.36 -23.68
C SER D 97 -14.03 -20.64 -23.55
N ASN D 98 -14.45 -21.50 -22.66
CA ASN D 98 -13.80 -22.78 -22.40
C ASN D 98 -14.83 -23.86 -22.29
N GLY D 99 -14.32 -25.08 -22.23
CA GLY D 99 -15.13 -26.26 -22.05
C GLY D 99 -16.27 -26.45 -23.04
N GLU D 100 -17.40 -26.87 -22.48
CA GLU D 100 -18.60 -27.11 -23.28
C GLU D 100 -19.04 -25.85 -24.01
N ARG D 101 -18.89 -24.71 -23.36
CA ARG D 101 -19.32 -23.48 -23.98
C ARG D 101 -18.54 -23.24 -25.24
N ALA D 102 -17.22 -23.36 -25.14
CA ALA D 102 -16.37 -23.18 -26.31
C ALA D 102 -16.62 -24.27 -27.33
N LYS D 103 -16.82 -25.52 -26.93
CA LYS D 103 -17.04 -26.55 -27.93
C LYS D 103 -18.32 -26.25 -28.74
N GLN D 104 -19.36 -25.85 -28.04
CA GLN D 104 -20.63 -25.55 -28.71
C GLN D 104 -20.60 -24.29 -29.58
N LEU D 105 -19.98 -23.25 -29.08
CA LEU D 105 -20.00 -22.02 -29.82
C LEU D 105 -19.05 -22.10 -31.05
N ARG D 106 -17.94 -22.81 -30.91
CA ARG D 106 -17.02 -22.90 -32.04
C ARG D 106 -17.66 -23.75 -33.14
N ARG D 107 -18.30 -24.86 -32.77
CA ARG D 107 -18.97 -25.72 -33.76
C ARG D 107 -20.04 -24.95 -34.50
N PHE D 108 -20.91 -24.27 -33.77
CA PHE D 108 -21.98 -23.51 -34.37
C PHE D 108 -21.47 -22.39 -35.28
N SER D 109 -20.50 -21.62 -34.77
CA SER D 109 -19.91 -20.52 -35.53
C SER D 109 -19.31 -20.97 -36.84
N ILE D 110 -18.52 -22.03 -36.80
CA ILE D 110 -17.87 -22.50 -38.01
C ILE D 110 -18.94 -22.94 -39.03
N ALA D 111 -19.90 -23.71 -38.56
CA ALA D 111 -20.97 -24.17 -39.45
C ALA D 111 -21.79 -22.99 -40.01
N THR D 112 -22.16 -22.02 -39.17
CA THR D 112 -22.95 -20.88 -39.64
C THR D 112 -22.18 -19.97 -40.61
N LEU D 113 -20.92 -19.65 -40.28
CA LEU D 113 -20.13 -18.81 -41.18
C LEU D 113 -20.11 -19.48 -42.56
N ARG D 114 -19.84 -20.77 -42.56
CA ARG D 114 -19.77 -21.55 -43.79
C ARG D 114 -21.10 -21.45 -44.56
N ASP D 115 -22.22 -21.49 -43.85
CA ASP D 115 -23.54 -21.40 -44.49
C ASP D 115 -23.91 -20.01 -45.02
N PHE D 116 -23.25 -18.97 -44.51
CA PHE D 116 -23.48 -17.61 -44.96
C PHE D 116 -22.34 -17.18 -45.89
N GLY D 117 -21.60 -18.17 -46.37
CA GLY D 117 -20.46 -17.91 -47.23
C GLY D 117 -19.16 -18.37 -46.56
N VAL D 118 -18.10 -17.58 -46.70
CA VAL D 118 -16.78 -17.94 -46.15
C VAL D 118 -16.26 -19.23 -46.82
N GLY D 119 -15.21 -19.10 -47.63
CA GLY D 119 -14.63 -20.24 -48.34
C GLY D 119 -15.39 -20.65 -49.61
N LYS D 120 -16.40 -19.87 -49.96
CA LYS D 120 -17.23 -20.12 -51.14
C LYS D 120 -17.25 -18.92 -52.08
N ARG D 121 -17.85 -19.08 -53.24
CA ARG D 121 -17.94 -17.97 -54.18
C ARG D 121 -18.95 -16.93 -53.71
N GLY D 122 -19.82 -17.32 -52.77
CA GLY D 122 -20.79 -16.38 -52.24
C GLY D 122 -19.95 -15.28 -51.59
N ILE D 123 -19.11 -15.68 -50.62
CA ILE D 123 -18.28 -14.70 -49.93
C ILE D 123 -17.21 -14.15 -50.86
N GLU D 124 -16.76 -14.93 -51.84
CA GLU D 124 -15.77 -14.40 -52.78
C GLU D 124 -16.35 -13.21 -53.59
N GLU D 125 -17.56 -13.38 -54.14
CA GLU D 125 -18.23 -12.30 -54.88
C GLU D 125 -18.44 -11.08 -53.96
N ARG D 126 -18.83 -11.33 -52.71
CA ARG D 126 -19.01 -10.27 -51.72
C ARG D 126 -17.68 -9.50 -51.51
N ILE D 127 -16.57 -10.24 -51.41
CA ILE D 127 -15.27 -9.58 -51.22
C ILE D 127 -14.85 -8.79 -52.46
N GLN D 128 -15.08 -9.38 -53.65
CA GLN D 128 -14.76 -8.66 -54.89
C GLN D 128 -15.53 -7.36 -55.01
N GLU D 129 -16.81 -7.42 -54.63
CA GLU D 129 -17.63 -6.25 -54.69
C GLU D 129 -17.11 -5.18 -53.73
N GLU D 130 -16.82 -5.56 -52.49
CA GLU D 130 -16.33 -4.57 -51.54
C GLU D 130 -14.96 -4.05 -52.01
N ALA D 131 -14.15 -4.91 -52.64
CA ALA D 131 -12.87 -4.45 -53.13
C ALA D 131 -13.11 -3.34 -54.16
N GLY D 132 -14.16 -3.52 -54.99
CA GLY D 132 -14.45 -2.50 -55.98
C GLY D 132 -14.80 -1.18 -55.34
N PHE D 133 -15.55 -1.25 -54.24
CA PHE D 133 -15.91 -0.05 -53.52
C PHE D 133 -14.67 0.61 -52.93
N LEU D 134 -13.68 -0.21 -52.56
CA LEU D 134 -12.44 0.40 -52.03
C LEU D 134 -11.72 1.07 -53.20
N ILE D 135 -11.67 0.43 -54.36
CA ILE D 135 -11.01 1.09 -55.50
C ILE D 135 -11.72 2.39 -55.78
N ASP D 136 -13.05 2.38 -55.72
CA ASP D 136 -13.76 3.64 -56.01
C ASP D 136 -13.42 4.70 -54.94
N ALA D 137 -13.33 4.30 -53.67
CA ALA D 137 -13.01 5.29 -52.64
C ALA D 137 -11.61 5.86 -52.80
N LEU D 138 -10.64 4.99 -53.11
CA LEU D 138 -9.29 5.44 -53.32
C LEU D 138 -9.18 6.31 -54.57
N ARG D 139 -9.93 5.97 -55.62
CA ARG D 139 -9.91 6.80 -56.84
C ARG D 139 -10.38 8.21 -56.50
N GLY D 140 -11.37 8.23 -55.62
CA GLY D 140 -12.01 9.45 -55.15
C GLY D 140 -11.06 10.38 -54.45
N THR D 141 -9.98 9.87 -53.86
CA THR D 141 -8.99 10.77 -53.21
C THR D 141 -8.14 11.51 -54.24
N GLY D 142 -8.14 11.06 -55.49
CA GLY D 142 -7.41 11.79 -56.52
C GLY D 142 -5.92 11.81 -56.35
N GLY D 143 -5.41 10.85 -55.55
CA GLY D 143 -3.98 10.80 -55.37
C GLY D 143 -3.49 11.71 -54.28
N ALA D 144 -4.37 12.31 -53.50
CA ALA D 144 -3.92 13.19 -52.42
C ALA D 144 -3.25 12.33 -51.34
N ASN D 145 -2.40 12.98 -50.56
CA ASN D 145 -1.75 12.29 -49.41
C ASN D 145 -2.84 12.11 -48.32
N ILE D 146 -3.17 10.86 -48.01
CA ILE D 146 -4.24 10.53 -47.08
C ILE D 146 -3.76 9.50 -46.05
N ASP D 147 -4.45 9.44 -44.94
CA ASP D 147 -4.14 8.36 -43.94
C ASP D 147 -5.00 7.18 -44.46
N PRO D 148 -4.39 6.03 -44.85
CA PRO D 148 -5.22 4.93 -45.36
C PRO D 148 -6.07 4.14 -44.37
N THR D 149 -5.82 4.34 -43.09
CA THR D 149 -6.41 3.55 -42.01
C THR D 149 -7.87 3.18 -42.16
N PHE D 150 -8.75 4.19 -42.22
CA PHE D 150 -10.17 3.90 -42.30
C PHE D 150 -10.69 3.55 -43.66
N PHE D 151 -9.97 3.90 -44.71
CA PHE D 151 -10.42 3.45 -46.03
C PHE D 151 -10.27 1.91 -45.99
N LEU D 152 -9.16 1.43 -45.43
CA LEU D 152 -8.97 -0.04 -45.36
C LEU D 152 -9.88 -0.73 -44.34
N SER D 153 -10.03 -0.16 -43.15
CA SER D 153 -10.84 -0.87 -42.17
C SER D 153 -12.31 -0.85 -42.56
N ARG D 154 -12.78 0.17 -43.28
CA ARG D 154 -14.23 0.17 -43.65
C ARG D 154 -14.48 -0.99 -44.61
N THR D 155 -13.57 -1.16 -45.55
CA THR D 155 -13.71 -2.24 -46.53
C THR D 155 -13.66 -3.62 -45.88
N VAL D 156 -12.67 -3.83 -45.03
CA VAL D 156 -12.52 -5.11 -44.34
C VAL D 156 -13.73 -5.38 -43.46
N SER D 157 -14.15 -4.40 -42.67
CA SER D 157 -15.23 -4.61 -41.76
C SER D 157 -16.54 -4.91 -42.51
N ASN D 158 -16.72 -4.30 -43.67
CA ASN D 158 -17.95 -4.60 -44.42
C ASN D 158 -18.13 -6.05 -44.84
N VAL D 159 -17.03 -6.80 -44.90
CA VAL D 159 -17.12 -8.18 -45.32
C VAL D 159 -17.75 -8.96 -44.17
N ILE D 160 -17.14 -8.93 -42.99
CA ILE D 160 -17.73 -9.71 -41.89
C ILE D 160 -19.09 -9.11 -41.50
N SER D 161 -19.25 -7.80 -41.65
CA SER D 161 -20.52 -7.13 -41.30
C SER D 161 -21.70 -7.70 -42.11
N SER D 162 -21.43 -7.96 -43.39
CA SER D 162 -22.40 -8.52 -44.33
C SER D 162 -22.84 -9.87 -43.77
N ILE D 163 -21.84 -10.64 -43.33
CA ILE D 163 -22.05 -12.00 -42.82
C ILE D 163 -22.82 -12.00 -41.51
N VAL D 164 -22.42 -11.18 -40.56
CA VAL D 164 -23.09 -11.23 -39.27
C VAL D 164 -24.29 -10.36 -39.13
N PHE D 165 -24.34 -9.26 -39.87
CA PHE D 165 -25.47 -8.34 -39.76
C PHE D 165 -26.39 -8.42 -40.96
N GLY D 166 -25.98 -9.12 -42.01
CA GLY D 166 -26.81 -9.25 -43.20
C GLY D 166 -26.54 -8.26 -44.31
N ASP D 167 -26.11 -7.04 -43.95
CA ASP D 167 -25.82 -6.03 -44.97
C ASP D 167 -24.53 -5.28 -44.60
N ARG D 168 -24.09 -4.40 -45.48
CA ARG D 168 -22.88 -3.60 -45.28
C ARG D 168 -23.21 -2.24 -44.79
N PHE D 169 -22.20 -1.52 -44.34
CA PHE D 169 -22.43 -0.16 -43.89
C PHE D 169 -22.07 0.76 -45.05
N ASP D 170 -22.69 1.94 -45.08
CA ASP D 170 -22.32 2.90 -46.11
C ASP D 170 -21.00 3.58 -45.65
N TYR D 171 -20.10 3.88 -46.56
CA TYR D 171 -18.79 4.45 -46.18
C TYR D 171 -18.91 5.81 -45.52
N LYS D 172 -20.03 6.50 -45.70
CA LYS D 172 -20.17 7.81 -45.06
C LYS D 172 -20.92 7.75 -43.73
N ASP D 173 -21.35 6.57 -43.32
CA ASP D 173 -22.07 6.39 -42.08
C ASP D 173 -21.13 6.78 -40.92
N LYS D 174 -21.50 7.78 -40.12
CA LYS D 174 -20.68 8.25 -39.00
C LYS D 174 -20.63 7.26 -37.83
N GLU D 175 -21.69 6.50 -37.66
CA GLU D 175 -21.69 5.52 -36.60
C GLU D 175 -20.67 4.42 -36.94
N PHE D 176 -20.55 4.07 -38.22
CA PHE D 176 -19.64 2.99 -38.65
C PHE D 176 -18.19 3.47 -38.33
N LEU D 177 -17.90 4.72 -38.64
CA LEU D 177 -16.59 5.27 -38.37
C LEU D 177 -16.29 5.26 -36.87
N SER D 178 -17.30 5.58 -36.08
CA SER D 178 -17.14 5.59 -34.63
C SER D 178 -16.81 4.15 -34.13
N LEU D 179 -17.50 3.12 -34.67
CA LEU D 179 -17.24 1.72 -34.25
C LEU D 179 -15.81 1.33 -34.65
N LEU D 180 -15.39 1.75 -35.86
CA LEU D 180 -14.01 1.42 -36.32
C LEU D 180 -12.99 2.12 -35.43
N ARG D 181 -13.28 3.34 -34.96
CA ARG D 181 -12.34 3.99 -34.04
C ARG D 181 -12.24 3.24 -32.71
N MET D 182 -13.37 2.69 -32.24
CA MET D 182 -13.38 1.92 -30.98
C MET D 182 -12.50 0.68 -31.16
N MET D 183 -12.64 0.03 -32.31
CA MET D 183 -11.78 -1.18 -32.53
C MET D 183 -10.30 -0.84 -32.58
N LEU D 184 -9.95 0.21 -33.33
CA LEU D 184 -8.55 0.58 -33.45
C LEU D 184 -8.02 0.99 -32.07
N GLY D 185 -8.86 1.68 -31.29
CA GLY D 185 -8.43 2.13 -29.98
C GLY D 185 -8.16 0.98 -28.99
N ILE D 186 -9.02 -0.05 -29.02
CA ILE D 186 -8.82 -1.19 -28.12
C ILE D 186 -7.55 -2.00 -28.55
N PHE D 187 -7.32 -2.11 -29.84
CA PHE D 187 -6.08 -2.86 -30.25
C PHE D 187 -4.85 -2.01 -29.91
N GLN D 188 -4.91 -0.67 -30.08
CA GLN D 188 -3.75 0.16 -29.66
C GLN D 188 -3.55 0.06 -28.13
N PHE D 189 -4.63 0.19 -27.34
CA PHE D 189 -4.42 0.18 -25.88
C PHE D 189 -3.76 -1.11 -25.40
N THR D 190 -4.27 -2.24 -25.88
CA THR D 190 -3.74 -3.50 -25.40
C THR D 190 -2.31 -3.74 -25.88
N SER D 191 -1.86 -2.88 -26.76
CA SER D 191 -0.47 -3.02 -27.26
C SER D 191 0.46 -2.02 -26.61
N THR D 192 -0.05 -1.13 -25.71
CA THR D 192 0.85 -0.17 -25.10
C THR D 192 1.38 -0.71 -23.78
N SER D 193 2.32 0.02 -23.21
CA SER D 193 2.85 -0.30 -21.89
C SER D 193 1.73 -0.40 -20.84
N THR D 194 0.83 0.61 -20.77
CA THR D 194 -0.22 0.49 -19.77
C THR D 194 -1.10 -0.70 -20.01
N GLY D 195 -1.33 -1.01 -21.28
CA GLY D 195 -2.14 -2.16 -21.64
C GLY D 195 -1.52 -3.47 -21.18
N GLN D 196 -0.18 -3.57 -21.27
CA GLN D 196 0.45 -4.80 -20.81
C GLN D 196 0.68 -4.84 -19.29
N LEU D 197 0.79 -3.65 -18.67
CA LEU D 197 0.85 -3.61 -17.22
C LEU D 197 -0.55 -4.09 -16.71
N TYR D 198 -1.63 -3.73 -17.44
CA TYR D 198 -2.98 -4.14 -17.09
C TYR D 198 -3.08 -5.65 -17.07
N GLU D 199 -2.33 -6.31 -17.96
CA GLU D 199 -2.40 -7.76 -17.89
C GLU D 199 -1.77 -8.34 -16.62
N MET D 200 -0.90 -7.58 -15.98
CA MET D 200 -0.28 -8.07 -14.74
C MET D 200 -1.11 -7.67 -13.51
N PHE D 201 -1.66 -6.49 -13.60
CA PHE D 201 -2.25 -5.90 -12.39
C PHE D 201 -3.68 -5.46 -12.48
N SER D 202 -4.48 -6.16 -13.25
CA SER D 202 -5.86 -5.75 -13.46
C SER D 202 -6.68 -5.71 -12.16
N SER D 203 -6.30 -6.58 -11.21
CA SER D 203 -7.01 -6.66 -9.90
C SER D 203 -7.15 -5.28 -9.28
N VAL D 204 -6.09 -4.48 -9.42
CA VAL D 204 -6.07 -3.14 -8.88
C VAL D 204 -6.44 -2.12 -9.96
N MET D 205 -5.81 -2.23 -11.13
CA MET D 205 -6.01 -1.22 -12.17
C MET D 205 -7.42 -1.11 -12.71
N LYS D 206 -8.21 -2.14 -12.62
CA LYS D 206 -9.58 -2.01 -13.14
C LYS D 206 -10.38 -1.00 -12.29
N HIS D 207 -9.84 -0.68 -11.10
CA HIS D 207 -10.56 0.27 -10.21
C HIS D 207 -9.94 1.63 -10.18
N LEU D 208 -8.88 1.85 -10.94
CA LEU D 208 -8.13 3.10 -10.97
C LEU D 208 -8.32 3.89 -12.23
N PRO D 209 -8.21 5.19 -12.14
CA PRO D 209 -8.36 5.96 -13.39
C PRO D 209 -7.13 5.74 -14.28
N GLY D 210 -7.31 5.95 -15.56
CA GLY D 210 -6.19 5.79 -16.48
C GLY D 210 -6.66 5.37 -17.85
N PRO D 211 -5.72 5.16 -18.77
CA PRO D 211 -6.12 4.76 -20.12
C PRO D 211 -6.98 3.51 -20.19
N GLN D 212 -6.82 2.63 -19.22
CA GLN D 212 -7.62 1.41 -19.22
C GLN D 212 -9.12 1.73 -19.11
N GLN D 213 -9.48 2.80 -18.39
CA GLN D 213 -10.92 3.12 -18.27
C GLN D 213 -11.43 3.55 -19.67
N GLN D 214 -10.65 4.33 -20.38
CA GLN D 214 -11.08 4.73 -21.72
C GLN D 214 -11.22 3.47 -22.64
N ALA D 215 -10.29 2.51 -22.55
CA ALA D 215 -10.47 1.28 -23.34
C ALA D 215 -11.74 0.52 -22.94
N PHE D 216 -12.06 0.48 -21.63
CA PHE D 216 -13.25 -0.24 -21.24
C PHE D 216 -14.46 0.45 -21.91
N GLN D 217 -14.42 1.78 -21.97
CA GLN D 217 -15.54 2.56 -22.60
C GLN D 217 -15.66 2.24 -24.07
N LEU D 218 -14.52 2.08 -24.76
CA LEU D 218 -14.62 1.66 -26.18
C LEU D 218 -15.26 0.25 -26.29
N LEU D 219 -14.88 -0.69 -25.40
CA LEU D 219 -15.48 -2.04 -25.45
C LEU D 219 -17.02 -1.99 -25.24
N GLN D 220 -17.42 -1.19 -24.25
CA GLN D 220 -18.84 -0.99 -23.95
C GLN D 220 -19.57 -0.41 -25.18
N GLY D 221 -18.96 0.55 -25.86
CA GLY D 221 -19.61 1.12 -27.03
C GLY D 221 -19.86 0.05 -28.07
N LEU D 222 -18.87 -0.83 -28.28
CA LEU D 222 -19.03 -1.89 -29.25
C LEU D 222 -20.09 -2.87 -28.79
N GLU D 223 -20.05 -3.23 -27.49
CA GLU D 223 -21.04 -4.18 -26.99
C GLU D 223 -22.46 -3.61 -27.19
N ASP D 224 -22.63 -2.34 -26.85
CA ASP D 224 -23.97 -1.68 -26.96
C ASP D 224 -24.50 -1.70 -28.37
N PHE D 225 -23.60 -1.46 -29.34
CA PHE D 225 -24.00 -1.51 -30.75
C PHE D 225 -24.50 -2.89 -31.09
N ILE D 226 -23.74 -3.94 -30.70
CA ILE D 226 -24.15 -5.28 -31.05
C ILE D 226 -25.49 -5.64 -30.40
N ALA D 227 -25.61 -5.29 -29.12
CA ALA D 227 -26.84 -5.58 -28.37
C ALA D 227 -28.04 -4.94 -29.08
N LYS D 228 -27.89 -3.69 -29.53
CA LYS D 228 -28.99 -3.02 -30.23
C LYS D 228 -29.28 -3.71 -31.57
N LYS D 229 -28.26 -4.18 -32.26
CA LYS D 229 -28.50 -4.90 -33.51
C LYS D 229 -29.22 -6.27 -33.28
N VAL D 230 -28.81 -6.97 -32.22
CA VAL D 230 -29.39 -8.26 -31.93
C VAL D 230 -30.88 -8.03 -31.62
N GLU D 231 -31.16 -6.98 -30.87
CA GLU D 231 -32.56 -6.67 -30.51
C GLU D 231 -33.37 -6.52 -31.81
N HIS D 232 -32.83 -5.76 -32.76
CA HIS D 232 -33.54 -5.55 -34.00
C HIS D 232 -33.79 -6.84 -34.77
N ASN D 233 -32.78 -7.66 -34.90
CA ASN D 233 -32.97 -8.90 -35.61
C ASN D 233 -34.06 -9.72 -34.93
N GLN D 234 -34.31 -9.45 -33.66
CA GLN D 234 -35.33 -10.21 -32.94
C GLN D 234 -36.72 -9.65 -33.14
N ARG D 235 -36.80 -8.33 -33.28
CA ARG D 235 -38.08 -7.67 -33.49
C ARG D 235 -38.55 -7.86 -34.92
N THR D 236 -37.90 -8.73 -35.69
CA THR D 236 -38.31 -8.94 -37.08
C THR D 236 -37.82 -10.26 -37.63
N LEU D 237 -37.40 -11.15 -36.73
CA LEU D 237 -36.87 -12.45 -37.12
C LEU D 237 -37.89 -13.28 -37.91
N ASP D 238 -37.41 -14.17 -38.76
CA ASP D 238 -38.29 -15.08 -39.48
C ASP D 238 -37.63 -16.46 -39.37
N PRO D 239 -37.99 -17.25 -38.31
CA PRO D 239 -37.48 -18.60 -38.00
C PRO D 239 -37.34 -19.48 -39.22
N ASN D 240 -38.00 -19.06 -40.29
CA ASN D 240 -37.96 -19.80 -41.53
C ASN D 240 -36.83 -19.37 -42.44
N SER D 241 -36.40 -18.12 -42.36
CA SER D 241 -35.33 -17.65 -43.24
C SER D 241 -34.36 -16.69 -42.57
N PRO D 242 -33.31 -17.21 -41.90
CA PRO D 242 -32.34 -16.33 -41.23
C PRO D 242 -31.70 -15.32 -42.20
N ARG D 243 -31.55 -14.08 -41.78
CA ARG D 243 -30.94 -13.09 -42.68
C ARG D 243 -29.42 -13.13 -42.59
N ASP D 244 -28.90 -13.53 -41.44
CA ASP D 244 -27.45 -13.50 -41.24
C ASP D 244 -27.09 -14.36 -40.02
N PHE D 245 -25.84 -14.22 -39.57
CA PHE D 245 -25.40 -14.96 -38.39
C PHE D 245 -26.28 -14.80 -37.16
N ILE D 246 -26.68 -13.58 -36.83
CA ILE D 246 -27.49 -13.27 -35.63
C ILE D 246 -28.83 -13.99 -35.67
N ASP D 247 -29.50 -13.88 -36.81
CA ASP D 247 -30.79 -14.56 -36.95
C ASP D 247 -30.62 -16.04 -36.63
N SER D 248 -29.66 -16.71 -37.27
CA SER D 248 -29.44 -18.13 -37.06
C SER D 248 -29.20 -18.53 -35.61
N PHE D 249 -28.49 -17.67 -34.89
CA PHE D 249 -28.20 -17.95 -33.48
C PHE D 249 -29.49 -17.72 -32.69
N LEU D 250 -30.25 -16.70 -33.04
CA LEU D 250 -31.50 -16.40 -32.33
C LEU D 250 -32.50 -17.56 -32.41
N ILE D 251 -32.45 -18.22 -33.55
CA ILE D 251 -33.27 -19.36 -33.86
C ILE D 251 -32.84 -20.53 -32.99
N ARG D 252 -31.53 -20.77 -32.94
CA ARG D 252 -31.01 -21.84 -32.13
C ARG D 252 -31.46 -21.55 -30.71
N MET D 253 -31.39 -20.29 -30.30
CA MET D 253 -31.80 -19.92 -28.95
C MET D 253 -33.26 -20.35 -28.69
N GLN D 254 -34.14 -20.07 -29.65
CA GLN D 254 -35.56 -20.43 -29.50
C GLN D 254 -35.74 -21.92 -29.19
N GLU D 255 -35.09 -22.75 -30.00
CA GLU D 255 -35.16 -24.20 -29.91
C GLU D 255 -34.58 -24.80 -28.64
N GLU D 256 -33.73 -24.03 -28.00
CA GLU D 256 -33.03 -24.47 -26.80
C GLU D 256 -33.64 -23.90 -25.55
N GLU D 257 -34.73 -23.15 -25.68
CA GLU D 257 -35.36 -22.57 -24.48
C GLU D 257 -35.73 -23.66 -23.50
N LYS D 258 -35.89 -24.88 -24.02
CA LYS D 258 -36.24 -26.03 -23.20
C LYS D 258 -35.09 -26.60 -22.38
N ASN D 259 -33.86 -26.42 -22.86
CA ASN D 259 -32.65 -26.94 -22.23
C ASN D 259 -32.06 -25.97 -21.18
N PRO D 260 -32.23 -26.30 -19.89
CA PRO D 260 -31.72 -25.46 -18.82
C PRO D 260 -30.18 -25.31 -18.90
N ASN D 261 -29.51 -26.25 -19.54
CA ASN D 261 -28.03 -26.17 -19.63
C ASN D 261 -27.48 -25.75 -20.99
N THR D 262 -28.33 -25.12 -21.82
CA THR D 262 -27.92 -24.71 -23.15
C THR D 262 -26.87 -23.59 -23.08
N GLU D 263 -25.98 -23.56 -24.07
CA GLU D 263 -24.97 -22.49 -24.13
C GLU D 263 -25.54 -21.42 -25.06
N PHE D 264 -26.67 -21.73 -25.68
CA PHE D 264 -27.28 -20.78 -26.62
C PHE D 264 -28.31 -19.86 -25.98
N TYR D 265 -27.83 -18.72 -25.49
CA TYR D 265 -28.64 -17.69 -24.84
C TYR D 265 -28.06 -16.34 -25.20
N LEU D 266 -28.79 -15.28 -24.88
CA LEU D 266 -28.40 -13.92 -25.25
C LEU D 266 -26.95 -13.48 -25.08
N LYS D 267 -26.41 -13.62 -23.87
CA LYS D 267 -25.05 -13.18 -23.65
C LYS D 267 -24.03 -13.85 -24.56
N ASN D 268 -24.21 -15.13 -24.88
CA ASN D 268 -23.25 -15.78 -25.76
C ASN D 268 -23.45 -15.33 -27.21
N LEU D 269 -24.67 -14.99 -27.58
CA LEU D 269 -24.88 -14.50 -28.95
C LEU D 269 -24.24 -13.10 -29.06
N VAL D 270 -24.48 -12.22 -28.10
CA VAL D 270 -23.93 -10.87 -28.12
C VAL D 270 -22.38 -10.94 -28.16
N MET D 271 -21.80 -11.76 -27.28
CA MET D 271 -20.35 -11.84 -27.23
C MET D 271 -19.71 -12.51 -28.41
N THR D 272 -20.37 -13.55 -28.93
CA THR D 272 -19.84 -14.24 -30.07
C THR D 272 -19.90 -13.29 -31.28
N THR D 273 -21.00 -12.57 -31.42
CA THR D 273 -21.11 -11.65 -32.55
C THR D 273 -20.06 -10.51 -32.46
N LEU D 274 -19.85 -10.02 -31.24
CA LEU D 274 -18.85 -8.98 -31.00
C LEU D 274 -17.45 -9.54 -31.39
N ASN D 275 -17.18 -10.80 -31.01
CA ASN D 275 -15.89 -11.46 -31.35
C ASN D 275 -15.67 -11.45 -32.88
N LEU D 276 -16.70 -11.81 -33.65
CA LEU D 276 -16.51 -11.88 -35.08
C LEU D 276 -16.38 -10.53 -35.70
N PHE D 277 -17.19 -9.57 -35.22
CA PHE D 277 -17.16 -8.18 -35.76
C PHE D 277 -15.78 -7.54 -35.46
N ILE D 278 -15.32 -7.65 -34.22
CA ILE D 278 -14.02 -7.05 -33.89
C ILE D 278 -12.91 -7.89 -34.51
N GLY D 279 -12.92 -9.18 -34.20
CA GLY D 279 -11.89 -10.07 -34.74
C GLY D 279 -11.82 -10.09 -36.26
N GLY D 280 -12.95 -10.11 -36.92
CA GLY D 280 -12.94 -10.14 -38.40
C GLY D 280 -12.58 -8.80 -39.02
N THR D 281 -12.55 -7.72 -38.23
CA THR D 281 -12.16 -6.44 -38.80
C THR D 281 -10.70 -6.03 -38.52
N GLU D 282 -10.32 -6.02 -37.23
CA GLU D 282 -9.08 -5.39 -36.94
C GLU D 282 -7.76 -6.06 -37.36
N THR D 283 -7.74 -7.41 -37.34
CA THR D 283 -6.52 -8.11 -37.71
C THR D 283 -6.24 -7.93 -39.16
N VAL D 284 -7.24 -8.12 -40.03
CA VAL D 284 -6.99 -7.94 -41.46
C VAL D 284 -6.69 -6.49 -41.79
N SER D 285 -7.39 -5.56 -41.14
CA SER D 285 -7.11 -4.19 -41.42
C SER D 285 -5.67 -3.82 -41.08
N THR D 286 -5.19 -4.29 -39.93
CA THR D 286 -3.83 -3.93 -39.50
C THR D 286 -2.85 -4.54 -40.48
N THR D 287 -3.16 -5.77 -40.93
CA THR D 287 -2.25 -6.44 -41.88
C THR D 287 -2.13 -5.67 -43.19
N LEU D 288 -3.27 -5.24 -43.72
CA LEU D 288 -3.24 -4.46 -44.95
C LEU D 288 -2.45 -3.17 -44.76
N ARG D 289 -2.73 -2.48 -43.65
CA ARG D 289 -2.05 -1.21 -43.41
C ARG D 289 -0.53 -1.37 -43.28
N TYR D 290 -0.11 -2.43 -42.58
CA TYR D 290 1.33 -2.65 -42.45
C TYR D 290 1.89 -3.08 -43.86
N GLY D 291 1.11 -3.85 -44.58
CA GLY D 291 1.54 -4.31 -45.89
C GLY D 291 1.86 -3.21 -46.89
N PHE D 292 1.00 -2.19 -46.97
CA PHE D 292 1.25 -1.09 -47.91
C PHE D 292 2.48 -0.31 -47.51
N LEU D 293 2.68 -0.21 -46.19
CA LEU D 293 3.85 0.49 -45.73
C LEU D 293 5.12 -0.26 -46.17
N LEU D 294 5.11 -1.59 -46.02
CA LEU D 294 6.24 -2.43 -46.38
C LEU D 294 6.48 -2.33 -47.90
N LEU D 295 5.38 -2.31 -48.68
CA LEU D 295 5.53 -2.18 -50.15
C LEU D 295 6.16 -0.85 -50.52
N MET D 296 5.87 0.22 -49.78
CA MET D 296 6.52 1.50 -50.11
C MET D 296 8.01 1.51 -49.66
N LYS D 297 8.31 0.78 -48.61
CA LYS D 297 9.70 0.70 -48.11
C LYS D 297 10.54 -0.15 -49.10
N HIS D 298 9.88 -1.02 -49.86
CA HIS D 298 10.56 -1.89 -50.80
C HIS D 298 9.97 -1.76 -52.20
N PRO D 299 10.31 -0.67 -52.90
CA PRO D 299 9.76 -0.47 -54.25
C PRO D 299 10.10 -1.56 -55.27
N GLU D 300 11.22 -2.26 -55.09
CA GLU D 300 11.53 -3.34 -56.00
C GLU D 300 10.53 -4.48 -55.86
N VAL D 301 10.01 -4.66 -54.64
CA VAL D 301 9.01 -5.70 -54.43
C VAL D 301 7.70 -5.25 -55.07
N GLU D 302 7.34 -3.98 -54.89
CA GLU D 302 6.10 -3.51 -55.52
C GLU D 302 6.24 -3.73 -57.07
N ALA D 303 7.43 -3.45 -57.61
CA ALA D 303 7.59 -3.57 -59.07
C ALA D 303 7.36 -5.01 -59.55
N LYS D 304 7.84 -5.99 -58.78
CA LYS D 304 7.65 -7.39 -59.19
C LYS D 304 6.21 -7.78 -59.00
N VAL D 305 5.57 -7.21 -57.99
CA VAL D 305 4.14 -7.49 -57.78
C VAL D 305 3.34 -6.95 -59.03
N HIS D 306 3.65 -5.75 -59.48
CA HIS D 306 2.98 -5.20 -60.70
C HIS D 306 3.25 -6.03 -61.98
N GLU D 307 4.51 -6.48 -62.12
CA GLU D 307 4.84 -7.28 -63.29
C GLU D 307 3.98 -8.54 -63.30
N GLU D 308 3.88 -9.20 -62.15
CA GLU D 308 3.07 -10.41 -62.12
C GLU D 308 1.57 -10.15 -62.30
N ILE D 309 1.02 -9.12 -61.66
CA ILE D 309 -0.41 -8.85 -61.80
C ILE D 309 -0.76 -8.50 -63.27
N ASP D 310 0.08 -7.68 -63.88
CA ASP D 310 -0.15 -7.27 -65.28
C ASP D 310 -0.11 -8.45 -66.24
N ARG D 311 0.78 -9.39 -65.98
CA ARG D 311 0.96 -10.56 -66.83
C ARG D 311 -0.10 -11.60 -66.66
N VAL D 312 -0.51 -11.84 -65.42
CA VAL D 312 -1.47 -12.87 -65.15
C VAL D 312 -2.89 -12.44 -65.21
N ILE D 313 -3.16 -11.25 -64.66
CA ILE D 313 -4.52 -10.75 -64.60
C ILE D 313 -4.84 -9.68 -65.63
N GLY D 314 -3.92 -8.74 -65.82
CA GLY D 314 -4.18 -7.67 -66.77
C GLY D 314 -4.81 -6.52 -66.03
N LYS D 315 -5.32 -5.53 -66.75
CA LYS D 315 -5.88 -4.35 -66.09
C LYS D 315 -7.38 -4.24 -66.19
N ASN D 316 -8.00 -5.14 -66.92
CA ASN D 316 -9.44 -5.04 -67.09
C ASN D 316 -10.28 -5.79 -66.07
N ARG D 317 -10.04 -7.09 -65.94
CA ARG D 317 -10.86 -7.87 -65.03
C ARG D 317 -10.45 -7.84 -63.57
N GLN D 318 -11.42 -8.14 -62.72
CA GLN D 318 -11.18 -8.19 -61.29
C GLN D 318 -10.42 -9.46 -60.93
N PRO D 319 -9.52 -9.33 -59.97
CA PRO D 319 -8.76 -10.47 -59.51
C PRO D 319 -9.81 -11.42 -58.87
N LYS D 320 -9.54 -12.71 -58.98
CA LYS D 320 -10.37 -13.75 -58.33
C LYS D 320 -9.39 -14.60 -57.47
N PHE D 321 -9.89 -15.25 -56.43
CA PHE D 321 -8.98 -16.00 -55.57
C PHE D 321 -8.16 -17.08 -56.28
N GLU D 322 -8.75 -17.67 -57.32
CA GLU D 322 -8.02 -18.71 -58.04
C GLU D 322 -6.76 -18.20 -58.74
N ASP D 323 -6.70 -16.87 -59.00
CA ASP D 323 -5.52 -16.31 -59.69
C ASP D 323 -4.27 -16.55 -58.87
N ARG D 324 -4.45 -16.78 -57.57
CA ARG D 324 -3.24 -16.97 -56.75
C ARG D 324 -2.39 -18.15 -57.21
N ALA D 325 -3.00 -19.13 -57.83
CA ALA D 325 -2.23 -20.29 -58.27
C ALA D 325 -1.18 -19.93 -59.33
N LYS D 326 -1.41 -18.83 -60.07
CA LYS D 326 -0.44 -18.39 -61.09
C LYS D 326 0.37 -17.21 -60.58
N MET D 327 0.19 -16.89 -59.27
CA MET D 327 0.88 -15.71 -58.74
C MET D 327 1.68 -16.02 -57.48
N PRO D 328 2.74 -16.86 -57.63
CA PRO D 328 3.58 -17.21 -56.50
C PRO D 328 4.25 -16.00 -55.84
N TYR D 329 4.65 -14.97 -56.63
CA TYR D 329 5.31 -13.81 -56.00
C TYR D 329 4.31 -13.06 -55.11
N MET D 330 3.10 -12.82 -55.60
CA MET D 330 2.09 -12.13 -54.74
C MET D 330 1.84 -12.99 -53.47
N GLU D 331 1.66 -14.31 -53.65
CA GLU D 331 1.45 -15.17 -52.51
C GLU D 331 2.63 -15.08 -51.53
N ALA D 332 3.87 -15.07 -52.04
CA ALA D 332 5.03 -14.96 -51.16
C ALA D 332 5.04 -13.60 -50.46
N VAL D 333 4.66 -12.55 -51.20
CA VAL D 333 4.67 -11.20 -50.62
C VAL D 333 3.63 -11.13 -49.49
N ILE D 334 2.44 -11.68 -49.70
CA ILE D 334 1.42 -11.61 -48.60
C ILE D 334 1.82 -12.42 -47.40
N HIS D 335 2.40 -13.61 -47.63
CA HIS D 335 2.89 -14.41 -46.52
C HIS D 335 3.99 -13.66 -45.76
N GLU D 336 4.90 -12.99 -46.49
CA GLU D 336 5.96 -12.26 -45.86
C GLU D 336 5.40 -11.04 -45.08
N ILE D 337 4.32 -10.49 -45.59
CA ILE D 337 3.75 -9.30 -44.87
C ILE D 337 3.16 -9.85 -43.54
N GLN D 338 2.51 -11.01 -43.56
CA GLN D 338 1.94 -11.57 -42.34
C GLN D 338 3.07 -12.00 -41.40
N ARG D 339 4.15 -12.57 -41.97
CA ARG D 339 5.28 -12.96 -41.14
C ARG D 339 6.01 -11.78 -40.48
N PHE D 340 6.29 -10.75 -41.26
CA PHE D 340 7.01 -9.58 -40.73
C PHE D 340 6.09 -8.78 -39.84
N GLY D 341 4.83 -8.68 -40.25
CA GLY D 341 3.81 -7.89 -39.49
C GLY D 341 3.53 -8.43 -38.11
N ASP D 342 3.52 -9.77 -37.96
CA ASP D 342 3.38 -10.44 -36.65
C ASP D 342 2.27 -9.78 -35.86
N VAL D 343 1.08 -9.80 -36.49
CA VAL D 343 0.00 -8.94 -35.89
C VAL D 343 -0.48 -9.32 -34.50
N ILE D 344 -0.50 -10.61 -34.13
CA ILE D 344 -0.87 -11.05 -32.75
C ILE D 344 0.42 -11.81 -32.33
N PRO D 345 1.42 -11.08 -31.81
CA PRO D 345 2.70 -11.71 -31.44
C PRO D 345 2.76 -12.79 -30.38
N MET D 346 1.84 -12.75 -29.40
CA MET D 346 1.79 -13.73 -28.32
C MET D 346 0.50 -14.57 -28.38
N SER D 347 -0.08 -14.63 -29.59
CA SER D 347 -1.33 -15.33 -29.88
C SER D 347 -2.41 -14.86 -28.89
N LEU D 348 -3.45 -15.67 -28.75
CA LEU D 348 -4.42 -15.45 -27.66
C LEU D 348 -3.97 -16.57 -26.71
N ALA D 349 -3.90 -16.27 -25.42
CA ALA D 349 -3.46 -17.26 -24.45
C ALA D 349 -4.19 -18.60 -24.41
N ARG D 350 -3.41 -19.65 -24.20
CA ARG D 350 -4.01 -20.99 -24.01
C ARG D 350 -3.96 -21.33 -22.55
N ARG D 351 -4.45 -22.51 -22.23
CA ARG D 351 -4.46 -22.97 -20.85
C ARG D 351 -4.50 -24.51 -20.92
N VAL D 352 -3.77 -25.18 -20.01
CA VAL D 352 -3.74 -26.63 -20.00
C VAL D 352 -5.05 -27.14 -19.36
N LYS D 353 -5.68 -28.11 -20.02
CA LYS D 353 -6.97 -28.68 -19.63
C LYS D 353 -6.90 -29.56 -18.36
N LYS D 354 -5.81 -30.29 -18.24
CA LYS D 354 -5.56 -31.22 -17.15
C LYS D 354 -4.07 -31.19 -16.74
N ASP D 355 -3.73 -31.89 -15.68
CA ASP D 355 -2.34 -31.95 -15.28
C ASP D 355 -1.66 -32.52 -16.52
N THR D 356 -0.59 -31.88 -16.91
CA THR D 356 0.11 -32.26 -18.14
C THR D 356 1.63 -32.41 -18.00
N LYS D 357 2.19 -33.44 -18.63
CA LYS D 357 3.65 -33.59 -18.67
C LYS D 357 4.03 -33.06 -20.05
N PHE D 358 4.89 -32.03 -20.09
CA PHE D 358 5.32 -31.47 -21.38
C PHE D 358 6.82 -31.39 -21.28
N ARG D 359 7.51 -32.11 -22.17
CA ARG D 359 8.94 -32.16 -22.16
C ARG D 359 9.33 -32.63 -20.72
N ASP D 360 10.30 -32.05 -20.08
CA ASP D 360 10.58 -32.63 -18.75
C ASP D 360 9.80 -31.92 -17.66
N PHE D 361 8.70 -31.24 -18.00
CA PHE D 361 8.04 -30.46 -16.97
C PHE D 361 6.66 -30.91 -16.67
N PHE D 362 6.16 -30.44 -15.52
CA PHE D 362 4.84 -30.74 -15.07
C PHE D 362 4.04 -29.44 -15.03
N LEU D 363 2.95 -29.37 -15.80
CA LEU D 363 2.09 -28.15 -15.78
C LEU D 363 0.72 -28.56 -15.21
N PRO D 364 0.41 -28.06 -14.03
CA PRO D 364 -0.85 -28.32 -13.31
C PRO D 364 -2.01 -27.85 -14.14
N LYS D 365 -3.12 -28.55 -13.96
CA LYS D 365 -4.35 -28.20 -14.63
C LYS D 365 -4.62 -26.68 -14.45
N GLY D 366 -4.99 -26.00 -15.54
CA GLY D 366 -5.28 -24.55 -15.43
C GLY D 366 -4.13 -23.60 -15.68
N THR D 367 -2.92 -24.15 -15.80
CA THR D 367 -1.76 -23.32 -16.07
C THR D 367 -1.96 -22.56 -17.39
N GLU D 368 -1.79 -21.24 -17.34
CA GLU D 368 -1.93 -20.45 -18.56
C GLU D 368 -0.65 -20.58 -19.40
N VAL D 369 -0.79 -20.43 -20.70
CA VAL D 369 0.35 -20.65 -21.62
C VAL D 369 0.37 -19.51 -22.66
N TYR D 370 1.57 -18.97 -22.91
CA TYR D 370 1.69 -17.91 -23.92
C TYR D 370 2.46 -18.51 -25.12
N PRO D 371 1.75 -18.79 -26.23
CA PRO D 371 2.50 -19.36 -27.40
C PRO D 371 3.03 -18.15 -28.12
N MET D 372 4.37 -18.00 -28.14
CA MET D 372 4.96 -16.80 -28.73
C MET D 372 5.03 -16.91 -30.27
N LEU D 373 3.90 -16.66 -30.94
CA LEU D 373 3.88 -16.79 -32.41
C LEU D 373 4.94 -15.99 -33.09
N GLY D 374 5.23 -14.77 -32.62
CA GLY D 374 6.25 -13.99 -33.29
C GLY D 374 7.64 -14.64 -33.30
N SER D 375 7.92 -15.46 -32.29
CA SER D 375 9.22 -16.15 -32.20
C SER D 375 9.22 -17.30 -33.16
N VAL D 376 8.04 -17.70 -33.59
CA VAL D 376 7.95 -18.84 -34.60
C VAL D 376 8.14 -18.16 -35.99
N LEU D 377 7.43 -17.02 -36.21
CA LEU D 377 7.54 -16.30 -37.44
C LEU D 377 8.98 -15.78 -37.67
N ARG D 378 9.76 -15.59 -36.61
CA ARG D 378 11.17 -15.15 -36.73
C ARG D 378 12.18 -16.25 -36.36
N ASP D 379 11.72 -17.50 -36.39
CA ASP D 379 12.59 -18.60 -35.98
C ASP D 379 13.74 -18.70 -37.02
N PRO D 380 15.00 -18.55 -36.57
CA PRO D 380 16.12 -18.60 -37.53
C PRO D 380 16.39 -19.95 -38.11
N SER D 381 15.76 -20.98 -37.59
CA SER D 381 15.95 -22.28 -38.25
C SER D 381 15.01 -22.40 -39.42
N PHE D 382 14.09 -21.41 -39.56
CA PHE D 382 13.12 -21.49 -40.62
C PHE D 382 13.20 -20.41 -41.62
N PHE D 383 13.74 -19.27 -41.22
CA PHE D 383 13.85 -18.14 -42.14
C PHE D 383 15.23 -17.65 -42.11
N SER D 384 15.82 -17.46 -43.30
CA SER D 384 17.23 -17.01 -43.35
C SER D 384 17.54 -15.62 -42.81
N ASN D 385 16.64 -14.66 -42.94
CA ASN D 385 16.91 -13.29 -42.46
C ASN D 385 15.61 -12.85 -41.77
N PRO D 386 15.29 -13.49 -40.64
CA PRO D 386 14.05 -13.18 -39.95
C PRO D 386 13.74 -11.75 -39.60
N GLN D 387 14.73 -10.85 -39.47
CA GLN D 387 14.42 -9.46 -39.15
C GLN D 387 14.23 -8.63 -40.41
N ASP D 388 14.38 -9.24 -41.59
CA ASP D 388 14.25 -8.46 -42.83
C ASP D 388 12.89 -8.75 -43.49
N PHE D 389 12.41 -7.84 -44.30
CA PHE D 389 11.17 -8.10 -45.06
C PHE D 389 11.76 -8.65 -46.37
N ASN D 390 11.51 -9.94 -46.63
CA ASN D 390 12.04 -10.56 -47.80
C ASN D 390 11.13 -11.69 -48.32
N PRO D 391 10.32 -11.42 -49.37
CA PRO D 391 9.42 -12.41 -49.93
C PRO D 391 10.13 -13.73 -50.35
N GLN D 392 11.45 -13.65 -50.56
CA GLN D 392 12.18 -14.88 -50.94
C GLN D 392 12.04 -15.90 -49.82
N HIS D 393 11.64 -15.46 -48.61
CA HIS D 393 11.42 -16.44 -47.55
C HIS D 393 10.37 -17.48 -47.91
N PHE D 394 9.46 -17.17 -48.86
CA PHE D 394 8.42 -18.09 -49.25
C PHE D 394 8.53 -18.46 -50.74
N LEU D 395 9.74 -18.43 -51.29
CA LEU D 395 9.90 -18.81 -52.73
C LEU D 395 11.07 -19.79 -52.81
N ASN D 396 11.02 -20.76 -53.73
CA ASN D 396 12.21 -21.60 -53.87
C ASN D 396 13.07 -20.99 -54.99
N GLU D 397 14.14 -21.65 -55.43
CA GLU D 397 14.95 -20.99 -56.45
C GLU D 397 14.30 -20.93 -57.82
N LYS D 398 13.24 -21.70 -58.04
CA LYS D 398 12.56 -21.62 -59.33
C LYS D 398 11.49 -20.53 -59.25
N GLY D 399 11.38 -19.88 -58.09
CA GLY D 399 10.35 -18.85 -57.97
C GLY D 399 8.98 -19.42 -57.69
N GLN D 400 8.92 -20.67 -57.24
CA GLN D 400 7.61 -21.24 -56.93
C GLN D 400 7.33 -20.93 -55.44
N PHE D 401 6.05 -20.90 -55.10
CA PHE D 401 5.69 -20.61 -53.67
C PHE D 401 6.15 -21.77 -52.77
N LYS D 402 6.74 -21.45 -51.61
CA LYS D 402 7.27 -22.47 -50.70
C LYS D 402 6.65 -22.28 -49.30
N LYS D 403 5.83 -23.24 -48.89
CA LYS D 403 5.18 -23.23 -47.57
C LYS D 403 6.23 -23.39 -46.46
N SER D 404 5.93 -22.85 -45.25
CA SER D 404 6.81 -23.05 -44.10
C SER D 404 5.99 -23.56 -42.89
N ASP D 405 6.55 -24.52 -42.13
CA ASP D 405 5.89 -25.01 -40.91
C ASP D 405 5.93 -23.90 -39.83
N ALA D 406 6.76 -22.88 -40.05
CA ALA D 406 6.84 -21.80 -39.04
C ALA D 406 5.92 -20.63 -39.43
N PHE D 407 5.13 -20.81 -40.49
CA PHE D 407 4.18 -19.74 -40.89
C PHE D 407 2.95 -20.00 -40.02
N VAL D 408 2.89 -19.30 -38.89
CA VAL D 408 1.81 -19.57 -37.96
C VAL D 408 1.09 -18.28 -37.42
N PRO D 409 0.80 -17.33 -38.30
CA PRO D 409 0.14 -16.11 -37.80
C PRO D 409 -1.26 -16.34 -37.29
N PHE D 410 -1.91 -17.45 -37.68
CA PHE D 410 -3.28 -17.76 -37.21
C PHE D 410 -3.24 -18.80 -36.12
N SER D 411 -2.03 -19.06 -35.63
CA SER D 411 -1.71 -20.07 -34.62
C SER D 411 -2.00 -21.46 -35.21
N ILE D 412 -2.02 -22.47 -34.35
CA ILE D 412 -2.20 -23.84 -34.78
C ILE D 412 -2.87 -24.59 -33.63
N GLY D 413 -3.39 -25.78 -33.91
CA GLY D 413 -3.97 -26.49 -32.80
C GLY D 413 -5.49 -26.41 -32.73
N LYS D 414 -6.02 -26.87 -31.61
CA LYS D 414 -7.47 -27.04 -31.49
C LYS D 414 -8.31 -25.78 -31.38
N ARG D 415 -7.70 -24.70 -30.92
CA ARG D 415 -8.43 -23.43 -30.83
C ARG D 415 -7.81 -22.44 -31.81
N ASN D 416 -7.29 -22.93 -32.93
CA ASN D 416 -6.71 -22.02 -33.91
C ASN D 416 -7.75 -21.09 -34.56
N CYS D 417 -7.26 -20.12 -35.31
CA CYS D 417 -8.15 -19.14 -35.94
C CYS D 417 -9.05 -19.80 -36.95
N PHE D 418 -10.36 -19.85 -36.69
CA PHE D 418 -11.21 -20.40 -37.76
C PHE D 418 -11.65 -19.32 -38.81
N GLY D 419 -11.13 -18.08 -38.67
CA GLY D 419 -11.38 -17.03 -39.68
C GLY D 419 -10.24 -17.04 -40.67
N GLU D 420 -9.33 -18.02 -40.55
CA GLU D 420 -8.15 -18.04 -41.48
C GLU D 420 -8.50 -18.03 -42.97
N GLY D 421 -9.44 -18.91 -43.37
CA GLY D 421 -9.81 -18.94 -44.79
C GLY D 421 -10.35 -17.59 -45.31
N LEU D 422 -11.21 -16.97 -44.51
CA LEU D 422 -11.77 -15.67 -44.88
C LEU D 422 -10.67 -14.65 -44.94
N ALA D 423 -9.83 -14.63 -43.90
CA ALA D 423 -8.71 -13.70 -43.90
C ALA D 423 -7.79 -13.88 -45.13
N ARG D 424 -7.44 -15.11 -45.47
CA ARG D 424 -6.57 -15.34 -46.61
C ARG D 424 -7.23 -14.82 -47.90
N MET D 425 -8.50 -15.06 -48.03
CA MET D 425 -9.22 -14.59 -49.23
C MET D 425 -9.26 -13.04 -49.27
N GLU D 426 -9.53 -12.43 -48.12
CA GLU D 426 -9.54 -10.98 -48.06
C GLU D 426 -8.16 -10.42 -48.36
N LEU D 427 -7.12 -10.97 -47.74
CA LEU D 427 -5.77 -10.42 -48.00
C LEU D 427 -5.40 -10.55 -49.45
N PHE D 428 -5.62 -11.74 -50.02
CA PHE D 428 -5.30 -11.86 -51.47
C PHE D 428 -6.09 -10.92 -52.37
N LEU D 429 -7.41 -10.90 -52.20
CA LEU D 429 -8.20 -10.04 -53.03
C LEU D 429 -8.02 -8.52 -52.82
N PHE D 430 -7.88 -8.06 -51.55
CA PHE D 430 -7.64 -6.64 -51.37
C PHE D 430 -6.26 -6.19 -51.81
N PHE D 431 -5.20 -6.92 -51.47
CA PHE D 431 -3.89 -6.45 -51.90
C PHE D 431 -3.81 -6.50 -53.42
N THR D 432 -4.30 -7.61 -54.00
CA THR D 432 -4.17 -7.68 -55.44
C THR D 432 -4.98 -6.65 -56.23
N THR D 433 -6.21 -6.39 -55.76
CA THR D 433 -7.05 -5.44 -56.49
C THR D 433 -6.51 -4.03 -56.30
N VAL D 434 -6.02 -3.71 -55.11
CA VAL D 434 -5.47 -2.40 -54.94
C VAL D 434 -4.22 -2.23 -55.76
N MET D 435 -3.32 -3.24 -55.76
CA MET D 435 -2.05 -3.04 -56.50
C MET D 435 -2.27 -3.11 -58.02
N GLN D 436 -3.34 -3.75 -58.43
CA GLN D 436 -3.65 -3.81 -59.88
C GLN D 436 -3.97 -2.39 -60.35
N ASN D 437 -4.69 -1.65 -59.52
CA ASN D 437 -5.18 -0.33 -59.89
C ASN D 437 -4.34 0.88 -59.54
N PHE D 438 -3.44 0.73 -58.58
CA PHE D 438 -2.67 1.87 -58.09
C PHE D 438 -1.21 1.59 -57.83
N ARG D 439 -0.37 2.61 -57.99
CA ARG D 439 1.02 2.45 -57.54
C ARG D 439 1.05 3.32 -56.24
N LEU D 440 1.97 2.98 -55.35
CA LEU D 440 2.03 3.66 -54.08
C LEU D 440 3.06 4.78 -54.07
N LYS D 441 2.69 5.88 -53.45
CA LYS D 441 3.60 6.98 -53.34
C LYS D 441 3.68 7.41 -51.87
N SER D 442 4.88 7.22 -51.29
CA SER D 442 5.11 7.55 -49.91
C SER D 442 5.41 9.01 -49.68
N SER D 443 5.18 9.44 -48.46
CA SER D 443 5.42 10.81 -48.17
C SER D 443 6.91 11.08 -47.89
N GLN D 444 7.71 9.99 -47.85
CA GLN D 444 9.18 9.99 -47.58
C GLN D 444 9.94 9.07 -48.53
N SER D 445 11.26 9.21 -48.63
CA SER D 445 12.01 8.30 -49.49
C SER D 445 12.09 6.92 -48.81
N PRO D 446 12.05 5.84 -49.58
CA PRO D 446 12.12 4.53 -48.92
C PRO D 446 13.14 4.43 -47.80
N LYS D 447 14.32 5.01 -47.99
CA LYS D 447 15.32 4.91 -46.94
C LYS D 447 14.90 5.46 -45.59
N ASP D 448 14.04 6.48 -45.60
CA ASP D 448 13.59 7.11 -44.37
C ASP D 448 12.30 6.52 -43.79
N ILE D 449 11.67 5.59 -44.50
CA ILE D 449 10.41 5.03 -43.99
C ILE D 449 10.77 4.10 -42.84
N ASP D 450 10.07 4.26 -41.73
CA ASP D 450 10.31 3.44 -40.56
C ASP D 450 9.25 2.37 -40.44
N VAL D 451 9.63 1.10 -40.69
CA VAL D 451 8.65 0.03 -40.59
C VAL D 451 8.72 -0.74 -39.26
N SER D 452 9.49 -0.22 -38.29
CA SER D 452 9.51 -0.83 -36.97
C SER D 452 8.14 -0.43 -36.39
N PRO D 453 7.58 -1.33 -35.55
CA PRO D 453 6.25 -1.01 -34.98
C PRO D 453 6.18 0.17 -34.01
N LYS D 454 5.01 0.83 -33.98
CA LYS D 454 4.73 1.91 -33.04
C LYS D 454 4.47 1.33 -31.63
N HIS D 455 3.76 0.20 -31.58
CA HIS D 455 3.41 -0.47 -30.34
C HIS D 455 3.45 -1.96 -30.56
N VAL D 456 3.91 -2.68 -29.55
CA VAL D 456 3.82 -4.14 -29.56
C VAL D 456 3.41 -4.63 -28.17
N GLY D 457 2.30 -5.37 -28.10
CA GLY D 457 1.83 -5.95 -26.83
C GLY D 457 0.89 -7.05 -27.24
N PHE D 458 -0.40 -6.86 -27.05
CA PHE D 458 -1.35 -7.88 -27.50
C PHE D 458 -1.24 -7.97 -29.06
N ALA D 459 -1.12 -6.83 -29.70
CA ALA D 459 -0.96 -6.80 -31.18
C ALA D 459 0.31 -6.05 -31.52
N THR D 460 0.65 -6.08 -32.83
CA THR D 460 1.75 -5.31 -33.39
C THR D 460 1.11 -4.21 -34.22
N ILE D 461 1.39 -2.95 -33.87
CA ILE D 461 0.72 -1.84 -34.57
C ILE D 461 1.73 -1.02 -35.36
N PRO D 462 1.55 -0.86 -36.68
CA PRO D 462 2.55 -0.07 -37.42
C PRO D 462 2.45 1.42 -37.07
N ARG D 463 3.51 2.15 -37.33
CA ARG D 463 3.48 3.57 -37.08
C ARG D 463 2.45 4.26 -37.94
N ASN D 464 1.93 5.39 -37.43
CA ASN D 464 1.01 6.20 -38.23
C ASN D 464 1.72 6.74 -39.49
N TYR D 465 0.98 6.80 -40.59
CA TYR D 465 1.58 7.32 -41.82
C TYR D 465 0.50 7.73 -42.79
N THR D 466 0.95 8.53 -43.77
CA THR D 466 0.04 8.95 -44.87
C THR D 466 0.72 8.53 -46.15
N MET D 467 -0.08 8.47 -47.22
CA MET D 467 0.42 8.05 -48.50
C MET D 467 -0.56 8.43 -49.63
N SER D 468 -0.11 8.27 -50.86
CA SER D 468 -0.98 8.54 -52.01
C SER D 468 -1.09 7.27 -52.84
N PHE D 469 -2.31 7.04 -53.34
CA PHE D 469 -2.59 5.93 -54.25
C PHE D 469 -2.69 6.55 -55.65
N LEU D 470 -1.73 6.29 -56.52
CA LEU D 470 -1.71 6.89 -57.87
C LEU D 470 -2.23 5.90 -58.91
N PRO D 471 -3.21 6.32 -59.73
CA PRO D 471 -3.76 5.40 -60.72
C PRO D 471 -2.68 4.98 -61.64
N ARG D 472 -2.67 3.69 -61.96
CA ARG D 472 -1.71 3.09 -62.86
C ARG D 472 -2.25 3.30 -64.31
#